data_7JH3
#
_entry.id   7JH3
#
_cell.length_a   198.641
_cell.length_b   78.839
_cell.length_c   164.976
_cell.angle_alpha   90.000
_cell.angle_beta   112.823
_cell.angle_gamma   90.000
#
_symmetry.space_group_name_H-M   'C 1 2 1'
#
loop_
_entity.id
_entity.type
_entity.pdbx_description
1 polymer '4-aminobutyrate aminotransferase PuuE'
2 non-polymer DI(HYDROXYETHYL)ETHER
3 water water
#
_entity_poly.entity_id   1
_entity_poly.type   'polypeptide(L)'
_entity_poly.pdbx_seq_one_letter_code
;MSNNEFHQRRLSATPRGVGVMCNFFAQSAENATLKDVEGNEYIDFAAGIAVLNTGHRHPDLVAAVEQQLQQFTHTAYQIV
PYESYVTLAEKINALAPVSGQAKTAFFTTGAEAVENAVKIARAHTGRPGVIAFSGGFHGRTYMTMALTGKVAPYKIGFGP
FPGSVYHVPYPSDLHGISTQDSLDAIERLFKSDIEAKQVAAIIFEPVQGEGGFNVAPKELVAAIRRLCDEHGIVMIADEV
QSGFARTGKLFAMDHYADKPDLMTMA(LLP)SLAGGMPLSGVVGNANIMDAPAPGGLGGTYAGNPLAVAAAHAVLNIIDK
ESLCERANQLGQRLKNTLIDAKESVPAIAAVRGLGSMIAVEFNDPQTGEPSAAIAQKIQQRALAQGLLLLTCGAYGNVIR
FLYPLTIPDAQFDAAMKILQDALSD
;
_entity_poly.pdbx_strand_id   A,B,C,D,E,F
#
# COMPACT_ATOMS: atom_id res chain seq x y z
N SER A 2 4.42 -47.28 45.82
CA SER A 2 3.47 -48.00 44.92
C SER A 2 3.27 -47.21 43.63
N ASN A 3 3.13 -47.92 42.50
CA ASN A 3 2.93 -47.26 41.18
C ASN A 3 1.43 -46.98 41.01
N ASN A 4 0.60 -47.80 41.62
CA ASN A 4 -0.88 -47.64 41.53
C ASN A 4 -1.33 -46.45 42.34
N GLU A 5 -0.93 -46.41 43.60
CA GLU A 5 -1.31 -45.29 44.46
C GLU A 5 -0.99 -43.95 43.81
N PHE A 6 0.22 -43.81 43.28
CA PHE A 6 0.59 -42.55 42.67
C PHE A 6 -0.04 -42.36 41.30
N HIS A 7 -0.40 -43.44 40.59
CA HIS A 7 -1.18 -43.29 39.37
C HIS A 7 -2.53 -42.65 39.66
N GLN A 8 -3.22 -43.13 40.70
CA GLN A 8 -4.51 -42.54 41.06
C GLN A 8 -4.35 -41.11 41.56
N ARG A 9 -3.33 -40.86 42.39
CA ARG A 9 -3.06 -39.50 42.85
C ARG A 9 -2.74 -38.59 41.68
N ARG A 10 -2.02 -39.09 40.68
CA ARG A 10 -1.75 -38.30 39.49
C ARG A 10 -3.04 -37.91 38.79
N LEU A 11 -3.90 -38.90 38.52
CA LEU A 11 -5.18 -38.63 37.87
C LEU A 11 -6.01 -37.62 38.67
N SER A 12 -5.88 -37.62 40.00
CA SER A 12 -6.70 -36.72 40.82
C SER A 12 -6.16 -35.30 40.86
N ALA A 13 -4.85 -35.11 40.81
CA ALA A 13 -4.27 -33.78 41.02
C ALA A 13 -3.99 -33.03 39.73
N THR A 14 -3.81 -33.72 38.61
CA THR A 14 -3.40 -33.12 37.36
C THR A 14 -4.49 -33.28 36.30
N PRO A 15 -4.52 -32.40 35.29
CA PRO A 15 -5.56 -32.50 34.27
C PRO A 15 -5.41 -33.75 33.43
N ARG A 16 -6.54 -34.22 32.88
CA ARG A 16 -6.51 -35.35 31.97
C ARG A 16 -5.76 -35.04 30.69
N GLY A 17 -5.66 -33.76 30.32
CA GLY A 17 -5.05 -33.38 29.05
C GLY A 17 -3.56 -33.64 28.99
N VAL A 18 -2.88 -33.53 30.12
CA VAL A 18 -1.48 -33.94 30.19
C VAL A 18 -1.46 -35.46 30.18
N GLY A 19 -1.31 -36.04 28.99
CA GLY A 19 -1.35 -37.49 28.85
C GLY A 19 -0.04 -38.12 29.27
N VAL A 20 -0.13 -39.28 29.91
CA VAL A 20 1.02 -40.01 30.42
C VAL A 20 0.99 -41.43 29.87
N MET A 21 2.12 -41.87 29.31
CA MET A 21 2.16 -43.13 28.59
C MET A 21 2.33 -44.33 29.53
N CYS A 22 3.19 -44.20 30.53
CA CYS A 22 3.55 -45.34 31.38
C CYS A 22 2.81 -45.29 32.71
N ASN A 23 2.50 -46.49 33.23
CA ASN A 23 1.78 -46.66 34.48
C ASN A 23 2.70 -46.73 35.69
N PHE A 24 4.02 -46.76 35.49
CA PHE A 24 4.97 -46.72 36.58
C PHE A 24 5.57 -45.33 36.72
N PHE A 25 6.23 -45.10 37.85
CA PHE A 25 6.79 -43.80 38.18
C PHE A 25 8.30 -43.90 38.34
N ALA A 26 9.01 -42.95 37.75
CA ALA A 26 10.47 -42.99 37.75
C ALA A 26 11.04 -42.70 39.12
N GLN A 27 12.01 -43.51 39.53
CA GLN A 27 12.75 -43.34 40.78
C GLN A 27 14.21 -42.98 40.56
N SER A 28 14.87 -43.64 39.61
CA SER A 28 16.28 -43.42 39.35
C SER A 28 16.52 -43.59 37.86
N ALA A 29 17.61 -43.00 37.36
CA ALA A 29 17.94 -43.14 35.96
C ALA A 29 19.42 -42.84 35.76
N GLU A 30 20.06 -43.66 34.93
CA GLU A 30 21.46 -43.45 34.57
C GLU A 30 21.70 -44.05 33.18
N ASN A 31 22.25 -43.24 32.28
CA ASN A 31 22.53 -43.64 30.91
C ASN A 31 21.26 -44.09 30.21
N ALA A 32 21.10 -45.40 29.99
CA ALA A 32 19.93 -45.95 29.34
C ALA A 32 19.14 -46.87 30.26
N THR A 33 19.33 -46.73 31.57
CA THR A 33 18.72 -47.60 32.56
C THR A 33 17.81 -46.76 33.44
N LEU A 34 16.52 -47.10 33.48
CA LEU A 34 15.54 -46.39 34.29
C LEU A 34 14.94 -47.35 35.31
N LYS A 35 14.98 -46.96 36.58
CA LYS A 35 14.41 -47.76 37.65
C LYS A 35 13.20 -47.05 38.24
N ASP A 36 12.09 -47.77 38.35
CA ASP A 36 10.86 -47.23 38.93
C ASP A 36 10.92 -47.30 40.45
N VAL A 37 9.89 -46.74 41.10
CA VAL A 37 9.87 -46.65 42.55
C VAL A 37 9.69 -48.00 43.23
N GLU A 38 9.40 -49.05 42.47
CA GLU A 38 9.23 -50.38 43.03
C GLU A 38 10.39 -51.31 42.72
N GLY A 39 11.43 -50.83 42.04
CA GLY A 39 12.62 -51.62 41.78
C GLY A 39 12.75 -52.17 40.38
N ASN A 40 11.70 -52.11 39.57
CA ASN A 40 11.76 -52.62 38.21
C ASN A 40 12.71 -51.79 37.36
N GLU A 41 13.50 -52.47 36.53
CA GLU A 41 14.45 -51.82 35.64
C GLU A 41 13.95 -51.87 34.20
N TYR A 42 14.27 -50.82 33.44
CA TYR A 42 13.84 -50.66 32.06
C TYR A 42 15.01 -50.16 31.21
N ILE A 43 15.16 -50.76 30.04
CA ILE A 43 16.09 -50.25 29.03
C ILE A 43 15.38 -49.10 28.31
N ASP A 44 15.87 -47.89 28.50
CA ASP A 44 15.22 -46.68 27.99
C ASP A 44 15.56 -46.53 26.51
N PHE A 45 14.60 -46.83 25.64
CA PHE A 45 14.73 -46.54 24.21
C PHE A 45 13.93 -45.30 23.82
N ALA A 46 13.52 -44.50 24.79
CA ALA A 46 12.87 -43.23 24.55
C ALA A 46 13.80 -42.04 24.75
N ALA A 47 14.72 -42.13 25.71
CA ALA A 47 15.66 -41.05 26.03
C ALA A 47 14.93 -39.72 26.23
N GLY A 48 13.83 -39.77 26.98
CA GLY A 48 13.04 -38.57 27.20
C GLY A 48 12.57 -37.94 25.91
N ILE A 49 12.20 -38.76 24.93
CA ILE A 49 11.84 -38.33 23.58
C ILE A 49 13.05 -37.65 22.95
N ALA A 50 14.12 -38.42 22.72
CA ALA A 50 15.33 -37.96 22.03
C ALA A 50 15.96 -36.75 22.72
N VAL A 51 15.90 -36.69 24.04
CA VAL A 51 16.52 -35.60 24.80
C VAL A 51 17.83 -36.09 25.41
N LEU A 52 17.87 -37.36 25.79
CA LEU A 52 19.03 -37.95 26.46
C LEU A 52 19.95 -38.65 25.47
N ASN A 53 20.40 -37.94 24.43
CA ASN A 53 21.38 -38.50 23.50
C ASN A 53 22.67 -38.85 24.23
N THR A 54 23.10 -37.99 25.15
CA THR A 54 24.24 -38.27 26.01
C THR A 54 23.88 -39.14 27.20
N GLY A 55 22.63 -39.60 27.30
CA GLY A 55 22.20 -40.55 28.32
C GLY A 55 21.81 -39.87 29.62
N HIS A 56 20.97 -40.55 30.38
CA HIS A 56 20.55 -40.09 31.70
C HIS A 56 21.77 -39.79 32.57
N ARG A 57 21.84 -38.56 33.08
CA ARG A 57 22.83 -38.16 34.08
C ARG A 57 24.23 -38.59 33.68
N HIS A 58 24.67 -38.11 32.52
CA HIS A 58 26.03 -38.38 32.10
C HIS A 58 26.99 -37.72 33.09
N PRO A 59 28.04 -38.42 33.54
CA PRO A 59 28.92 -37.84 34.57
C PRO A 59 29.46 -36.47 34.21
N ASP A 60 29.84 -36.25 32.95
CA ASP A 60 30.35 -34.93 32.56
C ASP A 60 29.26 -33.87 32.66
N LEU A 61 28.04 -34.19 32.18
CA LEU A 61 26.93 -33.26 32.33
C LEU A 61 26.65 -32.96 33.79
N VAL A 62 26.64 -33.98 34.64
CA VAL A 62 26.34 -33.79 36.06
C VAL A 62 27.42 -32.92 36.72
N ALA A 63 28.69 -33.18 36.39
CA ALA A 63 29.77 -32.40 36.97
C ALA A 63 29.69 -30.94 36.53
N ALA A 64 29.40 -30.69 35.25
CA ALA A 64 29.22 -29.32 34.79
C ALA A 64 28.04 -28.65 35.49
N VAL A 65 26.93 -29.37 35.65
CA VAL A 65 25.75 -28.78 36.26
C VAL A 65 26.02 -28.43 37.73
N GLU A 66 26.71 -29.32 38.45
CA GLU A 66 27.04 -29.05 39.85
C GLU A 66 28.01 -27.88 39.97
N GLN A 67 29.02 -27.83 39.09
CA GLN A 67 29.96 -26.72 39.10
C GLN A 67 29.25 -25.39 38.90
N GLN A 68 28.27 -25.33 37.99
CA GLN A 68 27.57 -24.04 37.77
C GLN A 68 26.69 -23.76 38.97
N LEU A 69 26.04 -24.79 39.49
CA LEU A 69 25.17 -24.66 40.66
C LEU A 69 25.95 -24.04 41.81
N GLN A 70 27.25 -24.24 41.86
CA GLN A 70 28.02 -23.51 42.87
C GLN A 70 28.19 -22.03 42.53
N GLN A 71 27.80 -21.59 41.33
CA GLN A 71 27.97 -20.19 40.93
C GLN A 71 26.66 -19.42 40.95
N PHE A 72 25.71 -19.78 40.09
CA PHE A 72 24.39 -19.16 40.04
C PHE A 72 23.51 -19.98 39.09
N THR A 73 22.21 -19.99 39.38
CA THR A 73 21.27 -20.76 38.58
C THR A 73 20.45 -19.88 37.63
N HIS A 74 20.36 -18.59 37.91
CA HIS A 74 19.55 -17.69 37.09
C HIS A 74 19.83 -16.23 37.44
N THR A 75 20.15 -15.43 36.43
CA THR A 75 20.29 -13.99 36.61
C THR A 75 19.34 -13.20 35.73
N ALA A 76 18.54 -13.86 34.90
CA ALA A 76 17.86 -13.27 33.75
C ALA A 76 18.91 -12.72 32.79
N TYR A 77 19.14 -13.44 31.69
CA TYR A 77 20.21 -13.06 30.76
C TYR A 77 20.01 -11.66 30.21
N GLN A 78 18.76 -11.30 29.89
CA GLN A 78 18.50 -9.96 29.37
C GLN A 78 18.74 -8.87 30.40
N ILE A 79 19.04 -9.24 31.65
CA ILE A 79 19.39 -8.27 32.69
C ILE A 79 20.89 -8.30 32.90
N VAL A 80 21.42 -9.45 33.33
CA VAL A 80 22.85 -9.64 33.55
C VAL A 80 23.30 -10.85 32.75
N PRO A 81 24.16 -10.67 31.75
CA PRO A 81 24.61 -11.80 30.92
C PRO A 81 25.76 -12.54 31.61
N TYR A 82 26.20 -13.62 30.97
CA TYR A 82 27.25 -14.46 31.51
C TYR A 82 28.02 -15.08 30.37
N GLU A 83 29.26 -15.48 30.65
CA GLU A 83 30.18 -15.86 29.57
C GLU A 83 29.88 -17.24 29.00
N SER A 84 29.22 -18.11 29.75
CA SER A 84 28.89 -19.44 29.23
C SER A 84 27.91 -19.35 28.08
N TYR A 85 26.91 -18.46 28.20
CA TYR A 85 26.00 -18.18 27.10
C TYR A 85 26.77 -17.79 25.84
N VAL A 86 27.71 -16.86 25.97
CA VAL A 86 28.42 -16.35 24.80
C VAL A 86 29.31 -17.43 24.20
N THR A 87 30.00 -18.21 25.03
CA THR A 87 30.88 -19.24 24.49
C THR A 87 30.09 -20.37 23.84
N LEU A 88 28.93 -20.71 24.39
CA LEU A 88 28.08 -21.70 23.75
C LEU A 88 27.55 -21.18 22.42
N ALA A 89 27.17 -19.90 22.38
CA ALA A 89 26.75 -19.29 21.12
C ALA A 89 27.87 -19.35 20.09
N GLU A 90 29.10 -19.08 20.51
CA GLU A 90 30.23 -19.10 19.58
C GLU A 90 30.46 -20.50 19.04
N LYS A 91 30.40 -21.52 19.90
CA LYS A 91 30.57 -22.89 19.43
C LYS A 91 29.46 -23.28 18.46
N ILE A 92 28.21 -22.93 18.78
CA ILE A 92 27.11 -23.29 17.89
C ILE A 92 27.25 -22.57 16.55
N ASN A 93 27.64 -21.29 16.59
CA ASN A 93 27.88 -20.54 15.36
C ASN A 93 28.94 -21.21 14.50
N ALA A 94 30.01 -21.72 15.13
CA ALA A 94 31.06 -22.38 14.36
C ALA A 94 30.58 -23.73 13.81
N LEU A 95 29.66 -24.40 14.50
CA LEU A 95 29.28 -25.76 14.10
C LEU A 95 28.01 -25.82 13.26
N ALA A 96 27.25 -24.73 13.15
CA ALA A 96 25.94 -24.79 12.51
C ALA A 96 26.07 -24.84 10.99
N PRO A 97 25.20 -25.60 10.31
CA PRO A 97 25.20 -25.64 8.84
C PRO A 97 24.46 -24.44 8.23
N VAL A 98 25.07 -23.27 8.36
CA VAL A 98 24.53 -22.05 7.78
C VAL A 98 25.62 -21.39 6.95
N SER A 99 25.20 -20.86 5.80
CA SER A 99 26.18 -20.23 4.88
C SER A 99 26.54 -18.83 5.39
N GLY A 100 27.81 -18.61 5.63
CA GLY A 100 28.28 -17.32 6.06
C GLY A 100 28.29 -17.17 7.57
N GLN A 101 28.24 -15.91 7.99
CA GLN A 101 28.31 -15.57 9.41
C GLN A 101 27.07 -16.06 10.14
N ALA A 102 27.28 -16.76 11.25
CA ALA A 102 26.20 -17.29 12.07
C ALA A 102 26.07 -16.52 13.37
N LYS A 103 24.82 -16.41 13.84
CA LYS A 103 24.52 -15.90 15.16
C LYS A 103 23.54 -16.83 15.85
N THR A 104 23.65 -16.90 17.17
CA THR A 104 22.87 -17.86 17.97
C THR A 104 22.25 -17.14 19.15
N ALA A 105 20.96 -17.39 19.36
CA ALA A 105 20.25 -16.96 20.55
C ALA A 105 19.69 -18.18 21.27
N PHE A 106 19.60 -18.09 22.59
CA PHE A 106 19.13 -19.20 23.40
C PHE A 106 17.80 -18.86 24.04
N PHE A 107 16.95 -19.87 24.16
CA PHE A 107 15.68 -19.77 24.85
C PHE A 107 15.53 -21.04 25.69
N THR A 108 14.32 -21.41 26.06
CA THR A 108 14.13 -22.48 27.02
C THR A 108 13.53 -23.75 26.43
N THR A 109 12.46 -23.65 25.65
CA THR A 109 11.79 -24.81 25.08
C THR A 109 11.90 -24.82 23.57
N GLY A 110 11.72 -26.00 22.98
CA GLY A 110 11.80 -26.13 21.53
C GLY A 110 10.73 -25.32 20.83
N ALA A 111 9.50 -25.38 21.33
CA ALA A 111 8.43 -24.54 20.78
C ALA A 111 8.82 -23.06 20.84
N GLU A 112 9.50 -22.66 21.91
CA GLU A 112 9.95 -21.28 22.02
C GLU A 112 10.98 -20.95 20.94
N ALA A 113 11.86 -21.90 20.64
CA ALA A 113 12.83 -21.69 19.57
C ALA A 113 12.15 -21.55 18.23
N VAL A 114 11.16 -22.39 17.95
CA VAL A 114 10.42 -22.28 16.69
C VAL A 114 9.66 -20.96 16.64
N GLU A 115 9.06 -20.54 17.75
CA GLU A 115 8.36 -19.26 17.81
C GLU A 115 9.31 -18.12 17.47
N ASN A 116 10.50 -18.13 18.05
CA ASN A 116 11.45 -17.06 17.77
C ASN A 116 11.99 -17.14 16.35
N ALA A 117 12.11 -18.34 15.79
CA ALA A 117 12.52 -18.45 14.39
C ALA A 117 11.48 -17.82 13.48
N VAL A 118 10.20 -18.09 13.74
CA VAL A 118 9.13 -17.45 12.96
C VAL A 118 9.15 -15.94 13.17
N LYS A 119 9.39 -15.49 14.40
CA LYS A 119 9.43 -14.06 14.68
C LYS A 119 10.58 -13.39 13.93
N ILE A 120 11.74 -14.04 13.91
CA ILE A 120 12.90 -13.52 13.19
C ILE A 120 12.60 -13.46 11.70
N ALA A 121 11.96 -14.50 11.16
CA ALA A 121 11.66 -14.51 9.73
C ALA A 121 10.67 -13.40 9.38
N ARG A 122 9.63 -13.22 10.20
CA ARG A 122 8.67 -12.16 9.95
C ARG A 122 9.31 -10.79 10.05
N ALA A 123 10.22 -10.61 11.01
CA ALA A 123 10.89 -9.31 11.17
C ALA A 123 11.84 -9.04 10.01
N HIS A 124 12.46 -10.09 9.47
CA HIS A 124 13.40 -9.91 8.36
C HIS A 124 12.69 -9.68 7.03
N THR A 125 11.52 -10.30 6.84
CA THR A 125 10.84 -10.20 5.56
C THR A 125 9.72 -9.18 5.54
N GLY A 126 9.08 -8.91 6.68
CA GLY A 126 7.90 -8.07 6.68
C GLY A 126 6.69 -8.72 6.08
N ARG A 127 6.68 -10.04 5.99
CA ARG A 127 5.60 -10.83 5.41
C ARG A 127 4.87 -11.61 6.49
N PRO A 128 3.64 -12.05 6.23
CA PRO A 128 2.90 -12.80 7.25
C PRO A 128 3.04 -14.31 7.17
N GLY A 129 3.23 -14.85 5.96
CA GLY A 129 2.95 -16.25 5.71
C GLY A 129 4.02 -17.20 6.21
N VAL A 130 3.59 -18.41 6.56
CA VAL A 130 4.48 -19.53 6.88
C VAL A 130 3.94 -20.80 6.24
N ILE A 131 4.82 -21.55 5.60
CA ILE A 131 4.50 -22.83 4.95
C ILE A 131 5.26 -23.93 5.70
N ALA A 132 4.52 -24.92 6.17
CA ALA A 132 5.08 -26.08 6.85
C ALA A 132 4.65 -27.34 6.10
N PHE A 133 5.07 -28.49 6.64
CA PHE A 133 4.78 -29.77 6.01
C PHE A 133 3.84 -30.60 6.87
N SER A 134 2.98 -31.38 6.22
CA SER A 134 2.12 -32.31 6.92
C SER A 134 2.95 -33.32 7.70
N GLY A 135 2.40 -33.78 8.82
CA GLY A 135 3.13 -34.68 9.68
C GLY A 135 4.26 -34.06 10.46
N GLY A 136 4.50 -32.76 10.30
CA GLY A 136 5.52 -32.11 11.09
C GLY A 136 5.01 -31.75 12.48
N PHE A 137 5.93 -31.72 13.44
CA PHE A 137 5.65 -31.30 14.80
C PHE A 137 6.64 -30.21 15.19
N HIS A 138 6.13 -29.09 15.68
CA HIS A 138 6.99 -27.95 16.01
C HIS A 138 6.67 -27.32 17.36
N GLY A 139 5.77 -27.91 18.14
CA GLY A 139 5.50 -27.42 19.49
C GLY A 139 4.01 -27.25 19.73
N ARG A 140 3.68 -27.07 21.01
CA ARG A 140 2.30 -27.04 21.47
C ARG A 140 1.77 -25.64 21.78
N THR A 141 2.55 -24.59 21.52
CA THR A 141 2.01 -23.24 21.62
C THR A 141 1.11 -22.95 20.43
N TYR A 142 0.49 -21.76 20.44
CA TYR A 142 -0.52 -21.43 19.44
C TYR A 142 0.07 -21.40 18.03
N MET A 143 1.14 -20.62 17.83
CA MET A 143 1.78 -20.56 16.52
C MET A 143 2.39 -21.90 16.13
N THR A 144 3.00 -22.60 17.11
CA THR A 144 3.63 -23.88 16.78
C THR A 144 2.60 -24.99 16.60
N MET A 145 1.43 -24.89 17.21
CA MET A 145 0.33 -25.79 16.83
C MET A 145 -0.12 -25.48 15.41
N ALA A 146 -0.21 -24.19 15.06
CA ALA A 146 -0.57 -23.83 13.69
C ALA A 146 0.42 -24.42 12.70
N LEU A 147 1.72 -24.41 13.03
CA LEU A 147 2.71 -24.98 12.13
C LEU A 147 2.66 -26.50 12.13
N THR A 148 2.29 -27.11 13.26
CA THR A 148 2.24 -28.56 13.35
C THR A 148 1.23 -29.12 12.35
N GLY A 149 1.63 -30.17 11.63
CA GLY A 149 0.79 -30.74 10.60
C GLY A 149 0.09 -32.02 11.02
N LYS A 150 -0.30 -32.09 12.29
CA LYS A 150 -1.05 -33.23 12.83
C LYS A 150 -2.12 -32.68 13.75
N VAL A 151 -3.38 -32.77 13.31
CA VAL A 151 -4.48 -32.17 14.07
C VAL A 151 -4.74 -32.96 15.34
N ALA A 152 -4.90 -34.28 15.22
CA ALA A 152 -5.16 -35.11 16.39
C ALA A 152 -3.85 -35.61 16.99
N PRO A 153 -3.60 -35.40 18.29
CA PRO A 153 -4.50 -34.72 19.21
C PRO A 153 -4.06 -33.28 19.56
N TYR A 154 -3.05 -32.77 18.85
CA TYR A 154 -2.39 -31.54 19.28
C TYR A 154 -3.26 -30.31 19.12
N LYS A 155 -4.13 -30.32 18.14
CA LYS A 155 -4.85 -29.09 17.79
C LYS A 155 -6.33 -29.23 18.07
N ILE A 156 -6.74 -30.31 18.69
CA ILE A 156 -8.20 -30.49 18.93
C ILE A 156 -8.66 -29.45 19.96
N GLY A 157 -9.66 -28.66 19.62
CA GLY A 157 -10.26 -27.70 20.56
C GLY A 157 -9.45 -26.47 20.85
N PHE A 158 -8.40 -26.19 20.09
CA PHE A 158 -7.55 -25.03 20.44
C PHE A 158 -7.62 -23.94 19.37
N GLY A 159 -8.47 -24.13 18.35
CA GLY A 159 -8.64 -23.19 17.28
C GLY A 159 -9.51 -22.01 17.68
N PRO A 160 -9.69 -21.08 16.74
CA PRO A 160 -9.19 -21.10 15.37
C PRO A 160 -7.72 -20.72 15.28
N PHE A 161 -7.06 -21.13 14.20
CA PHE A 161 -5.64 -20.94 14.05
C PHE A 161 -5.36 -19.83 13.06
N PRO A 162 -4.17 -19.22 13.13
CA PRO A 162 -3.92 -18.00 12.38
C PRO A 162 -3.91 -18.23 10.89
N GLY A 163 -4.34 -17.21 10.16
CA GLY A 163 -4.24 -17.21 8.73
C GLY A 163 -2.80 -17.13 8.27
N SER A 164 -2.63 -17.29 6.94
CA SER A 164 -1.33 -17.28 6.29
C SER A 164 -0.42 -18.41 6.77
N VAL A 165 -0.98 -19.47 7.34
CA VAL A 165 -0.23 -20.65 7.74
C VAL A 165 -0.77 -21.84 6.96
N TYR A 166 0.09 -22.49 6.19
CA TYR A 166 -0.35 -23.56 5.30
C TYR A 166 0.57 -24.76 5.41
N HIS A 167 0.12 -25.88 4.86
CA HIS A 167 0.86 -27.14 4.91
C HIS A 167 0.90 -27.80 3.54
N VAL A 168 2.02 -28.47 3.27
CA VAL A 168 2.22 -29.23 2.04
C VAL A 168 2.62 -30.65 2.43
N PRO A 169 2.36 -31.63 1.55
CA PRO A 169 2.73 -33.01 1.88
C PRO A 169 4.23 -33.19 1.99
N TYR A 170 4.63 -34.20 2.76
CA TYR A 170 6.01 -34.60 3.01
C TYR A 170 6.32 -35.90 2.28
N PRO A 171 7.45 -35.95 1.57
CA PRO A 171 7.72 -37.12 0.71
C PRO A 171 7.86 -38.40 1.52
N SER A 172 7.17 -39.44 1.06
CA SER A 172 7.19 -40.75 1.71
C SER A 172 7.00 -41.81 0.63
N ASP A 173 7.97 -42.73 0.52
CA ASP A 173 7.89 -43.75 -0.52
C ASP A 173 6.72 -44.71 -0.28
N LEU A 174 6.36 -44.94 0.98
CA LEU A 174 5.32 -45.93 1.29
C LEU A 174 3.91 -45.37 1.12
N HIS A 175 3.73 -44.05 1.23
CA HIS A 175 2.41 -43.45 1.14
C HIS A 175 2.13 -42.80 -0.21
N GLY A 176 3.02 -42.96 -1.18
CA GLY A 176 2.80 -42.42 -2.51
C GLY A 176 2.98 -40.93 -2.64
N ILE A 177 3.75 -40.31 -1.74
CA ILE A 177 4.02 -38.88 -1.78
C ILE A 177 5.46 -38.68 -2.21
N SER A 178 5.66 -37.97 -3.32
CA SER A 178 6.99 -37.71 -3.85
C SER A 178 7.39 -36.26 -3.60
N THR A 179 8.66 -35.97 -3.88
CA THR A 179 9.13 -34.58 -3.81
C THR A 179 8.31 -33.68 -4.73
N GLN A 180 8.03 -34.16 -5.94
CA GLN A 180 7.28 -33.34 -6.89
C GLN A 180 5.87 -33.05 -6.40
N ASP A 181 5.26 -33.98 -5.64
CA ASP A 181 3.97 -33.69 -5.04
C ASP A 181 4.07 -32.51 -4.06
N SER A 182 5.11 -32.51 -3.23
CA SER A 182 5.33 -31.39 -2.31
C SER A 182 5.48 -30.09 -3.08
N LEU A 183 6.30 -30.09 -4.13
CA LEU A 183 6.55 -28.86 -4.87
C LEU A 183 5.31 -28.38 -5.61
N ASP A 184 4.52 -29.31 -6.15
CA ASP A 184 3.26 -28.95 -6.78
C ASP A 184 2.31 -28.33 -5.77
N ALA A 185 2.27 -28.85 -4.54
CA ALA A 185 1.41 -28.26 -3.52
C ALA A 185 1.89 -26.87 -3.11
N ILE A 186 3.22 -26.67 -3.04
CA ILE A 186 3.76 -25.34 -2.78
C ILE A 186 3.33 -24.37 -3.87
N GLU A 187 3.43 -24.81 -5.13
CA GLU A 187 3.02 -23.96 -6.24
C GLU A 187 1.52 -23.65 -6.16
N ARG A 188 0.71 -24.64 -5.78
CA ARG A 188 -0.72 -24.39 -5.66
C ARG A 188 -1.03 -23.42 -4.53
N LEU A 189 -0.23 -23.44 -3.46
CA LEU A 189 -0.33 -22.39 -2.45
C LEU A 189 -0.07 -21.03 -3.07
N PHE A 190 1.04 -20.91 -3.82
CA PHE A 190 1.38 -19.63 -4.44
C PHE A 190 0.32 -19.17 -5.43
N LYS A 191 -0.36 -20.10 -6.08
CA LYS A 191 -1.34 -19.76 -7.11
C LYS A 191 -2.77 -19.65 -6.60
N SER A 192 -3.04 -20.06 -5.36
CA SER A 192 -4.41 -20.10 -4.86
C SER A 192 -4.61 -19.48 -3.48
N ASP A 193 -3.56 -19.34 -2.68
CA ASP A 193 -3.74 -18.97 -1.28
C ASP A 193 -2.97 -17.72 -0.86
N ILE A 194 -1.73 -17.57 -1.30
CA ILE A 194 -0.87 -16.49 -0.79
C ILE A 194 0.21 -16.22 -1.81
N GLU A 195 0.56 -14.93 -1.97
CA GLU A 195 1.66 -14.58 -2.85
C GLU A 195 2.96 -15.16 -2.33
N ALA A 196 3.81 -15.61 -3.25
CA ALA A 196 5.12 -16.13 -2.84
C ALA A 196 5.89 -15.10 -2.05
N LYS A 197 5.84 -13.84 -2.47
CA LYS A 197 6.53 -12.77 -1.76
C LYS A 197 5.71 -12.19 -0.62
N GLN A 198 4.70 -12.94 -0.17
CA GLN A 198 4.03 -12.70 1.10
C GLN A 198 4.28 -13.81 2.11
N VAL A 199 5.16 -14.76 1.78
CA VAL A 199 5.51 -15.86 2.67
C VAL A 199 6.84 -15.56 3.34
N ALA A 200 6.85 -15.52 4.67
CA ALA A 200 8.06 -15.19 5.41
C ALA A 200 8.99 -16.38 5.55
N ALA A 201 8.46 -17.59 5.69
CA ALA A 201 9.31 -18.72 6.00
C ALA A 201 8.72 -20.01 5.47
N ILE A 202 9.60 -20.97 5.22
CA ILE A 202 9.24 -22.37 5.03
C ILE A 202 9.98 -23.16 6.10
N ILE A 203 9.23 -23.81 6.98
CA ILE A 203 9.82 -24.57 8.08
C ILE A 203 9.64 -26.06 7.80
N PHE A 204 10.72 -26.82 8.00
CA PHE A 204 10.70 -28.24 7.73
C PHE A 204 11.68 -28.97 8.65
N GLU A 205 11.37 -30.22 8.95
CA GLU A 205 12.30 -31.08 9.65
C GLU A 205 13.09 -31.91 8.64
N PRO A 206 14.42 -31.93 8.72
CA PRO A 206 15.17 -32.86 7.85
C PRO A 206 14.76 -34.31 8.05
N VAL A 207 14.51 -34.71 9.30
CA VAL A 207 14.00 -36.04 9.63
C VAL A 207 12.79 -35.82 10.51
N GLN A 208 11.60 -36.11 9.99
CA GLN A 208 10.37 -35.86 10.73
C GLN A 208 10.31 -36.72 11.99
N GLY A 209 10.26 -36.07 13.15
CA GLY A 209 10.25 -36.78 14.40
C GLY A 209 9.01 -37.60 14.64
N GLU A 210 7.95 -36.96 15.11
CA GLU A 210 6.67 -37.65 15.43
C GLU A 210 5.92 -38.09 14.17
N GLY A 211 6.37 -37.67 13.00
CA GLY A 211 5.72 -38.06 11.76
C GLY A 211 6.06 -39.44 11.25
N GLY A 212 7.06 -40.11 11.83
CA GLY A 212 7.36 -41.48 11.46
C GLY A 212 8.77 -41.68 10.96
N PHE A 213 9.66 -40.74 11.28
CA PHE A 213 11.06 -40.78 10.83
C PHE A 213 11.15 -40.83 9.31
N ASN A 214 10.40 -39.94 8.66
CA ASN A 214 10.54 -39.77 7.22
C ASN A 214 11.70 -38.84 6.93
N VAL A 215 12.62 -39.29 6.08
CA VAL A 215 13.82 -38.52 5.76
C VAL A 215 13.56 -37.70 4.51
N ALA A 216 13.84 -36.40 4.59
CA ALA A 216 13.67 -35.50 3.45
C ALA A 216 14.64 -35.87 2.35
N PRO A 217 14.17 -36.21 1.16
CA PRO A 217 15.10 -36.49 0.06
C PRO A 217 15.91 -35.24 -0.30
N LYS A 218 17.12 -35.48 -0.81
CA LYS A 218 18.04 -34.39 -1.15
C LYS A 218 17.39 -33.41 -2.13
N GLU A 219 16.56 -33.92 -3.04
CA GLU A 219 15.91 -33.06 -4.01
C GLU A 219 14.93 -32.10 -3.34
N LEU A 220 14.24 -32.58 -2.30
CA LEU A 220 13.30 -31.70 -1.59
C LEU A 220 14.03 -30.55 -0.91
N VAL A 221 15.12 -30.85 -0.21
CA VAL A 221 15.89 -29.80 0.45
C VAL A 221 16.45 -28.82 -0.57
N ALA A 222 16.97 -29.34 -1.69
CA ALA A 222 17.51 -28.45 -2.72
C ALA A 222 16.42 -27.56 -3.31
N ALA A 223 15.23 -28.13 -3.55
CA ALA A 223 14.14 -27.34 -4.11
C ALA A 223 13.64 -26.29 -3.12
N ILE A 224 13.62 -26.62 -1.84
CA ILE A 224 13.25 -25.64 -0.82
C ILE A 224 14.24 -24.48 -0.82
N ARG A 225 15.54 -24.81 -0.82
CA ARG A 225 16.58 -23.78 -0.86
C ARG A 225 16.42 -22.90 -2.10
N ARG A 226 16.14 -23.52 -3.24
CA ARG A 226 16.00 -22.78 -4.50
C ARG A 226 14.81 -21.84 -4.45
N LEU A 227 13.66 -22.34 -3.98
CA LEU A 227 12.47 -21.49 -3.87
C LEU A 227 12.71 -20.34 -2.92
N CYS A 228 13.39 -20.60 -1.80
CA CYS A 228 13.66 -19.54 -0.84
C CYS A 228 14.56 -18.46 -1.43
N ASP A 229 15.64 -18.89 -2.10
CA ASP A 229 16.51 -17.92 -2.75
C ASP A 229 15.74 -17.10 -3.78
N GLU A 230 14.83 -17.72 -4.49
CA GLU A 230 14.08 -16.99 -5.52
C GLU A 230 13.05 -16.02 -4.94
N HIS A 231 12.28 -16.46 -3.95
CA HIS A 231 11.17 -15.66 -3.39
C HIS A 231 11.58 -14.84 -2.17
N GLY A 232 12.81 -14.97 -1.71
CA GLY A 232 13.26 -14.22 -0.52
C GLY A 232 12.60 -14.75 0.73
N ILE A 233 12.36 -16.04 0.76
CA ILE A 233 11.72 -16.73 1.88
C ILE A 233 12.80 -17.25 2.81
N VAL A 234 12.51 -17.24 4.11
CA VAL A 234 13.46 -17.73 5.10
C VAL A 234 13.31 -19.24 5.22
N MET A 235 14.42 -19.96 5.06
CA MET A 235 14.44 -21.41 5.13
C MET A 235 14.75 -21.83 6.56
N ILE A 236 13.77 -22.45 7.23
CA ILE A 236 13.90 -22.85 8.63
C ILE A 236 13.97 -24.36 8.68
N ALA A 237 15.05 -24.87 9.27
CA ALA A 237 15.23 -26.29 9.53
C ALA A 237 15.03 -26.53 11.03
N ASP A 238 14.04 -27.34 11.36
CA ASP A 238 13.73 -27.68 12.74
C ASP A 238 14.48 -28.95 13.08
N GLU A 239 15.57 -28.80 13.83
CA GLU A 239 16.38 -29.93 14.26
C GLU A 239 16.33 -30.10 15.78
N VAL A 240 15.21 -29.72 16.39
CA VAL A 240 15.03 -29.91 17.82
C VAL A 240 15.18 -31.38 18.18
N GLN A 241 14.59 -32.27 17.40
CA GLN A 241 14.68 -33.70 17.66
C GLN A 241 15.80 -34.39 16.88
N SER A 242 16.10 -33.93 15.67
CA SER A 242 17.12 -34.56 14.85
C SER A 242 18.53 -34.08 15.17
N GLY A 243 18.67 -33.04 16.00
CA GLY A 243 19.97 -32.44 16.20
C GLY A 243 20.84 -33.19 17.18
N PHE A 244 22.12 -32.83 17.14
CA PHE A 244 23.14 -33.29 18.10
C PHE A 244 23.34 -34.80 18.01
N ALA A 245 23.96 -35.20 16.90
CA ALA A 245 24.52 -36.52 16.63
C ALA A 245 23.47 -37.60 16.45
N ARG A 246 22.18 -37.27 16.43
CA ARG A 246 21.15 -38.30 16.37
C ARG A 246 21.17 -39.01 15.03
N THR A 247 21.47 -38.30 13.95
CA THR A 247 21.34 -38.84 12.60
C THR A 247 22.67 -39.34 12.03
N GLY A 248 23.71 -39.46 12.86
CA GLY A 248 25.01 -39.89 12.41
C GLY A 248 25.97 -38.76 12.11
N LYS A 249 25.47 -37.54 11.99
CA LYS A 249 26.28 -36.34 11.96
C LYS A 249 25.73 -35.36 12.98
N LEU A 250 26.45 -34.27 13.21
CA LEU A 250 26.10 -33.36 14.31
C LEU A 250 24.68 -32.84 14.14
N PHE A 251 24.33 -32.37 12.94
CA PHE A 251 22.97 -32.00 12.61
C PHE A 251 22.56 -32.72 11.34
N ALA A 252 21.25 -33.01 11.24
CA ALA A 252 20.76 -33.72 10.06
C ALA A 252 21.07 -32.95 8.78
N MET A 253 21.04 -31.61 8.85
CA MET A 253 21.34 -30.80 7.66
C MET A 253 22.74 -31.05 7.13
N ASP A 254 23.66 -31.55 7.96
CA ASP A 254 25.00 -31.86 7.47
C ASP A 254 25.01 -32.98 6.43
N HIS A 255 23.89 -33.62 6.18
CA HIS A 255 23.87 -34.69 5.15
C HIS A 255 23.53 -34.10 3.79
N TYR A 256 23.25 -32.81 3.76
CA TYR A 256 22.82 -32.16 2.52
C TYR A 256 23.78 -31.03 2.17
N ALA A 257 23.90 -30.76 0.87
CA ALA A 257 24.76 -29.67 0.43
C ALA A 257 24.16 -28.29 0.71
N ASP A 258 22.84 -28.18 0.65
CA ASP A 258 22.17 -26.90 0.89
C ASP A 258 22.07 -26.61 2.38
N LYS A 259 22.20 -25.34 2.73
CA LYS A 259 22.16 -24.92 4.12
C LYS A 259 20.93 -24.05 4.38
N PRO A 260 20.27 -24.21 5.52
CA PRO A 260 19.12 -23.36 5.84
C PRO A 260 19.54 -21.99 6.33
N ASP A 261 18.60 -21.06 6.26
CA ASP A 261 18.83 -19.74 6.82
C ASP A 261 18.78 -19.76 8.34
N LEU A 262 17.83 -20.51 8.91
CA LEU A 262 17.66 -20.65 10.35
C LEU A 262 17.57 -22.12 10.72
N MET A 263 18.06 -22.45 11.90
CA MET A 263 17.96 -23.80 12.44
C MET A 263 17.60 -23.72 13.92
N THR A 264 16.60 -24.49 14.31
CA THR A 264 16.17 -24.55 15.71
C THR A 264 16.73 -25.80 16.37
N MET A 265 17.17 -25.65 17.62
CA MET A 265 17.74 -26.73 18.41
C MET A 265 17.06 -26.77 19.77
N ALA A 266 16.95 -27.98 20.31
CA ALA A 266 16.51 -28.18 21.69
C ALA A 266 16.79 -29.63 22.09
N SER A 268 18.12 -32.63 22.96
CA SER A 268 19.46 -33.12 23.32
C SER A 268 20.52 -32.03 23.31
N LEU A 269 20.10 -30.80 23.01
CA LEU A 269 21.02 -29.66 23.08
C LEU A 269 21.69 -29.57 24.45
N ALA A 270 20.93 -29.76 25.53
CA ALA A 270 21.46 -29.76 26.88
C ALA A 270 21.40 -31.13 27.55
N GLY A 271 21.05 -32.17 26.79
CA GLY A 271 21.16 -33.53 27.28
C GLY A 271 20.37 -33.86 28.53
N GLY A 272 19.18 -33.29 28.67
CA GLY A 272 18.37 -33.48 29.86
C GLY A 272 18.19 -32.25 30.71
N MET A 273 18.56 -31.06 30.24
CA MET A 273 18.30 -29.81 30.90
C MET A 273 17.51 -28.89 29.98
N PRO A 274 16.63 -28.05 30.53
CA PRO A 274 15.78 -27.21 29.68
C PRO A 274 16.51 -26.06 29.01
N LEU A 275 16.80 -26.22 27.71
CA LEU A 275 17.48 -25.23 26.91
C LEU A 275 17.12 -25.41 25.44
N SER A 276 16.88 -24.30 24.75
CA SER A 276 16.68 -24.33 23.31
C SER A 276 17.49 -23.22 22.67
N GLY A 277 17.48 -23.16 21.35
CA GLY A 277 18.25 -22.16 20.65
C GLY A 277 17.88 -22.05 19.20
N VAL A 278 18.18 -20.88 18.65
CA VAL A 278 18.04 -20.62 17.23
C VAL A 278 19.38 -20.12 16.73
N VAL A 279 19.87 -20.70 15.64
CA VAL A 279 21.13 -20.28 15.04
C VAL A 279 20.89 -20.07 13.56
N GLY A 280 21.49 -19.02 13.01
CA GLY A 280 21.34 -18.82 11.57
C GLY A 280 22.07 -17.60 11.07
N ASN A 281 21.79 -17.28 9.81
CA ASN A 281 22.33 -16.12 9.11
C ASN A 281 22.32 -14.87 9.98
N ALA A 282 23.51 -14.31 10.22
CA ALA A 282 23.63 -13.19 11.15
C ALA A 282 22.80 -12.00 10.70
N ASN A 283 22.80 -11.69 9.41
CA ASN A 283 22.02 -10.57 8.91
C ASN A 283 20.52 -10.80 9.12
N ILE A 284 20.08 -12.05 8.98
CA ILE A 284 18.68 -12.37 9.25
C ILE A 284 18.41 -12.39 10.74
N MET A 285 19.30 -13.01 11.52
CA MET A 285 19.10 -13.08 12.96
C MET A 285 19.02 -11.68 13.58
N ASP A 286 19.77 -10.73 13.03
CA ASP A 286 19.79 -9.36 13.56
C ASP A 286 18.57 -8.54 13.14
N ALA A 287 17.56 -9.14 12.51
CA ALA A 287 16.41 -8.35 12.07
C ALA A 287 15.62 -7.76 13.23
N PRO A 288 15.22 -8.51 14.26
CA PRO A 288 14.51 -7.90 15.39
C PRO A 288 15.38 -6.91 16.15
N ALA A 289 14.79 -5.77 16.49
CA ALA A 289 15.50 -4.72 17.19
C ALA A 289 15.77 -5.12 18.65
N PRO A 290 16.69 -4.44 19.32
CA PRO A 290 16.89 -4.69 20.75
C PRO A 290 15.58 -4.55 21.52
N GLY A 291 15.27 -5.57 22.32
CA GLY A 291 14.03 -5.60 23.06
C GLY A 291 12.94 -6.45 22.44
N GLY A 292 13.19 -7.04 21.28
CA GLY A 292 12.18 -7.82 20.59
C GLY A 292 12.23 -9.30 20.89
N LEU A 293 13.41 -9.80 21.26
CA LEU A 293 13.61 -11.19 21.59
C LEU A 293 13.99 -11.32 23.06
N GLY A 294 13.58 -12.43 23.67
CA GLY A 294 13.94 -12.65 25.06
C GLY A 294 13.14 -13.78 25.67
N GLY A 295 13.13 -13.81 27.00
CA GLY A 295 12.54 -14.88 27.77
C GLY A 295 13.21 -14.97 29.13
N THR A 296 12.41 -15.04 30.20
CA THR A 296 12.99 -14.94 31.54
C THR A 296 14.00 -16.05 31.79
N TYR A 297 13.60 -17.29 31.52
CA TYR A 297 14.47 -18.44 31.74
C TYR A 297 15.49 -18.63 30.63
N ALA A 298 15.37 -17.88 29.54
CA ALA A 298 16.13 -18.17 28.31
C ALA A 298 17.62 -18.27 28.58
N GLY A 299 18.22 -19.35 28.08
CA GLY A 299 19.64 -19.59 28.25
C GLY A 299 20.00 -19.81 29.70
N ASN A 300 19.22 -20.65 30.38
CA ASN A 300 19.43 -20.87 31.80
C ASN A 300 20.86 -21.35 32.06
N PRO A 301 21.56 -20.77 33.03
CA PRO A 301 22.99 -21.10 33.24
C PRO A 301 23.28 -22.59 33.39
N LEU A 302 22.50 -23.31 34.20
CA LEU A 302 22.74 -24.73 34.39
C LEU A 302 22.58 -25.49 33.07
N ALA A 303 21.54 -25.17 32.31
CA ALA A 303 21.35 -25.83 31.03
C ALA A 303 22.45 -25.47 30.03
N VAL A 304 22.98 -24.25 30.12
CA VAL A 304 24.08 -23.86 29.23
C VAL A 304 25.34 -24.63 29.56
N ALA A 305 25.64 -24.78 30.87
CA ALA A 305 26.77 -25.62 31.27
C ALA A 305 26.57 -27.05 30.78
N ALA A 306 25.35 -27.57 30.93
CA ALA A 306 25.06 -28.92 30.47
C ALA A 306 25.27 -29.04 28.96
N ALA A 307 24.94 -28.00 28.20
CA ALA A 307 25.10 -28.06 26.75
C ALA A 307 26.57 -28.04 26.35
N HIS A 308 27.37 -27.22 27.05
CA HIS A 308 28.83 -27.31 26.90
C HIS A 308 29.30 -28.74 27.07
N ALA A 309 28.90 -29.35 28.20
CA ALA A 309 29.27 -30.73 28.48
C ALA A 309 28.79 -31.66 27.36
N VAL A 310 27.59 -31.40 26.82
CA VAL A 310 27.03 -32.27 25.79
C VAL A 310 27.88 -32.24 24.54
N LEU A 311 28.28 -31.04 24.10
CA LEU A 311 29.16 -30.95 22.94
C LEU A 311 30.47 -31.68 23.19
N ASN A 312 31.05 -31.49 24.38
CA ASN A 312 32.32 -32.15 24.67
C ASN A 312 32.15 -33.67 24.71
N ILE A 313 31.01 -34.15 25.19
CA ILE A 313 30.75 -35.59 25.22
C ILE A 313 30.61 -36.13 23.80
N ILE A 314 29.83 -35.44 22.96
CA ILE A 314 29.63 -35.88 21.60
C ILE A 314 30.97 -35.98 20.87
N ASP A 315 31.88 -35.04 21.15
CA ASP A 315 33.17 -35.09 20.48
C ASP A 315 34.06 -36.19 21.05
N LYS A 316 34.20 -36.25 22.38
CA LYS A 316 35.18 -37.15 22.99
C LYS A 316 34.79 -38.62 22.84
N GLU A 317 33.50 -38.94 22.94
CA GLU A 317 33.05 -40.32 22.84
C GLU A 317 32.60 -40.69 21.43
N SER A 318 32.84 -39.81 20.45
CA SER A 318 32.57 -40.07 19.04
C SER A 318 31.14 -40.56 18.85
N LEU A 319 30.18 -39.70 19.21
CA LEU A 319 28.78 -40.12 19.23
C LEU A 319 28.12 -40.10 17.85
N CYS A 320 28.66 -39.32 16.92
CA CYS A 320 28.20 -39.36 15.54
C CYS A 320 28.49 -40.72 14.93
N GLU A 321 29.73 -41.15 15.07
CA GLU A 321 30.17 -42.47 14.57
C GLU A 321 29.38 -43.56 15.29
N ARG A 322 29.23 -43.43 16.59
CA ARG A 322 28.52 -44.43 17.38
C ARG A 322 27.06 -44.54 16.95
N ALA A 323 26.41 -43.39 16.72
CA ALA A 323 25.04 -43.37 16.21
C ALA A 323 24.92 -44.16 14.91
N ASN A 324 25.87 -43.94 13.98
CA ASN A 324 25.87 -44.70 12.74
C ASN A 324 25.98 -46.21 12.99
N GLN A 325 26.89 -46.60 13.89
CA GLN A 325 27.09 -48.03 14.18
C GLN A 325 25.84 -48.66 14.79
N LEU A 326 25.26 -48.00 15.80
CA LEU A 326 24.09 -48.55 16.46
C LEU A 326 22.89 -48.59 15.54
N GLY A 327 22.75 -47.57 14.67
CA GLY A 327 21.68 -47.61 13.68
C GLY A 327 21.84 -48.77 12.72
N GLN A 328 23.08 -49.05 12.32
CA GLN A 328 23.32 -50.19 11.45
C GLN A 328 22.98 -51.51 12.15
N ARG A 329 23.33 -51.64 13.43
CA ARG A 329 22.99 -52.86 14.17
C ARG A 329 21.48 -53.03 14.26
N LEU A 330 20.76 -51.95 14.58
CA LEU A 330 19.31 -52.01 14.65
C LEU A 330 18.70 -52.35 13.28
N LYS A 331 19.25 -51.79 12.21
CA LYS A 331 18.74 -52.11 10.89
C LYS A 331 19.01 -53.56 10.53
N ASN A 332 20.17 -54.08 10.92
CA ASN A 332 20.45 -55.51 10.71
C ASN A 332 19.40 -56.36 11.41
N THR A 333 19.12 -56.05 12.67
CA THR A 333 18.11 -56.78 13.42
C THR A 333 16.75 -56.73 12.71
N LEU A 334 16.31 -55.53 12.33
CA LEU A 334 14.99 -55.36 11.74
C LEU A 334 14.88 -56.05 10.38
N ILE A 335 15.93 -55.93 9.55
CA ILE A 335 15.91 -56.55 8.22
C ILE A 335 15.95 -58.07 8.35
N ASP A 336 16.64 -58.52 9.37
CA ASP A 336 16.72 -59.98 9.63
C ASP A 336 15.32 -60.46 9.97
N ALA A 337 14.66 -59.69 10.80
CA ALA A 337 13.31 -60.06 11.22
C ALA A 337 12.27 -59.87 10.13
N LYS A 338 12.60 -59.11 9.07
CA LYS A 338 11.64 -58.86 8.00
C LYS A 338 11.20 -60.14 7.30
N GLU A 339 11.94 -61.24 7.47
CA GLU A 339 11.60 -62.48 6.78
C GLU A 339 10.55 -63.28 7.54
N SER A 340 10.53 -63.18 8.88
CA SER A 340 9.55 -63.87 9.69
C SER A 340 8.35 -63.01 10.05
N VAL A 341 8.49 -61.69 9.99
CA VAL A 341 7.39 -60.78 10.32
C VAL A 341 6.93 -60.11 9.04
N PRO A 342 5.88 -60.59 8.38
CA PRO A 342 5.37 -59.91 7.18
C PRO A 342 4.82 -58.52 7.49
N ALA A 343 4.44 -58.26 8.74
CA ALA A 343 3.91 -56.95 9.10
C ALA A 343 4.92 -55.83 8.95
N ILE A 344 6.21 -56.14 8.97
CA ILE A 344 7.24 -55.13 8.78
C ILE A 344 7.13 -54.62 7.34
N ALA A 345 6.59 -53.41 7.17
CA ALA A 345 6.40 -52.83 5.85
C ALA A 345 7.48 -51.83 5.49
N ALA A 346 8.13 -51.21 6.47
CA ALA A 346 9.22 -50.28 6.14
C ALA A 346 10.18 -50.17 7.31
N VAL A 347 11.44 -49.90 7.00
CA VAL A 347 12.48 -49.60 7.99
C VAL A 347 13.28 -48.42 7.44
N ARG A 348 13.11 -47.25 8.04
CA ARG A 348 13.74 -46.04 7.51
C ARG A 348 14.41 -45.25 8.62
N GLY A 349 15.13 -44.20 8.20
CA GLY A 349 15.71 -43.23 9.11
C GLY A 349 17.13 -42.87 8.70
N LEU A 350 17.80 -42.15 9.60
CA LEU A 350 19.17 -41.72 9.42
C LEU A 350 19.94 -41.87 10.72
N GLY A 351 21.08 -42.55 10.66
CA GLY A 351 21.91 -42.71 11.85
C GLY A 351 21.22 -43.56 12.89
N SER A 352 21.06 -43.00 14.10
CA SER A 352 20.30 -43.64 15.16
C SER A 352 18.90 -43.05 15.30
N MET A 353 18.43 -42.36 14.26
CA MET A 353 17.03 -41.94 14.17
C MET A 353 16.37 -42.90 13.19
N ILE A 354 15.94 -44.05 13.72
CA ILE A 354 15.49 -45.17 12.91
C ILE A 354 14.12 -45.61 13.41
N ALA A 355 13.21 -45.85 12.47
CA ALA A 355 11.86 -46.29 12.80
C ALA A 355 11.46 -47.45 11.88
N VAL A 356 10.56 -48.27 12.40
CA VAL A 356 9.96 -49.36 11.64
C VAL A 356 8.46 -49.11 11.55
N GLU A 357 7.90 -49.25 10.36
CA GLU A 357 6.48 -49.07 10.12
C GLU A 357 5.83 -50.40 9.76
N PHE A 358 4.70 -50.68 10.41
CA PHE A 358 3.99 -51.96 10.32
C PHE A 358 2.71 -51.79 9.52
N ASN A 359 2.50 -52.68 8.55
CA ASN A 359 1.23 -52.82 7.85
C ASN A 359 0.67 -54.22 8.12
N ASP A 360 -0.64 -54.36 7.96
CA ASP A 360 -1.27 -55.66 8.20
C ASP A 360 -0.82 -56.65 7.12
N PRO A 361 -0.39 -57.85 7.50
CA PRO A 361 0.10 -58.81 6.49
C PRO A 361 -0.96 -59.34 5.56
N GLN A 362 -2.24 -59.10 5.86
CA GLN A 362 -3.34 -59.63 5.02
C GLN A 362 -3.95 -58.53 4.16
N THR A 363 -4.19 -57.38 4.77
CA THR A 363 -4.87 -56.30 4.06
C THR A 363 -3.94 -55.27 3.47
N GLY A 364 -2.76 -55.06 4.07
CA GLY A 364 -1.85 -54.04 3.62
C GLY A 364 -2.12 -52.65 4.16
N GLU A 365 -3.14 -52.49 4.99
CA GLU A 365 -3.45 -51.19 5.58
C GLU A 365 -2.57 -50.94 6.81
N PRO A 366 -2.30 -49.67 7.12
CA PRO A 366 -1.52 -49.36 8.33
C PRO A 366 -2.15 -49.94 9.58
N SER A 367 -1.35 -50.70 10.33
CA SER A 367 -1.82 -51.43 11.51
C SER A 367 -1.17 -50.83 12.76
N ALA A 368 -1.93 -49.99 13.47
CA ALA A 368 -1.47 -49.50 14.76
C ALA A 368 -1.61 -50.55 15.85
N ALA A 369 -2.50 -51.53 15.66
CA ALA A 369 -2.71 -52.56 16.68
C ALA A 369 -1.50 -53.50 16.77
N ILE A 370 -0.92 -53.86 15.62
CA ILE A 370 0.29 -54.68 15.64
C ILE A 370 1.43 -53.92 16.31
N ALA A 371 1.56 -52.62 16.01
CA ALA A 371 2.59 -51.82 16.65
C ALA A 371 2.40 -51.78 18.16
N GLN A 372 1.16 -51.48 18.60
CA GLN A 372 0.88 -51.47 20.03
C GLN A 372 1.21 -52.82 20.64
N LYS A 373 0.83 -53.91 19.95
CA LYS A 373 1.10 -55.26 20.44
C LYS A 373 2.59 -55.49 20.69
N ILE A 374 3.42 -55.05 19.73
CA ILE A 374 4.86 -55.23 19.87
C ILE A 374 5.39 -54.33 20.98
N GLN A 375 4.81 -53.15 21.14
CA GLN A 375 5.26 -52.25 22.18
C GLN A 375 4.98 -52.81 23.56
N GLN A 376 3.82 -53.46 23.75
CA GLN A 376 3.49 -53.99 25.07
C GLN A 376 4.36 -55.20 25.39
N ARG A 377 4.59 -56.05 24.37
CA ARG A 377 5.46 -57.23 24.52
C ARG A 377 6.82 -56.75 25.01
N ALA A 378 7.42 -55.79 24.29
CA ALA A 378 8.70 -55.22 24.69
C ALA A 378 8.63 -54.61 26.07
N LEU A 379 7.56 -53.87 26.37
CA LEU A 379 7.43 -53.24 27.69
C LEU A 379 7.36 -54.27 28.80
N ALA A 380 6.66 -55.38 28.56
CA ALA A 380 6.59 -56.45 29.54
C ALA A 380 7.95 -57.07 29.78
N GLN A 381 8.84 -57.02 28.79
CA GLN A 381 10.19 -57.61 28.94
C GLN A 381 11.14 -56.55 29.47
N GLY A 382 10.67 -55.33 29.63
CA GLY A 382 11.50 -54.27 30.15
C GLY A 382 12.11 -53.32 29.14
N LEU A 383 11.57 -53.26 27.93
CA LEU A 383 12.06 -52.38 26.88
C LEU A 383 11.04 -51.30 26.61
N LEU A 384 11.42 -50.04 26.85
CA LEU A 384 10.51 -48.90 26.72
C LEU A 384 10.59 -48.36 25.30
N LEU A 385 9.56 -48.63 24.50
CA LEU A 385 9.53 -48.22 23.10
C LEU A 385 8.47 -47.14 22.87
N LEU A 386 8.71 -46.31 21.86
CA LEU A 386 7.84 -45.18 21.55
C LEU A 386 7.16 -45.36 20.20
N THR A 387 5.92 -44.86 20.14
CA THR A 387 5.09 -44.90 18.95
C THR A 387 5.08 -43.53 18.28
N CYS A 388 4.89 -43.54 16.96
CA CYS A 388 4.68 -42.33 16.17
C CYS A 388 4.07 -42.74 14.83
N GLY A 389 3.97 -41.78 13.93
CA GLY A 389 3.38 -41.97 12.62
C GLY A 389 2.03 -41.27 12.51
N ALA A 390 1.60 -41.11 11.25
CA ALA A 390 0.29 -40.52 10.99
C ALA A 390 -0.82 -41.40 11.57
N TYR A 391 -0.66 -42.72 11.48
CA TYR A 391 -1.67 -43.66 11.94
C TYR A 391 -1.26 -44.39 13.21
N GLY A 392 -0.19 -43.94 13.87
CA GLY A 392 0.25 -44.60 15.09
C GLY A 392 0.80 -45.99 14.90
N ASN A 393 1.21 -46.34 13.69
CA ASN A 393 1.69 -47.68 13.38
C ASN A 393 3.21 -47.75 13.25
N VAL A 394 3.92 -46.73 13.74
CA VAL A 394 5.37 -46.66 13.60
C VAL A 394 5.99 -46.78 14.98
N ILE A 395 7.03 -47.61 15.10
CA ILE A 395 7.82 -47.71 16.32
C ILE A 395 9.16 -47.05 16.05
N ARG A 396 9.45 -46.02 16.84
CA ARG A 396 10.67 -45.24 16.70
C ARG A 396 11.67 -45.68 17.76
N PHE A 397 12.95 -45.68 17.41
CA PHE A 397 13.98 -46.15 18.33
C PHE A 397 14.84 -44.96 18.76
N LEU A 398 14.61 -44.50 19.99
CA LEU A 398 15.30 -43.32 20.51
C LEU A 398 16.13 -43.66 21.74
N TYR A 399 16.97 -44.70 21.63
CA TYR A 399 17.88 -45.04 22.71
C TYR A 399 18.92 -43.94 22.86
N PRO A 400 19.49 -43.78 24.06
CA PRO A 400 20.66 -42.91 24.19
C PRO A 400 21.82 -43.43 23.34
N LEU A 401 22.55 -42.50 22.71
CA LEU A 401 23.71 -42.88 21.93
C LEU A 401 24.83 -43.44 22.79
N THR A 402 24.78 -43.20 24.10
CA THR A 402 25.78 -43.69 25.03
C THR A 402 25.45 -45.06 25.61
N ILE A 403 24.42 -45.72 25.08
CA ILE A 403 23.96 -47.00 25.64
C ILE A 403 25.07 -48.03 25.52
N PRO A 404 25.34 -48.83 26.55
CA PRO A 404 26.41 -49.84 26.44
C PRO A 404 26.07 -50.89 25.40
N ASP A 405 27.10 -51.48 24.81
CA ASP A 405 26.90 -52.44 23.73
C ASP A 405 26.09 -53.64 24.22
N ALA A 406 26.39 -54.15 25.41
CA ALA A 406 25.70 -55.33 25.90
C ALA A 406 24.23 -55.03 26.19
N GLN A 407 23.94 -53.84 26.72
CA GLN A 407 22.55 -53.45 26.92
C GLN A 407 21.82 -53.30 25.59
N PHE A 408 22.52 -52.76 24.58
CA PHE A 408 21.92 -52.65 23.26
C PHE A 408 21.61 -54.03 22.67
N ASP A 409 22.50 -55.00 22.87
CA ASP A 409 22.26 -56.33 22.34
C ASP A 409 21.13 -57.02 23.08
N ALA A 410 21.04 -56.82 24.39
CA ALA A 410 19.91 -57.34 25.15
C ALA A 410 18.60 -56.74 24.63
N ALA A 411 18.61 -55.44 24.32
CA ALA A 411 17.41 -54.80 23.78
C ALA A 411 17.09 -55.36 22.40
N MET A 412 18.11 -55.64 21.59
CA MET A 412 17.88 -56.23 20.28
C MET A 412 17.25 -57.62 20.39
N LYS A 413 17.72 -58.42 21.33
CA LYS A 413 17.14 -59.73 21.57
C LYS A 413 15.68 -59.60 22.01
N ILE A 414 15.41 -58.66 22.93
CA ILE A 414 14.04 -58.40 23.35
C ILE A 414 13.17 -57.98 22.16
N LEU A 415 13.73 -57.15 21.28
CA LEU A 415 13.00 -56.68 20.11
C LEU A 415 12.66 -57.83 19.17
N GLN A 416 13.64 -58.71 18.92
CA GLN A 416 13.40 -59.89 18.10
C GLN A 416 12.32 -60.77 18.70
N ASP A 417 12.33 -60.95 20.02
CA ASP A 417 11.27 -61.75 20.65
C ASP A 417 9.92 -61.08 20.49
N ALA A 418 9.85 -59.75 20.64
CA ALA A 418 8.57 -59.06 20.54
C ALA A 418 8.04 -59.00 19.12
N LEU A 419 8.91 -59.11 18.11
CA LEU A 419 8.47 -58.99 16.72
C LEU A 419 7.71 -60.22 16.26
N SER A 420 8.08 -61.40 16.73
CA SER A 420 7.42 -62.64 16.28
C SER A 420 6.29 -63.04 17.24
N ASP A 421 6.66 -63.47 18.44
CA ASP A 421 5.68 -64.00 19.41
C ASP A 421 6.00 -63.57 20.85
N SER B 2 20.07 47.88 -46.73
CA SER B 2 21.14 47.04 -47.31
C SER B 2 21.39 45.81 -46.45
N ASN B 3 21.66 44.69 -47.11
CA ASN B 3 21.97 43.41 -46.43
C ASN B 3 23.41 43.47 -45.96
N ASN B 4 24.25 44.22 -46.66
CA ASN B 4 25.68 44.30 -46.33
C ASN B 4 25.92 45.23 -45.14
N GLU B 5 25.33 46.42 -45.16
CA GLU B 5 25.39 47.32 -44.01
C GLU B 5 24.90 46.62 -42.75
N PHE B 6 23.76 45.95 -42.83
CA PHE B 6 23.27 45.23 -41.66
C PHE B 6 24.06 43.97 -41.37
N HIS B 7 24.73 43.41 -42.38
CA HIS B 7 25.67 42.32 -42.12
C HIS B 7 26.76 42.78 -41.15
N GLN B 8 27.38 43.93 -41.44
CA GLN B 8 28.40 44.47 -40.55
C GLN B 8 27.81 44.90 -39.21
N ARG B 9 26.62 45.50 -39.22
CA ARG B 9 25.98 45.89 -37.97
C ARG B 9 25.69 44.69 -37.09
N ARG B 10 25.29 43.58 -37.73
CA ARG B 10 24.99 42.32 -37.00
C ARG B 10 26.27 41.78 -36.37
N LEU B 11 27.38 41.80 -37.11
CA LEU B 11 28.66 41.31 -36.59
C LEU B 11 29.22 42.23 -35.50
N SER B 12 28.88 43.52 -35.53
CA SER B 12 29.41 44.44 -34.53
C SER B 12 28.60 44.42 -33.24
N ALA B 13 27.30 44.18 -33.30
CA ALA B 13 26.46 44.26 -32.12
C ALA B 13 26.28 42.92 -31.43
N THR B 14 26.37 41.82 -32.16
CA THR B 14 26.11 40.50 -31.61
C THR B 14 27.40 39.69 -31.53
N PRO B 15 27.47 38.72 -30.62
CA PRO B 15 28.69 37.91 -30.50
C PRO B 15 28.87 36.97 -31.68
N ARG B 16 30.13 36.60 -31.95
CA ARG B 16 30.43 35.67 -33.02
C ARG B 16 29.88 34.26 -32.75
N GLY B 17 29.61 33.93 -31.49
CA GLY B 17 29.13 32.59 -31.17
C GLY B 17 27.76 32.29 -31.72
N VAL B 18 26.95 33.32 -31.92
CA VAL B 18 25.64 33.16 -32.56
C VAL B 18 25.85 33.14 -34.07
N GLY B 19 26.15 31.95 -34.61
CA GLY B 19 26.37 31.83 -36.04
C GLY B 19 25.09 32.04 -36.83
N VAL B 20 25.24 32.64 -38.01
CA VAL B 20 24.12 32.93 -38.91
C VAL B 20 24.49 32.45 -40.31
N MET B 21 23.61 31.65 -40.90
CA MET B 21 23.92 31.00 -42.18
C MET B 21 23.86 31.98 -43.35
N CYS B 22 22.84 32.83 -43.40
CA CYS B 22 22.59 33.69 -44.55
C CYS B 22 23.02 35.13 -44.27
N ASN B 23 23.60 35.77 -45.28
CA ASN B 23 24.03 37.16 -45.16
C ASN B 23 22.93 38.16 -45.55
N PHE B 24 21.71 37.69 -45.77
CA PHE B 24 20.57 38.55 -46.02
C PHE B 24 19.60 38.49 -44.84
N PHE B 25 18.73 39.49 -44.76
CA PHE B 25 17.89 39.70 -43.60
C PHE B 25 16.42 39.63 -43.98
N ALA B 26 15.65 38.94 -43.14
CA ALA B 26 14.26 38.64 -43.48
C ALA B 26 13.37 39.87 -43.31
N GLN B 27 12.46 40.05 -44.25
CA GLN B 27 11.46 41.11 -44.22
C GLN B 27 10.06 40.56 -44.00
N SER B 28 9.64 39.56 -44.78
CA SER B 28 8.32 38.97 -44.60
C SER B 28 8.36 37.52 -45.03
N ALA B 29 7.34 36.77 -44.64
CA ALA B 29 7.29 35.35 -44.97
C ALA B 29 5.85 34.84 -44.87
N GLU B 30 5.48 34.02 -45.85
CA GLU B 30 4.15 33.43 -45.88
C GLU B 30 4.25 32.03 -46.46
N ASN B 31 3.70 31.06 -45.73
CA ASN B 31 3.76 29.64 -46.13
C ASN B 31 5.20 29.20 -46.30
N ALA B 32 5.64 29.04 -47.56
CA ALA B 32 7.00 28.58 -47.85
C ALA B 32 7.79 29.63 -48.62
N THR B 33 7.35 30.88 -48.59
CA THR B 33 8.00 31.96 -49.34
C THR B 33 8.54 32.99 -48.36
N LEU B 34 9.80 33.38 -48.57
CA LEU B 34 10.48 34.33 -47.70
C LEU B 34 11.06 35.47 -48.51
N LYS B 35 10.70 36.70 -48.15
CA LYS B 35 11.19 37.90 -48.81
C LYS B 35 12.15 38.62 -47.87
N ASP B 36 13.34 38.98 -48.38
CA ASP B 36 14.34 39.70 -47.62
C ASP B 36 14.11 41.21 -47.73
N VAL B 37 14.96 41.99 -47.06
CA VAL B 37 14.79 43.44 -47.03
C VAL B 37 15.11 44.10 -48.36
N GLU B 38 15.67 43.37 -49.33
CA GLU B 38 15.96 43.92 -50.65
C GLU B 38 15.00 43.45 -51.72
N GLY B 39 13.97 42.67 -51.35
CA GLY B 39 12.97 42.22 -52.30
C GLY B 39 13.20 40.86 -52.91
N ASN B 40 14.29 40.19 -52.56
CA ASN B 40 14.57 38.87 -53.10
C ASN B 40 13.69 37.81 -52.44
N GLU B 41 13.11 36.93 -53.25
CA GLU B 41 12.23 35.89 -52.74
C GLU B 41 12.95 34.54 -52.74
N TYR B 42 12.65 33.73 -51.73
CA TYR B 42 13.27 32.43 -51.55
C TYR B 42 12.19 31.40 -51.23
N ILE B 43 12.35 30.20 -51.80
CA ILE B 43 11.53 29.06 -51.43
C ILE B 43 12.16 28.43 -50.20
N ASP B 44 11.48 28.53 -49.05
CA ASP B 44 12.05 28.16 -47.75
C ASP B 44 11.97 26.65 -47.59
N PHE B 45 13.11 25.98 -47.73
CA PHE B 45 13.22 24.56 -47.41
C PHE B 45 13.88 24.34 -46.05
N ALA B 46 13.91 25.37 -45.21
CA ALA B 46 14.39 25.26 -43.85
C ALA B 46 13.27 25.25 -42.82
N ALA B 47 12.17 25.96 -43.10
CA ALA B 47 11.01 26.03 -42.22
C ALA B 47 11.40 26.40 -40.79
N GLY B 48 12.33 27.35 -40.68
CA GLY B 48 12.85 27.75 -39.38
C GLY B 48 13.41 26.60 -38.59
N ILE B 49 14.11 25.67 -39.26
CA ILE B 49 14.59 24.41 -38.68
C ILE B 49 13.40 23.59 -38.20
N ALA B 50 12.57 23.13 -39.15
CA ALA B 50 11.45 22.24 -38.88
C ALA B 50 10.47 22.81 -37.87
N VAL B 51 10.33 24.14 -37.84
CA VAL B 51 9.42 24.80 -36.90
C VAL B 51 8.13 25.15 -37.61
N LEU B 52 8.20 25.48 -38.90
CA LEU B 52 7.03 25.86 -39.67
C LEU B 52 6.49 24.69 -40.50
N ASN B 53 6.13 23.61 -39.82
CA ASN B 53 5.50 22.48 -40.51
C ASN B 53 4.18 22.90 -41.13
N THR B 54 3.45 23.79 -40.46
CA THR B 54 2.24 24.37 -40.99
C THR B 54 2.49 25.65 -41.79
N GLY B 55 3.75 26.01 -42.00
CA GLY B 55 4.10 27.10 -42.88
C GLY B 55 4.17 28.45 -42.18
N HIS B 56 4.87 29.38 -42.81
CA HIS B 56 5.02 30.75 -42.26
C HIS B 56 3.66 31.44 -42.23
N ARG B 57 3.22 31.82 -41.04
CA ARG B 57 2.03 32.61 -40.79
C ARG B 57 0.80 32.02 -41.47
N HIS B 58 0.51 30.77 -41.11
CA HIS B 58 -0.73 30.16 -41.57
C HIS B 58 -1.91 30.99 -41.05
N PRO B 59 -2.91 31.26 -41.90
CA PRO B 59 -3.96 32.22 -41.49
C PRO B 59 -4.67 31.86 -40.20
N ASP B 60 -4.92 30.57 -39.97
CA ASP B 60 -5.61 30.17 -38.74
C ASP B 60 -4.72 30.38 -37.52
N LEU B 61 -3.41 30.15 -37.66
CA LEU B 61 -2.49 30.44 -36.57
C LEU B 61 -2.47 31.93 -36.25
N VAL B 62 -2.43 32.77 -37.28
CA VAL B 62 -2.45 34.22 -37.05
C VAL B 62 -3.76 34.62 -36.39
N ALA B 63 -4.87 34.03 -36.82
CA ALA B 63 -6.15 34.34 -36.21
C ALA B 63 -6.15 33.99 -34.73
N ALA B 64 -5.65 32.81 -34.39
CA ALA B 64 -5.64 32.39 -32.99
C ALA B 64 -4.72 33.27 -32.16
N VAL B 65 -3.56 33.65 -32.73
CA VAL B 65 -2.63 34.49 -31.99
C VAL B 65 -3.23 35.87 -31.74
N GLU B 66 -3.88 36.44 -32.74
CA GLU B 66 -4.52 37.75 -32.55
C GLU B 66 -5.66 37.65 -31.53
N GLN B 67 -6.46 36.58 -31.62
CA GLN B 67 -7.55 36.40 -30.67
C GLN B 67 -7.03 36.35 -29.24
N GLN B 68 -5.99 35.54 -29.00
CA GLN B 68 -5.40 35.49 -27.66
C GLN B 68 -4.77 36.83 -27.30
N LEU B 69 -4.19 37.52 -28.28
CA LEU B 69 -3.54 38.80 -28.05
C LEU B 69 -4.54 39.84 -27.55
N GLN B 70 -5.82 39.69 -27.91
CA GLN B 70 -6.85 40.56 -27.34
C GLN B 70 -7.24 40.17 -25.92
N GLN B 71 -6.73 39.05 -25.40
CA GLN B 71 -7.09 38.58 -24.06
C GLN B 71 -5.97 38.82 -23.06
N PHE B 72 -4.81 38.19 -23.27
CA PHE B 72 -3.63 38.32 -22.42
C PHE B 72 -2.49 37.53 -23.06
N THR B 73 -1.26 38.01 -22.88
CA THR B 73 -0.09 37.35 -23.44
C THR B 73 0.73 36.58 -22.41
N HIS B 74 0.53 36.85 -21.12
CA HIS B 74 1.26 36.15 -20.08
C HIS B 74 0.70 36.45 -18.70
N THR B 75 0.46 35.40 -17.94
CA THR B 75 0.07 35.53 -16.54
C THR B 75 1.02 34.82 -15.60
N ALA B 76 2.03 34.11 -16.11
CA ALA B 76 2.78 33.10 -15.38
C ALA B 76 1.82 31.98 -14.96
N TYR B 77 1.84 30.88 -15.72
CA TYR B 77 0.87 29.80 -15.52
C TYR B 77 0.94 29.24 -14.10
N GLN B 78 2.14 29.17 -13.53
CA GLN B 78 2.29 28.67 -12.16
C GLN B 78 1.68 29.61 -11.12
N ILE B 79 1.26 30.81 -11.52
CA ILE B 79 0.59 31.74 -10.63
C ILE B 79 -0.92 31.71 -10.90
N VAL B 80 -1.32 32.20 -12.07
CA VAL B 80 -2.72 32.18 -12.48
C VAL B 80 -2.84 31.33 -13.75
N PRO B 81 -3.49 30.18 -13.68
CA PRO B 81 -3.60 29.30 -14.85
C PRO B 81 -4.64 29.81 -15.83
N TYR B 82 -4.75 29.11 -16.96
CA TYR B 82 -5.71 29.45 -18.01
C TYR B 82 -6.12 28.15 -18.71
N GLU B 83 -7.35 28.14 -19.19
CA GLU B 83 -7.93 26.91 -19.74
C GLU B 83 -7.24 26.37 -21.00
N SER B 84 -6.68 27.24 -21.83
CA SER B 84 -6.10 26.79 -23.08
C SER B 84 -4.95 25.83 -22.84
N TYR B 85 -4.15 26.10 -21.81
CA TYR B 85 -3.10 25.18 -21.37
C TYR B 85 -3.66 23.78 -21.10
N VAL B 86 -4.71 23.72 -20.29
CA VAL B 86 -5.28 22.43 -19.90
C VAL B 86 -5.86 21.71 -21.11
N THR B 87 -6.58 22.43 -21.98
CA THR B 87 -7.23 21.76 -23.11
C THR B 87 -6.21 21.26 -24.12
N LEU B 88 -5.13 22.04 -24.33
CA LEU B 88 -4.04 21.55 -25.17
C LEU B 88 -3.40 20.32 -24.55
N ALA B 89 -3.19 20.34 -23.23
CA ALA B 89 -2.64 19.17 -22.56
C ALA B 89 -3.54 17.96 -22.77
N GLU B 90 -4.87 18.15 -22.72
CA GLU B 90 -5.80 17.05 -22.90
C GLU B 90 -5.71 16.48 -24.31
N LYS B 91 -5.67 17.36 -25.31
CA LYS B 91 -5.55 16.90 -26.69
C LYS B 91 -4.25 16.13 -26.90
N ILE B 92 -3.15 16.62 -26.34
CA ILE B 92 -1.87 15.94 -26.51
C ILE B 92 -1.89 14.59 -25.78
N ASN B 93 -2.44 14.56 -24.56
CA ASN B 93 -2.58 13.31 -23.82
C ASN B 93 -3.31 12.27 -24.66
N ALA B 94 -4.40 12.67 -25.30
CA ALA B 94 -5.12 11.74 -26.17
C ALA B 94 -4.27 11.34 -27.38
N LEU B 95 -3.46 12.25 -27.92
CA LEU B 95 -2.77 11.97 -29.17
C LEU B 95 -1.38 11.36 -29.00
N ALA B 96 -0.78 11.43 -27.81
CA ALA B 96 0.59 11.00 -27.66
C ALA B 96 0.69 9.47 -27.61
N PRO B 97 1.77 8.90 -28.15
CA PRO B 97 1.96 7.43 -28.11
C PRO B 97 2.62 6.98 -26.81
N VAL B 98 1.84 7.01 -25.74
CA VAL B 98 2.32 6.54 -24.42
C VAL B 98 1.29 5.52 -23.95
N SER B 99 1.75 4.42 -23.35
CA SER B 99 0.85 3.36 -22.89
C SER B 99 0.21 3.74 -21.56
N GLY B 100 -1.11 3.65 -21.50
CA GLY B 100 -1.83 3.99 -20.29
C GLY B 100 -2.14 5.47 -20.23
N GLN B 101 -2.44 5.93 -19.01
CA GLN B 101 -2.84 7.31 -18.80
C GLN B 101 -1.68 8.26 -19.09
N ALA B 102 -1.96 9.30 -19.87
CA ALA B 102 -0.96 10.28 -20.26
C ALA B 102 -1.16 11.57 -19.48
N LYS B 103 -0.04 12.27 -19.24
CA LYS B 103 -0.06 13.62 -18.68
C LYS B 103 0.94 14.47 -19.44
N THR B 104 0.65 15.77 -19.51
CA THR B 104 1.43 16.70 -20.33
C THR B 104 1.72 17.97 -19.57
N ALA B 105 2.97 18.41 -19.61
CA ALA B 105 3.39 19.71 -19.12
C ALA B 105 3.99 20.53 -20.26
N PHE B 106 3.91 21.85 -20.13
CA PHE B 106 4.39 22.75 -21.18
C PHE B 106 5.49 23.64 -20.65
N PHE B 107 6.51 23.83 -21.48
CA PHE B 107 7.61 24.74 -21.20
C PHE B 107 7.78 25.58 -22.47
N THR B 108 8.96 26.17 -22.65
CA THR B 108 9.14 27.13 -23.73
C THR B 108 10.07 26.66 -24.83
N THR B 109 11.25 26.15 -24.50
CA THR B 109 12.19 25.70 -25.52
C THR B 109 12.35 24.19 -25.47
N GLY B 110 12.78 23.63 -26.61
CA GLY B 110 12.99 22.20 -26.68
C GLY B 110 14.05 21.71 -25.70
N ALA B 111 15.09 22.52 -25.50
CA ALA B 111 16.07 22.20 -24.46
C ALA B 111 15.41 22.13 -23.10
N GLU B 112 14.53 23.08 -22.78
CA GLU B 112 13.76 22.99 -21.54
C GLU B 112 12.97 21.70 -21.47
N ALA B 113 12.39 21.28 -22.60
CA ALA B 113 11.61 20.06 -22.61
C ALA B 113 12.47 18.85 -22.27
N VAL B 114 13.63 18.73 -22.90
CA VAL B 114 14.53 17.61 -22.60
C VAL B 114 15.02 17.69 -21.16
N GLU B 115 15.34 18.90 -20.69
CA GLU B 115 15.79 19.07 -19.31
C GLU B 115 14.73 18.56 -18.35
N ASN B 116 13.46 18.89 -18.59
CA ASN B 116 12.40 18.47 -17.70
C ASN B 116 12.11 16.98 -17.83
N ALA B 117 12.27 16.41 -19.02
CA ALA B 117 12.16 14.96 -19.15
C ALA B 117 13.21 14.25 -18.30
N VAL B 118 14.45 14.74 -18.36
CA VAL B 118 15.51 14.15 -17.54
C VAL B 118 15.23 14.36 -16.05
N LYS B 119 14.71 15.54 -15.70
CA LYS B 119 14.36 15.79 -14.31
C LYS B 119 13.30 14.81 -13.82
N ILE B 120 12.27 14.60 -14.63
CA ILE B 120 11.20 13.67 -14.29
C ILE B 120 11.75 12.26 -14.13
N ALA B 121 12.61 11.83 -15.05
CA ALA B 121 13.18 10.49 -14.96
C ALA B 121 14.01 10.32 -13.69
N ARG B 122 14.83 11.34 -13.36
CA ARG B 122 15.64 11.25 -12.14
C ARG B 122 14.77 11.23 -10.89
N ALA B 123 13.69 12.00 -10.88
CA ALA B 123 12.79 12.00 -9.73
C ALA B 123 12.09 10.66 -9.59
N HIS B 124 11.62 10.09 -10.69
CA HIS B 124 10.89 8.84 -10.62
C HIS B 124 11.78 7.68 -10.19
N THR B 125 12.99 7.60 -10.76
CA THR B 125 13.87 6.46 -10.50
C THR B 125 14.83 6.69 -9.33
N GLY B 126 15.13 7.95 -9.00
CA GLY B 126 16.15 8.20 -8.00
C GLY B 126 17.56 7.90 -8.45
N ARG B 127 17.79 7.79 -9.75
CA ARG B 127 19.07 7.42 -10.32
C ARG B 127 19.69 8.61 -11.05
N PRO B 128 21.01 8.58 -11.25
CA PRO B 128 21.66 9.69 -11.98
C PRO B 128 21.80 9.49 -13.48
N GLY B 129 21.93 8.25 -13.94
CA GLY B 129 22.48 8.01 -15.27
C GLY B 129 21.53 8.35 -16.41
N VAL B 130 22.12 8.82 -17.51
CA VAL B 130 21.40 9.02 -18.76
C VAL B 130 22.27 8.51 -19.92
N ILE B 131 21.66 7.70 -20.79
CA ILE B 131 22.30 7.18 -21.99
C ILE B 131 21.64 7.82 -23.21
N ALA B 132 22.47 8.36 -24.09
CA ALA B 132 22.04 8.97 -25.35
C ALA B 132 22.81 8.32 -26.49
N PHE B 133 22.52 8.77 -27.71
CA PHE B 133 23.14 8.21 -28.90
C PHE B 133 24.06 9.23 -29.57
N SER B 134 25.11 8.72 -30.20
CA SER B 134 26.00 9.57 -30.99
C SER B 134 25.22 10.20 -32.13
N GLY B 135 25.58 11.45 -32.46
CA GLY B 135 24.91 12.17 -33.50
C GLY B 135 23.59 12.80 -33.10
N GLY B 136 23.10 12.54 -31.89
CA GLY B 136 21.86 13.13 -31.46
C GLY B 136 22.05 14.58 -31.01
N PHE B 137 21.00 15.37 -31.23
CA PHE B 137 20.96 16.74 -30.74
C PHE B 137 19.75 16.90 -29.83
N HIS B 138 19.98 17.45 -28.64
CA HIS B 138 18.91 17.59 -27.65
C HIS B 138 18.86 18.97 -27.02
N GLY B 139 19.75 19.88 -27.38
CA GLY B 139 19.68 21.23 -26.87
C GLY B 139 21.03 21.81 -26.54
N ARG B 140 21.09 23.12 -26.31
CA ARG B 140 22.35 23.82 -26.07
C ARG B 140 22.56 24.20 -24.61
N THR B 141 21.69 23.77 -23.70
CA THR B 141 21.95 23.96 -22.29
C THR B 141 22.95 22.92 -21.79
N TYR B 142 23.36 23.08 -20.53
CA TYR B 142 24.44 22.25 -19.99
C TYR B 142 24.09 20.77 -20.07
N MET B 143 22.97 20.38 -19.46
CA MET B 143 22.57 18.98 -19.49
C MET B 143 22.27 18.52 -20.92
N THR B 144 21.61 19.36 -21.72
CA THR B 144 21.27 18.95 -23.07
C THR B 144 22.49 18.98 -23.99
N MET B 145 23.49 19.82 -23.72
CA MET B 145 24.76 19.67 -24.40
C MET B 145 25.37 18.31 -24.06
N ALA B 146 25.41 17.97 -22.77
CA ALA B 146 25.94 16.68 -22.36
C ALA B 146 25.24 15.54 -23.10
N LEU B 147 23.92 15.61 -23.23
CA LEU B 147 23.20 14.56 -23.93
C LEU B 147 23.44 14.61 -25.43
N THR B 148 23.72 15.79 -25.97
CA THR B 148 24.00 15.93 -27.39
C THR B 148 25.22 15.12 -27.77
N GLY B 149 25.12 14.35 -28.85
CA GLY B 149 26.17 13.44 -29.25
C GLY B 149 27.03 13.96 -30.39
N LYS B 150 27.20 15.28 -30.47
CA LYS B 150 28.05 15.88 -31.49
C LYS B 150 28.86 16.98 -30.81
N VAL B 151 30.17 16.74 -30.62
CA VAL B 151 31.00 17.67 -29.86
C VAL B 151 31.16 18.99 -30.60
N ALA B 152 31.49 18.92 -31.89
CA ALA B 152 31.72 20.13 -32.68
C ALA B 152 30.46 20.49 -33.44
N PRO B 153 29.94 21.72 -33.29
CA PRO B 153 30.50 22.79 -32.46
C PRO B 153 29.76 23.00 -31.14
N TYR B 154 28.82 22.10 -30.83
CA TYR B 154 27.85 22.35 -29.76
C TYR B 154 28.51 22.36 -28.37
N LYS B 155 29.61 21.62 -28.19
CA LYS B 155 30.21 21.42 -26.89
C LYS B 155 31.62 21.98 -26.76
N ILE B 156 32.12 22.64 -27.81
CA ILE B 156 33.50 23.13 -27.79
C ILE B 156 33.63 24.22 -26.73
N GLY B 157 34.48 23.99 -25.74
CA GLY B 157 34.82 24.98 -24.75
C GLY B 157 33.85 25.12 -23.58
N PHE B 158 32.83 24.27 -23.50
CA PHE B 158 31.79 24.42 -22.49
C PHE B 158 31.89 23.38 -21.37
N GLY B 159 32.86 22.47 -21.45
CA GLY B 159 33.05 21.49 -20.40
C GLY B 159 33.63 22.10 -19.15
N PRO B 160 33.78 21.26 -18.11
CA PRO B 160 33.49 19.82 -18.08
C PRO B 160 31.99 19.50 -18.03
N PHE B 161 31.65 18.31 -18.49
CA PHE B 161 30.28 17.86 -18.58
C PHE B 161 29.94 16.87 -17.46
N PRO B 162 28.65 16.73 -17.13
CA PRO B 162 28.28 15.91 -15.97
C PRO B 162 28.63 14.45 -16.16
N GLY B 163 28.84 13.77 -15.03
CA GLY B 163 29.07 12.36 -15.05
C GLY B 163 27.79 11.58 -15.25
N SER B 164 27.96 10.28 -15.43
CA SER B 164 26.83 9.38 -15.60
C SER B 164 26.02 9.68 -16.87
N VAL B 165 26.60 10.43 -17.80
CA VAL B 165 25.98 10.66 -19.10
C VAL B 165 26.85 10.01 -20.16
N TYR B 166 26.29 9.04 -20.88
CA TYR B 166 27.08 8.26 -21.84
C TYR B 166 26.38 8.22 -23.18
N HIS B 167 27.14 7.79 -24.20
CA HIS B 167 26.63 7.71 -25.56
C HIS B 167 26.95 6.35 -26.16
N VAL B 168 26.00 5.85 -26.95
CA VAL B 168 26.19 4.62 -27.72
C VAL B 168 25.95 4.95 -29.20
N PRO B 169 26.54 4.21 -30.14
CA PRO B 169 26.35 4.55 -31.56
C PRO B 169 24.95 4.24 -32.04
N TYR B 170 24.52 5.02 -33.03
CA TYR B 170 23.20 4.95 -33.66
C TYR B 170 23.28 4.14 -34.95
N PRO B 171 22.36 3.21 -35.19
CA PRO B 171 22.46 2.37 -36.39
C PRO B 171 22.42 3.20 -37.67
N SER B 172 23.40 2.95 -38.54
CA SER B 172 23.51 3.63 -39.82
C SER B 172 24.02 2.65 -40.86
N ASP B 173 23.22 2.45 -41.92
CA ASP B 173 23.63 1.53 -42.98
C ASP B 173 24.94 1.95 -43.62
N LEU B 174 25.12 3.25 -43.84
CA LEU B 174 26.27 3.74 -44.58
C LEU B 174 27.57 3.66 -43.79
N HIS B 175 27.50 3.71 -42.46
CA HIS B 175 28.70 3.71 -41.63
C HIS B 175 28.93 2.38 -40.92
N GLY B 176 28.23 1.33 -41.33
CA GLY B 176 28.48 0.01 -40.80
C GLY B 176 28.09 -0.19 -39.36
N ILE B 177 27.14 0.59 -38.85
CA ILE B 177 26.68 0.47 -37.47
C ILE B 177 25.30 -0.16 -37.51
N SER B 178 25.15 -1.32 -36.85
CA SER B 178 23.88 -2.02 -36.79
C SER B 178 23.22 -1.81 -35.44
N THR B 179 21.96 -2.24 -35.36
CA THR B 179 21.27 -2.26 -34.07
C THR B 179 22.07 -3.05 -33.04
N GLN B 180 22.66 -4.16 -33.45
CA GLN B 180 23.43 -4.98 -32.52
C GLN B 180 24.66 -4.25 -32.00
N ASP B 181 25.28 -3.42 -32.84
CA ASP B 181 26.38 -2.59 -32.35
C ASP B 181 25.93 -1.69 -31.22
N SER B 182 24.75 -1.07 -31.37
CA SER B 182 24.19 -0.22 -30.32
C SER B 182 23.95 -1.04 -29.05
N LEU B 183 23.32 -2.20 -29.19
CA LEU B 183 23.01 -3.02 -28.01
C LEU B 183 24.27 -3.48 -27.31
N ASP B 184 25.31 -3.84 -28.08
CA ASP B 184 26.58 -4.25 -27.51
C ASP B 184 27.23 -3.09 -26.76
N ALA B 185 27.14 -1.88 -27.31
CA ALA B 185 27.70 -0.72 -26.61
C ALA B 185 26.95 -0.44 -25.32
N ILE B 186 25.61 -0.61 -25.34
CA ILE B 186 24.83 -0.42 -24.11
C ILE B 186 25.23 -1.44 -23.07
N GLU B 187 25.43 -2.69 -23.48
CA GLU B 187 25.88 -3.71 -22.53
C GLU B 187 27.27 -3.40 -22.00
N ARG B 188 28.16 -2.91 -22.86
CA ARG B 188 29.49 -2.51 -22.40
C ARG B 188 29.40 -1.39 -21.38
N LEU B 189 28.45 -0.47 -21.56
CA LEU B 189 28.20 0.53 -20.53
C LEU B 189 27.79 -0.12 -19.22
N PHE B 190 26.83 -1.04 -19.28
CA PHE B 190 26.36 -1.71 -18.06
C PHE B 190 27.47 -2.47 -17.36
N LYS B 191 28.44 -2.97 -18.12
CA LYS B 191 29.52 -3.80 -17.58
C LYS B 191 30.77 -3.00 -17.24
N SER B 192 30.89 -1.76 -17.69
CA SER B 192 32.15 -1.04 -17.53
C SER B 192 31.99 0.31 -16.87
N ASP B 193 30.89 1.01 -17.15
CA ASP B 193 30.75 2.41 -16.75
C ASP B 193 29.77 2.62 -15.62
N ILE B 194 28.55 2.08 -15.72
CA ILE B 194 27.51 2.41 -14.76
C ILE B 194 26.55 1.25 -14.66
N GLU B 195 26.08 0.97 -13.45
CA GLU B 195 25.09 -0.08 -13.24
C GLU B 195 23.82 0.22 -14.01
N ALA B 196 23.20 -0.83 -14.55
CA ALA B 196 21.91 -0.65 -15.21
C ALA B 196 20.88 -0.05 -14.25
N LYS B 197 20.87 -0.54 -13.00
CA LYS B 197 19.96 -0.04 -11.97
C LYS B 197 20.29 1.36 -11.51
N GLN B 198 21.31 2.00 -12.08
CA GLN B 198 21.66 3.38 -11.76
C GLN B 198 21.43 4.33 -12.93
N VAL B 199 20.83 3.86 -14.01
CA VAL B 199 20.54 4.67 -15.19
C VAL B 199 19.09 5.10 -15.13
N ALA B 200 18.85 6.42 -15.10
CA ALA B 200 17.49 6.94 -14.99
C ALA B 200 16.75 6.90 -16.32
N ALA B 201 17.43 7.13 -17.44
CA ALA B 201 16.72 7.25 -18.71
C ALA B 201 17.64 6.89 -19.86
N ILE B 202 17.01 6.44 -20.94
CA ILE B 202 17.63 6.35 -22.26
C ILE B 202 16.82 7.22 -23.19
N ILE B 203 17.47 8.21 -23.81
CA ILE B 203 16.80 9.19 -24.65
C ILE B 203 17.28 9.03 -26.07
N PHE B 204 16.35 9.04 -27.02
CA PHE B 204 16.71 8.81 -28.40
C PHE B 204 15.73 9.55 -29.30
N GLU B 205 16.19 9.89 -30.48
CA GLU B 205 15.30 10.44 -31.50
C GLU B 205 14.86 9.33 -32.44
N PRO B 206 13.56 9.18 -32.70
CA PRO B 206 13.14 8.22 -33.72
C PRO B 206 13.77 8.50 -35.08
N VAL B 207 13.91 9.78 -35.44
CA VAL B 207 14.68 10.20 -36.60
C VAL B 207 15.62 11.31 -36.12
N GLN B 208 16.93 11.06 -36.19
CA GLN B 208 17.90 12.04 -35.74
C GLN B 208 17.84 13.29 -36.60
N GLY B 209 17.70 14.45 -35.97
CA GLY B 209 17.64 15.71 -36.68
C GLY B 209 18.96 16.12 -37.30
N GLU B 210 19.85 16.70 -36.49
CA GLU B 210 21.15 17.11 -36.96
C GLU B 210 22.07 15.94 -37.30
N GLY B 211 21.65 14.71 -37.00
CA GLY B 211 22.46 13.54 -37.27
C GLY B 211 22.48 13.07 -38.71
N GLY B 212 21.53 13.53 -39.53
CA GLY B 212 21.50 13.14 -40.92
C GLY B 212 20.23 12.39 -41.29
N PHE B 213 19.18 12.57 -40.49
CA PHE B 213 17.89 11.93 -40.68
C PHE B 213 18.01 10.42 -40.72
N ASN B 214 18.82 9.87 -39.82
CA ASN B 214 18.93 8.42 -39.68
C ASN B 214 17.71 7.89 -38.94
N VAL B 215 17.06 6.87 -39.50
CA VAL B 215 15.83 6.33 -38.94
C VAL B 215 16.18 5.19 -37.99
N ALA B 216 15.60 5.23 -36.79
CA ALA B 216 15.82 4.17 -35.82
C ALA B 216 15.18 2.88 -36.34
N PRO B 217 15.94 1.79 -36.46
CA PRO B 217 15.33 0.52 -36.88
C PRO B 217 14.33 0.04 -35.84
N LYS B 218 13.33 -0.71 -36.31
CA LYS B 218 12.28 -1.18 -35.41
C LYS B 218 12.86 -2.06 -34.30
N GLU B 219 13.88 -2.86 -34.63
CA GLU B 219 14.52 -3.71 -33.63
C GLU B 219 15.22 -2.89 -32.56
N LEU B 220 15.80 -1.75 -32.93
CA LEU B 220 16.45 -0.88 -31.95
C LEU B 220 15.43 -0.33 -30.95
N VAL B 221 14.29 0.16 -31.44
CA VAL B 221 13.27 0.69 -30.55
C VAL B 221 12.72 -0.43 -29.67
N ALA B 222 12.51 -1.62 -30.23
CA ALA B 222 12.03 -2.73 -29.42
C ALA B 222 13.04 -3.11 -28.35
N ALA B 223 14.33 -3.07 -28.67
CA ALA B 223 15.34 -3.41 -27.69
C ALA B 223 15.42 -2.34 -26.61
N ILE B 224 15.24 -1.08 -26.98
CA ILE B 224 15.21 -0.01 -25.98
C ILE B 224 14.03 -0.21 -25.02
N ARG B 225 12.85 -0.48 -25.57
CA ARG B 225 11.69 -0.73 -24.72
C ARG B 225 11.91 -1.93 -23.81
N ARG B 226 12.51 -3.00 -24.35
CA ARG B 226 12.74 -4.20 -23.55
C ARG B 226 13.74 -3.94 -22.42
N LEU B 227 14.85 -3.27 -22.75
CA LEU B 227 15.85 -2.96 -21.72
C LEU B 227 15.29 -2.03 -20.66
N CYS B 228 14.44 -1.08 -21.06
CA CYS B 228 13.88 -0.15 -20.08
C CYS B 228 12.87 -0.85 -19.18
N ASP B 229 12.03 -1.74 -19.73
CA ASP B 229 11.13 -2.52 -18.89
C ASP B 229 11.91 -3.45 -17.98
N GLU B 230 13.00 -4.03 -18.48
CA GLU B 230 13.79 -4.98 -17.71
C GLU B 230 14.48 -4.30 -16.55
N HIS B 231 15.05 -3.11 -16.76
CA HIS B 231 15.90 -2.47 -15.77
C HIS B 231 15.24 -1.28 -15.08
N GLY B 232 13.95 -1.05 -15.31
CA GLY B 232 13.28 0.07 -14.68
C GLY B 232 13.76 1.43 -15.13
N ILE B 233 14.26 1.52 -16.36
CA ILE B 233 14.81 2.75 -16.93
C ILE B 233 13.70 3.48 -17.69
N VAL B 234 13.73 4.80 -17.65
CA VAL B 234 12.72 5.58 -18.35
C VAL B 234 13.12 5.72 -19.82
N MET B 235 12.18 5.38 -20.71
CA MET B 235 12.40 5.47 -22.15
C MET B 235 11.90 6.83 -22.63
N ILE B 236 12.82 7.67 -23.12
CA ILE B 236 12.52 9.01 -23.57
C ILE B 236 12.69 9.09 -25.07
N ALA B 237 11.66 9.55 -25.77
CA ALA B 237 11.67 9.80 -27.19
C ALA B 237 11.69 11.30 -27.43
N ASP B 238 12.74 11.78 -28.06
CA ASP B 238 12.89 13.19 -28.40
C ASP B 238 12.24 13.40 -29.76
N GLU B 239 11.01 13.93 -29.74
CA GLU B 239 10.27 14.25 -30.96
C GLU B 239 10.19 15.75 -31.20
N VAL B 240 11.16 16.50 -30.67
CA VAL B 240 11.17 17.95 -30.83
C VAL B 240 11.21 18.32 -32.31
N GLN B 241 12.08 17.66 -33.07
CA GLN B 241 12.19 17.94 -34.49
C GLN B 241 11.32 17.02 -35.34
N SER B 242 11.16 15.76 -34.94
CA SER B 242 10.42 14.80 -35.74
C SER B 242 8.91 14.88 -35.54
N GLY B 243 8.45 15.66 -34.56
CA GLY B 243 7.04 15.65 -34.22
C GLY B 243 6.16 16.42 -35.20
N PHE B 244 4.87 16.14 -35.05
CA PHE B 244 3.80 16.90 -35.70
C PHE B 244 3.80 16.80 -37.23
N ALA B 245 3.38 15.64 -37.75
CA ALA B 245 3.14 15.25 -39.14
C ALA B 245 4.39 15.20 -40.01
N ARG B 246 5.57 15.58 -39.50
CA ARG B 246 6.74 15.66 -40.38
C ARG B 246 7.13 14.29 -40.94
N THR B 247 6.93 13.22 -40.18
CA THR B 247 7.37 11.89 -40.58
C THR B 247 6.32 11.09 -41.34
N GLY B 248 5.15 11.67 -41.63
CA GLY B 248 4.09 10.98 -42.30
C GLY B 248 3.00 10.46 -41.38
N LYS B 249 3.32 10.36 -40.05
CA LYS B 249 2.28 10.25 -39.04
C LYS B 249 2.46 11.40 -38.07
N LEU B 250 1.50 11.56 -37.15
CA LEU B 250 1.53 12.72 -36.27
C LEU B 250 2.85 12.80 -35.52
N PHE B 251 3.25 11.72 -34.86
CA PHE B 251 4.57 11.63 -34.26
C PHE B 251 5.32 10.47 -34.90
N ALA B 252 6.66 10.54 -34.80
CA ALA B 252 7.49 9.50 -35.41
C ALA B 252 7.27 8.17 -34.72
N MET B 253 7.04 8.19 -33.40
CA MET B 253 6.83 6.95 -32.66
C MET B 253 5.60 6.20 -33.11
N ASP B 254 4.68 6.85 -33.82
CA ASP B 254 3.52 6.16 -34.38
C ASP B 254 3.91 5.15 -35.46
N HIS B 255 5.14 5.20 -35.97
CA HIS B 255 5.62 4.21 -36.93
C HIS B 255 6.08 2.92 -36.26
N TYR B 256 6.08 2.84 -34.94
CA TYR B 256 6.59 1.69 -34.21
C TYR B 256 5.54 1.16 -33.26
N ALA B 257 5.70 -0.10 -32.86
CA ALA B 257 4.74 -0.73 -31.97
C ALA B 257 5.05 -0.47 -30.51
N ASP B 258 6.32 -0.24 -30.17
CA ASP B 258 6.71 0.07 -28.80
C ASP B 258 6.47 1.54 -28.50
N LYS B 259 5.99 1.83 -27.30
CA LYS B 259 5.68 3.19 -26.90
C LYS B 259 6.66 3.66 -25.83
N PRO B 260 7.15 4.90 -25.93
CA PRO B 260 8.07 5.41 -24.92
C PRO B 260 7.34 5.83 -23.66
N ASP B 261 8.11 5.95 -22.58
CA ASP B 261 7.57 6.43 -21.32
C ASP B 261 7.36 7.94 -21.34
N LEU B 262 8.31 8.69 -21.91
CA LEU B 262 8.22 10.13 -22.04
C LEU B 262 8.54 10.52 -23.47
N MET B 263 7.94 11.63 -23.92
CA MET B 263 8.17 12.18 -25.25
C MET B 263 8.27 13.68 -25.15
N THR B 264 9.30 14.25 -25.75
CA THR B 264 9.50 15.69 -25.74
C THR B 264 9.08 16.27 -27.10
N MET B 265 8.46 17.44 -27.05
CA MET B 265 7.93 18.10 -28.24
C MET B 265 8.31 19.56 -28.22
N ALA B 266 8.52 20.13 -29.41
CA ALA B 266 8.75 21.55 -29.58
C ALA B 266 8.69 21.91 -31.05
N SER B 268 7.81 22.55 -34.30
CA SER B 268 6.57 22.65 -35.05
C SER B 268 5.31 22.55 -34.19
N LEU B 269 5.51 22.25 -32.90
CA LEU B 269 4.37 22.16 -31.98
C LEU B 269 3.52 23.43 -31.99
N ALA B 270 4.16 24.59 -32.09
CA ALA B 270 3.44 25.86 -32.10
C ALA B 270 3.58 26.61 -33.43
N GLY B 271 4.17 26.00 -34.44
CA GLY B 271 4.13 26.57 -35.79
C GLY B 271 4.73 27.95 -35.90
N GLY B 272 5.86 28.19 -35.23
CA GLY B 272 6.50 29.48 -35.25
C GLY B 272 6.29 30.32 -34.01
N MET B 273 5.82 29.73 -32.91
CA MET B 273 5.70 30.41 -31.64
C MET B 273 6.48 29.65 -30.56
N PRO B 274 6.99 30.35 -29.54
CA PRO B 274 7.81 29.67 -28.53
C PRO B 274 7.01 28.78 -27.59
N LEU B 275 7.07 27.46 -27.83
CA LEU B 275 6.38 26.50 -26.96
C LEU B 275 7.07 25.16 -27.06
N SER B 276 7.24 24.51 -25.91
CA SER B 276 7.70 23.13 -25.85
C SER B 276 6.84 22.37 -24.85
N GLY B 277 7.03 21.07 -24.79
CA GLY B 277 6.22 20.26 -23.91
C GLY B 277 6.80 18.88 -23.70
N VAL B 278 6.36 18.25 -22.62
CA VAL B 278 6.68 16.87 -22.29
C VAL B 278 5.36 16.15 -22.06
N VAL B 279 5.19 14.99 -22.68
CA VAL B 279 4.02 14.16 -22.47
C VAL B 279 4.49 12.75 -22.13
N GLY B 280 3.78 12.08 -21.23
CA GLY B 280 4.19 10.72 -20.95
C GLY B 280 3.32 10.06 -19.91
N ASN B 281 3.75 8.86 -19.52
CA ASN B 281 3.12 8.05 -18.49
C ASN B 281 2.80 8.89 -17.26
N ALA B 282 1.52 8.91 -16.87
CA ALA B 282 1.07 9.80 -15.81
C ALA B 282 1.78 9.50 -14.49
N ASN B 283 1.91 8.22 -14.13
CA ASN B 283 2.57 7.88 -12.88
C ASN B 283 4.01 8.37 -12.88
N ILE B 284 4.69 8.29 -14.02
CA ILE B 284 6.06 8.78 -14.10
C ILE B 284 6.08 10.30 -14.06
N MET B 285 5.17 10.95 -14.79
CA MET B 285 5.13 12.41 -14.81
C MET B 285 4.87 12.99 -13.43
N ASP B 286 4.08 12.31 -12.59
CA ASP B 286 3.76 12.84 -11.28
C ASP B 286 4.88 12.69 -10.26
N ALA B 287 6.03 12.11 -10.65
CA ALA B 287 7.10 11.86 -9.68
C ALA B 287 7.60 13.13 -9.00
N PRO B 288 7.90 14.23 -9.70
CA PRO B 288 8.32 15.44 -8.99
C PRO B 288 7.19 16.02 -8.15
N ALA B 289 7.56 16.54 -6.97
CA ALA B 289 6.58 17.12 -6.06
C ALA B 289 6.12 18.47 -6.58
N PRO B 290 4.99 18.98 -6.07
CA PRO B 290 4.54 20.33 -6.47
C PRO B 290 5.63 21.37 -6.20
N GLY B 291 5.87 22.22 -7.20
CA GLY B 291 6.92 23.20 -7.13
C GLY B 291 8.25 22.76 -7.70
N GLY B 292 8.37 21.49 -8.10
CA GLY B 292 9.61 20.99 -8.68
C GLY B 292 9.78 21.28 -10.16
N LEU B 293 8.68 21.55 -10.86
CA LEU B 293 8.71 21.89 -12.26
C LEU B 293 8.11 23.28 -12.46
N GLY B 294 8.56 23.96 -13.51
CA GLY B 294 8.03 25.27 -13.79
C GLY B 294 8.83 25.98 -14.86
N GLY B 295 8.54 27.28 -15.00
CA GLY B 295 9.13 28.11 -16.02
C GLY B 295 8.29 29.35 -16.22
N THR B 296 8.93 30.52 -16.20
CA THR B 296 8.18 31.80 -16.27
C THR B 296 7.32 31.88 -17.55
N TYR B 297 7.95 31.73 -18.71
CA TYR B 297 7.26 31.81 -20.02
C TYR B 297 6.57 30.50 -20.37
N ALA B 298 6.83 29.46 -19.58
CA ALA B 298 6.25 28.11 -19.81
C ALA B 298 4.76 28.18 -20.13
N GLY B 299 4.37 27.65 -21.29
CA GLY B 299 2.98 27.60 -21.72
C GLY B 299 2.44 28.96 -22.10
N ASN B 300 3.19 29.73 -22.86
CA ASN B 300 2.80 31.08 -23.19
C ASN B 300 1.44 31.09 -23.90
N PRO B 301 0.47 31.87 -23.42
CA PRO B 301 -0.89 31.83 -24.01
C PRO B 301 -0.94 31.95 -25.53
N LEU B 302 -0.14 32.86 -26.11
CA LEU B 302 -0.12 33.02 -27.55
C LEU B 302 0.38 31.75 -28.24
N ALA B 303 1.48 31.19 -27.72
CA ALA B 303 2.02 29.94 -28.27
C ALA B 303 1.05 28.78 -28.08
N VAL B 304 0.32 28.76 -26.97
CA VAL B 304 -0.66 27.70 -26.76
C VAL B 304 -1.79 27.80 -27.78
N ALA B 305 -2.29 29.02 -28.01
CA ALA B 305 -3.32 29.20 -29.03
C ALA B 305 -2.81 28.76 -30.40
N ALA B 306 -1.55 29.10 -30.71
CA ALA B 306 -0.97 28.68 -31.98
C ALA B 306 -0.86 27.17 -32.07
N ALA B 307 -0.56 26.50 -30.94
CA ALA B 307 -0.45 25.04 -30.98
C ALA B 307 -1.80 24.38 -31.20
N HIS B 308 -2.85 24.93 -30.59
CA HIS B 308 -4.21 24.50 -30.93
C HIS B 308 -4.46 24.64 -32.42
N ALA B 309 -4.13 25.81 -32.97
CA ALA B 309 -4.31 26.02 -34.40
C ALA B 309 -3.52 25.00 -35.20
N VAL B 310 -2.34 24.63 -34.73
CA VAL B 310 -1.47 23.71 -35.46
C VAL B 310 -2.08 22.32 -35.52
N LEU B 311 -2.59 21.84 -34.38
CA LEU B 311 -3.29 20.55 -34.38
C LEU B 311 -4.49 20.57 -35.30
N ASN B 312 -5.29 21.61 -35.24
CA ASN B 312 -6.46 21.69 -36.12
C ASN B 312 -6.06 21.74 -37.59
N ILE B 313 -4.98 22.46 -37.92
CA ILE B 313 -4.54 22.56 -39.31
C ILE B 313 -4.07 21.21 -39.83
N ILE B 314 -3.26 20.51 -39.02
CA ILE B 314 -2.79 19.18 -39.42
C ILE B 314 -3.99 18.27 -39.70
N ASP B 315 -5.05 18.41 -38.91
CA ASP B 315 -6.23 17.59 -39.16
C ASP B 315 -6.95 18.02 -40.44
N LYS B 316 -7.22 19.32 -40.59
CA LYS B 316 -8.06 19.80 -41.69
C LYS B 316 -7.38 19.66 -43.05
N GLU B 317 -6.06 19.81 -43.10
CA GLU B 317 -5.34 19.75 -44.37
C GLU B 317 -4.65 18.42 -44.59
N SER B 318 -4.84 17.45 -43.69
CA SER B 318 -4.30 16.10 -43.85
C SER B 318 -2.79 16.13 -44.08
N LEU B 319 -2.04 16.83 -43.17
CA LEU B 319 -0.62 17.09 -43.38
C LEU B 319 0.23 15.84 -43.20
N CYS B 320 -0.23 14.88 -42.40
CA CYS B 320 0.40 13.57 -42.34
C CYS B 320 0.41 12.93 -43.71
N GLU B 321 -0.76 12.83 -44.34
CA GLU B 321 -0.85 12.32 -45.70
C GLU B 321 0.07 13.11 -46.65
N ARG B 322 0.11 14.43 -46.52
CA ARG B 322 0.85 15.26 -47.46
C ARG B 322 2.35 15.11 -47.28
N ALA B 323 2.80 14.95 -46.04
CA ALA B 323 4.20 14.64 -45.77
C ALA B 323 4.64 13.41 -46.54
N ASN B 324 3.82 12.35 -46.50
CA ASN B 324 4.15 11.13 -47.25
C ASN B 324 4.30 11.41 -48.74
N GLN B 325 3.36 12.18 -49.31
CA GLN B 325 3.37 12.42 -50.76
C GLN B 325 4.57 13.26 -51.17
N LEU B 326 4.79 14.38 -50.49
CA LEU B 326 5.93 15.23 -50.81
C LEU B 326 7.23 14.47 -50.61
N GLY B 327 7.31 13.64 -49.57
CA GLY B 327 8.50 12.84 -49.37
C GLY B 327 8.77 11.89 -50.51
N GLN B 328 7.73 11.20 -50.98
CA GLN B 328 7.93 10.29 -52.11
C GLN B 328 8.38 11.04 -53.35
N ARG B 329 7.78 12.20 -53.62
CA ARG B 329 8.16 12.96 -54.81
C ARG B 329 9.61 13.43 -54.71
N LEU B 330 10.03 13.88 -53.52
CA LEU B 330 11.42 14.29 -53.32
C LEU B 330 12.36 13.11 -53.49
N LYS B 331 11.99 11.95 -52.94
CA LYS B 331 12.82 10.76 -53.09
C LYS B 331 12.97 10.38 -54.56
N ASN B 332 11.88 10.48 -55.33
CA ASN B 332 11.95 10.14 -56.75
C ASN B 332 12.86 11.10 -57.50
N THR B 333 12.78 12.39 -57.17
CA THR B 333 13.68 13.35 -57.80
C THR B 333 15.14 13.03 -57.50
N LEU B 334 15.43 12.73 -56.22
CA LEU B 334 16.81 12.40 -55.86
C LEU B 334 17.26 11.10 -56.54
N ILE B 335 16.37 10.14 -56.72
CA ILE B 335 16.72 8.91 -57.42
C ILE B 335 17.05 9.19 -58.88
N ASP B 336 16.21 10.00 -59.54
CA ASP B 336 16.49 10.37 -60.93
C ASP B 336 17.82 11.10 -61.07
N ALA B 337 18.17 11.91 -60.07
CA ALA B 337 19.45 12.61 -60.13
C ALA B 337 20.62 11.71 -59.75
N LYS B 338 20.36 10.61 -59.05
CA LYS B 338 21.43 9.70 -58.61
C LYS B 338 22.25 9.14 -59.78
N GLU B 339 21.69 9.15 -61.00
CA GLU B 339 22.38 8.57 -62.14
C GLU B 339 23.43 9.52 -62.71
N SER B 340 23.02 10.75 -63.02
CA SER B 340 23.95 11.72 -63.60
C SER B 340 24.91 12.29 -62.56
N VAL B 341 24.60 12.18 -61.28
CA VAL B 341 25.46 12.66 -60.21
C VAL B 341 25.81 11.47 -59.30
N PRO B 342 26.98 10.87 -59.48
CA PRO B 342 27.35 9.73 -58.63
C PRO B 342 27.60 10.11 -57.19
N ALA B 343 27.85 11.39 -56.89
CA ALA B 343 28.15 11.81 -55.53
C ALA B 343 27.03 11.48 -54.55
N ILE B 344 25.80 11.33 -55.02
CA ILE B 344 24.68 10.96 -54.16
C ILE B 344 24.93 9.56 -53.62
N ALA B 345 25.22 9.47 -52.32
CA ALA B 345 25.53 8.19 -51.70
C ALA B 345 24.38 7.61 -50.90
N ALA B 346 23.46 8.43 -50.40
CA ALA B 346 22.33 7.88 -49.67
C ALA B 346 21.15 8.85 -49.73
N VAL B 347 19.94 8.30 -49.72
CA VAL B 347 18.71 9.06 -49.61
C VAL B 347 17.85 8.37 -48.57
N ARG B 348 17.73 8.97 -47.39
CA ARG B 348 17.07 8.32 -46.26
C ARG B 348 16.04 9.24 -45.65
N GLY B 349 15.25 8.69 -44.73
CA GLY B 349 14.31 9.46 -43.94
C GLY B 349 12.95 8.81 -43.87
N LEU B 350 12.01 9.56 -43.30
CA LEU B 350 10.63 9.11 -43.10
C LEU B 350 9.67 10.24 -43.45
N GLY B 351 8.72 9.96 -44.33
CA GLY B 351 7.72 10.97 -44.65
C GLY B 351 8.35 12.16 -45.32
N SER B 352 8.11 13.35 -44.76
CA SER B 352 8.74 14.58 -45.25
C SER B 352 9.98 14.95 -44.47
N MET B 353 10.53 14.00 -43.71
CA MET B 353 11.81 14.18 -43.01
C MET B 353 12.82 13.37 -43.80
N ILE B 354 13.30 13.94 -44.91
CA ILE B 354 14.11 13.25 -45.89
C ILE B 354 15.42 14.00 -46.07
N ALA B 355 16.53 13.26 -46.12
CA ALA B 355 17.84 13.84 -46.31
C ALA B 355 18.61 13.02 -47.35
N VAL B 356 19.54 13.69 -48.02
CA VAL B 356 20.42 13.06 -49.00
C VAL B 356 21.87 13.32 -48.60
N GLU B 357 22.66 12.25 -48.54
CA GLU B 357 24.07 12.33 -48.14
C GLU B 357 24.95 12.10 -49.36
N PHE B 358 25.92 13.01 -49.54
CA PHE B 358 26.85 13.03 -50.67
C PHE B 358 28.22 12.53 -50.23
N ASN B 359 28.74 11.54 -50.94
CA ASN B 359 30.14 11.15 -50.85
C ASN B 359 30.88 11.62 -52.09
N ASP B 360 32.18 11.83 -51.96
CA ASP B 360 32.96 12.26 -53.11
C ASP B 360 33.03 11.14 -54.13
N PRO B 361 32.81 11.39 -55.44
CA PRO B 361 32.72 10.32 -56.44
C PRO B 361 34.02 9.59 -56.71
N GLN B 362 35.16 10.18 -56.35
CA GLN B 362 36.46 9.60 -56.66
C GLN B 362 37.19 9.08 -55.43
N THR B 363 36.60 9.21 -54.24
CA THR B 363 37.25 8.77 -53.02
C THR B 363 36.34 7.97 -52.09
N GLY B 364 35.02 8.17 -52.15
CA GLY B 364 34.12 7.54 -51.21
C GLY B 364 34.09 8.18 -49.84
N GLU B 365 34.91 9.19 -49.61
CA GLU B 365 34.92 9.92 -48.35
C GLU B 365 33.82 10.97 -48.32
N PRO B 366 33.29 11.28 -47.15
CA PRO B 366 32.26 12.33 -47.04
C PRO B 366 32.81 13.66 -47.55
N SER B 367 32.02 14.29 -48.41
CA SER B 367 32.41 15.54 -49.05
C SER B 367 31.44 16.65 -48.66
N ALA B 368 31.85 17.48 -47.71
CA ALA B 368 31.05 18.66 -47.39
C ALA B 368 31.15 19.72 -48.47
N ALA B 369 32.28 19.76 -49.20
CA ALA B 369 32.43 20.74 -50.27
C ALA B 369 31.44 20.47 -51.40
N ILE B 370 31.21 19.19 -51.73
CA ILE B 370 30.23 18.87 -52.76
C ILE B 370 28.84 19.30 -52.31
N ALA B 371 28.54 19.13 -51.01
CA ALA B 371 27.22 19.54 -50.52
C ALA B 371 27.09 21.06 -50.45
N GLN B 372 28.20 21.77 -50.23
CA GLN B 372 28.14 23.23 -50.17
C GLN B 372 27.92 23.84 -51.55
N LYS B 373 28.39 23.18 -52.61
CA LYS B 373 28.10 23.69 -53.95
C LYS B 373 26.63 23.53 -54.30
N ILE B 374 26.03 22.40 -53.94
CA ILE B 374 24.58 22.24 -54.11
C ILE B 374 23.85 23.34 -53.36
N GLN B 375 24.30 23.62 -52.13
CA GLN B 375 23.65 24.65 -51.32
C GLN B 375 23.78 26.03 -51.97
N GLN B 376 24.96 26.36 -52.50
CA GLN B 376 25.15 27.67 -53.12
C GLN B 376 24.37 27.81 -54.41
N ARG B 377 24.28 26.72 -55.19
CA ARG B 377 23.48 26.77 -56.40
C ARG B 377 22.00 26.95 -56.10
N ALA B 378 21.48 26.20 -55.12
CA ALA B 378 20.09 26.38 -54.75
C ALA B 378 19.84 27.77 -54.19
N LEU B 379 20.80 28.31 -53.43
CA LEU B 379 20.63 29.64 -52.85
C LEU B 379 20.63 30.71 -53.92
N ALA B 380 21.48 30.56 -54.94
CA ALA B 380 21.50 31.51 -56.04
C ALA B 380 20.23 31.47 -56.88
N GLN B 381 19.53 30.33 -56.90
CA GLN B 381 18.28 30.18 -57.62
C GLN B 381 17.07 30.40 -56.74
N GLY B 382 17.27 30.83 -55.50
CA GLY B 382 16.15 31.12 -54.61
C GLY B 382 15.64 29.96 -53.81
N LEU B 383 16.45 28.94 -53.57
CA LEU B 383 16.08 27.78 -52.75
C LEU B 383 16.97 27.75 -51.53
N LEU B 384 16.37 27.82 -50.34
CA LEU B 384 17.09 27.87 -49.07
C LEU B 384 17.19 26.47 -48.50
N LEU B 385 18.39 25.90 -48.51
CA LEU B 385 18.61 24.53 -48.09
C LEU B 385 19.42 24.48 -46.80
N LEU B 386 19.27 23.37 -46.07
CA LEU B 386 19.93 23.15 -44.80
C LEU B 386 20.82 21.92 -44.87
N THR B 387 22.03 22.05 -44.30
CA THR B 387 22.95 20.95 -44.13
C THR B 387 22.90 20.42 -42.69
N CYS B 388 23.46 19.23 -42.53
CA CYS B 388 23.58 18.55 -41.25
C CYS B 388 24.43 17.30 -41.47
N GLY B 389 24.51 16.47 -40.45
CA GLY B 389 25.29 15.24 -40.50
C GLY B 389 26.53 15.33 -39.61
N ALA B 390 27.09 14.15 -39.34
CA ALA B 390 28.31 14.10 -38.54
C ALA B 390 29.45 14.85 -39.23
N TYR B 391 29.62 14.63 -40.54
CA TYR B 391 30.66 15.28 -41.31
C TYR B 391 30.16 16.52 -42.03
N GLY B 392 28.91 16.93 -41.81
CA GLY B 392 28.37 18.08 -42.49
C GLY B 392 28.14 17.90 -43.96
N ASN B 393 27.95 16.66 -44.41
CA ASN B 393 27.81 16.34 -45.83
C ASN B 393 26.40 15.90 -46.20
N VAL B 394 25.42 16.12 -45.32
CA VAL B 394 24.04 15.73 -45.58
C VAL B 394 23.22 16.98 -45.82
N ILE B 395 22.39 16.96 -46.86
CA ILE B 395 21.42 18.02 -47.11
C ILE B 395 20.05 17.48 -46.71
N ARG B 396 19.44 18.10 -45.70
CA ARG B 396 18.13 17.71 -45.23
C ARG B 396 17.09 18.67 -45.80
N PHE B 397 15.93 18.14 -46.16
CA PHE B 397 14.89 18.92 -46.81
C PHE B 397 13.77 19.17 -45.81
N LEU B 398 13.65 20.43 -45.38
CA LEU B 398 12.65 20.82 -44.39
C LEU B 398 11.72 21.88 -44.96
N TYR B 399 11.12 21.57 -46.11
CA TYR B 399 10.06 22.40 -46.64
C TYR B 399 8.85 22.36 -45.71
N PRO B 400 8.09 23.45 -45.62
CA PRO B 400 6.83 23.40 -44.89
C PRO B 400 5.88 22.40 -45.54
N LEU B 401 5.11 21.70 -44.70
CA LEU B 401 4.20 20.67 -45.22
C LEU B 401 3.04 21.27 -45.99
N THR B 402 2.77 22.57 -45.83
CA THR B 402 1.67 23.23 -46.53
C THR B 402 2.12 23.91 -47.82
N ILE B 403 3.33 23.61 -48.30
CA ILE B 403 3.85 24.29 -49.49
C ILE B 403 2.99 23.93 -50.70
N PRO B 404 2.65 24.88 -51.56
CA PRO B 404 1.84 24.53 -52.74
C PRO B 404 2.59 23.63 -53.70
N ASP B 405 1.82 22.86 -54.47
CA ASP B 405 2.43 21.90 -55.40
C ASP B 405 3.28 22.59 -56.46
N ALA B 406 2.84 23.77 -56.92
CA ALA B 406 3.60 24.47 -57.95
C ALA B 406 4.95 24.94 -57.41
N GLN B 407 4.94 25.51 -56.21
CA GLN B 407 6.20 25.94 -55.59
C GLN B 407 7.09 24.75 -55.30
N PHE B 408 6.51 23.64 -54.86
CA PHE B 408 7.31 22.44 -54.59
C PHE B 408 7.95 21.93 -55.87
N ASP B 409 7.23 21.93 -56.99
CA ASP B 409 7.79 21.43 -58.24
C ASP B 409 8.85 22.37 -58.79
N ALA B 410 8.65 23.68 -58.64
CA ALA B 410 9.70 24.63 -58.99
C ALA B 410 10.96 24.38 -58.17
N ALA B 411 10.78 24.11 -56.87
CA ALA B 411 11.92 23.78 -56.02
C ALA B 411 12.59 22.48 -56.47
N MET B 412 11.81 21.50 -56.92
CA MET B 412 12.39 20.25 -57.41
C MET B 412 13.21 20.49 -58.68
N LYS B 413 12.72 21.37 -59.56
CA LYS B 413 13.48 21.71 -60.76
C LYS B 413 14.80 22.39 -60.38
N ILE B 414 14.74 23.36 -59.47
CA ILE B 414 15.96 24.00 -58.98
C ILE B 414 16.91 22.98 -58.38
N LEU B 415 16.38 22.01 -57.63
CA LEU B 415 17.19 20.98 -57.00
C LEU B 415 17.88 20.10 -58.04
N GLN B 416 17.14 19.67 -59.06
CA GLN B 416 17.76 18.86 -60.11
C GLN B 416 18.87 19.64 -60.80
N ASP B 417 18.61 20.89 -61.17
CA ASP B 417 19.65 21.66 -61.85
C ASP B 417 20.86 21.89 -60.96
N ALA B 418 20.65 22.01 -59.65
CA ALA B 418 21.77 22.20 -58.74
C ALA B 418 22.55 20.89 -58.55
N LEU B 419 21.87 19.75 -58.57
CA LEU B 419 22.55 18.49 -58.33
C LEU B 419 23.55 18.16 -59.42
N SER B 420 23.16 18.44 -60.66
CA SER B 420 24.03 18.16 -61.84
C SER B 420 25.19 19.14 -61.85
N ASP B 421 26.41 18.62 -61.68
CA ASP B 421 27.63 19.46 -61.67
C ASP B 421 27.96 19.83 -63.11
N SER C 2 -16.74 26.94 -15.31
CA SER C 2 -16.61 26.91 -13.85
C SER C 2 -15.14 26.78 -13.45
N ASN C 3 -14.78 27.38 -12.31
CA ASN C 3 -13.39 27.30 -11.86
C ASN C 3 -13.05 25.93 -11.29
N ASN C 4 -14.02 25.26 -10.68
CA ASN C 4 -13.74 23.98 -10.01
C ASN C 4 -13.58 22.84 -11.01
N GLU C 5 -14.45 22.83 -12.01
CA GLU C 5 -14.45 21.82 -13.08
C GLU C 5 -13.10 21.86 -13.78
N PHE C 6 -12.57 23.05 -14.07
CA PHE C 6 -11.28 23.20 -14.73
C PHE C 6 -10.12 23.03 -13.76
N HIS C 7 -10.33 23.31 -12.48
CA HIS C 7 -9.33 22.98 -11.47
C HIS C 7 -9.05 21.47 -11.46
N GLN C 8 -10.11 20.65 -11.51
CA GLN C 8 -9.95 19.20 -11.56
C GLN C 8 -9.37 18.76 -12.90
N ARG C 9 -9.82 19.35 -14.01
CA ARG C 9 -9.26 18.99 -15.32
C ARG C 9 -7.77 19.30 -15.39
N ARG C 10 -7.35 20.43 -14.80
CA ARG C 10 -5.94 20.77 -14.73
C ARG C 10 -5.16 19.74 -13.94
N LEU C 11 -5.68 19.36 -12.77
CA LEU C 11 -4.99 18.35 -11.96
C LEU C 11 -4.96 16.99 -12.63
N SER C 12 -5.91 16.71 -13.52
CA SER C 12 -5.96 15.42 -14.19
C SER C 12 -5.09 15.34 -15.43
N ALA C 13 -4.96 16.43 -16.18
CA ALA C 13 -4.24 16.40 -17.45
C ALA C 13 -2.77 16.74 -17.32
N THR C 14 -2.39 17.47 -16.28
CA THR C 14 -1.03 17.97 -16.11
C THR C 14 -0.36 17.31 -14.92
N PRO C 15 0.97 17.27 -14.89
CA PRO C 15 1.66 16.61 -13.76
C PRO C 15 1.58 17.44 -12.49
N ARG C 16 1.67 16.72 -11.37
CA ARG C 16 1.63 17.34 -10.05
C ARG C 16 2.76 18.35 -9.87
N GLY C 17 3.89 18.16 -10.54
CA GLY C 17 5.08 18.97 -10.28
C GLY C 17 5.01 20.38 -10.82
N VAL C 18 4.09 20.66 -11.75
CA VAL C 18 3.86 22.02 -12.23
C VAL C 18 2.83 22.62 -11.28
N GLY C 19 3.32 23.18 -10.17
CA GLY C 19 2.42 23.77 -9.19
C GLY C 19 1.78 25.04 -9.69
N VAL C 20 0.58 25.32 -9.17
CA VAL C 20 -0.21 26.48 -9.54
C VAL C 20 -0.74 27.11 -8.26
N MET C 21 -0.54 28.43 -8.12
CA MET C 21 -0.89 29.11 -6.88
C MET C 21 -2.39 29.37 -6.76
N CYS C 22 -3.00 29.94 -7.79
CA CYS C 22 -4.39 30.34 -7.73
C CYS C 22 -5.30 29.26 -8.30
N ASN C 23 -6.52 29.22 -7.77
CA ASN C 23 -7.52 28.25 -8.20
C ASN C 23 -8.50 28.82 -9.22
N PHE C 24 -8.32 30.07 -9.65
CA PHE C 24 -9.14 30.65 -10.69
C PHE C 24 -8.34 30.74 -12.00
N PHE C 25 -9.07 30.82 -13.11
CA PHE C 25 -8.48 30.74 -14.44
C PHE C 25 -8.59 32.07 -15.16
N ALA C 26 -7.46 32.52 -15.72
CA ALA C 26 -7.41 33.82 -16.37
C ALA C 26 -8.27 33.85 -17.62
N GLN C 27 -9.03 34.94 -17.78
CA GLN C 27 -9.85 35.19 -18.95
C GLN C 27 -9.38 36.41 -19.73
N SER C 28 -9.11 37.52 -19.05
CA SER C 28 -8.65 38.74 -19.70
C SER C 28 -7.69 39.46 -18.76
N ALA C 29 -6.92 40.39 -19.31
CA ALA C 29 -6.00 41.15 -18.49
C ALA C 29 -5.55 42.40 -19.24
N GLU C 30 -5.39 43.49 -18.49
CA GLU C 30 -4.96 44.75 -19.07
C GLU C 30 -4.35 45.62 -17.99
N ASN C 31 -3.16 46.16 -18.26
CA ASN C 31 -2.39 46.93 -17.28
C ASN C 31 -2.16 46.12 -16.01
N ALA C 32 -2.95 46.40 -14.97
CA ALA C 32 -2.82 45.70 -13.69
C ALA C 32 -4.12 45.04 -13.26
N THR C 33 -5.06 44.86 -14.18
CA THR C 33 -6.37 44.28 -13.89
C THR C 33 -6.48 42.94 -14.58
N LEU C 34 -6.78 41.89 -13.82
CA LEU C 34 -6.97 40.55 -14.36
C LEU C 34 -8.39 40.09 -14.07
N LYS C 35 -9.05 39.54 -15.08
CA LYS C 35 -10.40 39.01 -14.95
C LYS C 35 -10.38 37.51 -15.23
N ASP C 36 -10.99 36.74 -14.33
CA ASP C 36 -11.05 35.29 -14.47
C ASP C 36 -12.27 34.90 -15.30
N VAL C 37 -12.44 33.59 -15.51
CA VAL C 37 -13.51 33.10 -16.38
C VAL C 37 -14.89 33.27 -15.77
N GLU C 38 -14.98 33.67 -14.52
CA GLU C 38 -16.28 33.92 -13.88
C GLU C 38 -16.56 35.40 -13.66
N GLY C 39 -15.67 36.29 -14.08
CA GLY C 39 -15.92 37.72 -14.00
C GLY C 39 -15.29 38.43 -12.82
N ASN C 40 -14.62 37.72 -11.93
CA ASN C 40 -13.99 38.36 -10.78
C ASN C 40 -12.77 39.16 -11.22
N GLU C 41 -12.66 40.38 -10.71
CA GLU C 41 -11.53 41.24 -11.00
C GLU C 41 -10.48 41.12 -9.90
N TYR C 42 -9.22 41.28 -10.31
CA TYR C 42 -8.08 41.19 -9.40
C TYR C 42 -7.08 42.27 -9.78
N ILE C 43 -6.51 42.92 -8.77
CA ILE C 43 -5.41 43.86 -8.96
C ILE C 43 -4.12 43.04 -8.95
N ASP C 44 -3.50 42.89 -10.12
CA ASP C 44 -2.34 42.03 -10.29
C ASP C 44 -1.13 42.68 -9.65
N PHE C 45 -0.79 42.26 -8.43
CA PHE C 45 0.46 42.65 -7.80
C PHE C 45 1.54 41.61 -7.99
N ALA C 46 1.33 40.67 -8.91
CA ALA C 46 2.31 39.67 -9.31
C ALA C 46 2.97 39.99 -10.63
N ALA C 47 2.22 40.56 -11.58
CA ALA C 47 2.72 40.93 -12.89
C ALA C 47 3.39 39.76 -13.58
N GLY C 48 2.78 38.58 -13.46
CA GLY C 48 3.37 37.38 -14.03
C GLY C 48 4.77 37.12 -13.53
N ILE C 49 5.02 37.38 -12.24
CA ILE C 49 6.34 37.28 -11.61
C ILE C 49 7.28 38.30 -12.26
N ALA C 50 6.96 39.59 -12.10
CA ALA C 50 7.80 40.70 -12.53
C ALA C 50 8.05 40.71 -14.04
N VAL C 51 7.18 40.07 -14.82
CA VAL C 51 7.33 40.07 -16.27
C VAL C 51 6.62 41.27 -16.89
N LEU C 52 5.59 41.79 -16.23
CA LEU C 52 4.79 42.86 -16.83
C LEU C 52 5.05 44.20 -16.14
N ASN C 53 6.31 44.64 -16.14
CA ASN C 53 6.61 45.98 -15.65
C ASN C 53 5.89 47.04 -16.47
N THR C 54 5.71 46.79 -17.76
CA THR C 54 4.92 47.67 -18.61
C THR C 54 3.44 47.28 -18.65
N GLY C 55 3.04 46.27 -17.90
CA GLY C 55 1.65 45.96 -17.70
C GLY C 55 1.08 44.99 -18.74
N HIS C 56 0.03 44.30 -18.34
CA HIS C 56 -0.72 43.41 -19.22
C HIS C 56 -1.14 44.13 -20.49
N ARG C 57 -0.63 43.68 -21.63
CA ARG C 57 -1.08 44.11 -22.95
C ARG C 57 -1.06 45.63 -23.08
N HIS C 58 0.12 46.20 -22.89
CA HIS C 58 0.28 47.63 -23.13
C HIS C 58 0.00 47.92 -24.61
N PRO C 59 -0.76 48.97 -24.92
CA PRO C 59 -1.18 49.18 -26.32
C PRO C 59 -0.04 49.26 -27.32
N ASP C 60 1.08 49.90 -26.96
CA ASP C 60 2.19 49.97 -27.88
C ASP C 60 2.85 48.61 -28.09
N LEU C 61 2.88 47.78 -27.04
CA LEU C 61 3.40 46.42 -27.19
C LEU C 61 2.48 45.58 -28.07
N VAL C 62 1.17 45.70 -27.89
CA VAL C 62 0.24 44.98 -28.75
C VAL C 62 0.36 45.43 -30.19
N ALA C 63 0.56 46.74 -30.40
CA ALA C 63 0.73 47.26 -31.75
C ALA C 63 2.00 46.71 -32.39
N ALA C 64 3.11 46.69 -31.65
CA ALA C 64 4.34 46.14 -32.18
C ALA C 64 4.20 44.66 -32.50
N VAL C 65 3.56 43.89 -31.60
CA VAL C 65 3.38 42.46 -31.84
C VAL C 65 2.50 42.22 -33.05
N GLU C 66 1.45 43.02 -33.23
CA GLU C 66 0.59 42.83 -34.39
C GLU C 66 1.30 43.22 -35.69
N GLN C 67 2.06 44.32 -35.68
CA GLN C 67 2.81 44.71 -36.87
C GLN C 67 3.78 43.61 -37.27
N GLN C 68 4.51 43.05 -36.30
CA GLN C 68 5.43 41.96 -36.63
C GLN C 68 4.68 40.70 -37.05
N LEU C 69 3.54 40.42 -36.41
CA LEU C 69 2.72 39.27 -36.76
C LEU C 69 2.19 39.35 -38.19
N GLN C 70 2.10 40.56 -38.75
CA GLN C 70 1.80 40.66 -40.17
C GLN C 70 3.03 40.43 -41.04
N GLN C 71 4.22 40.30 -40.45
CA GLN C 71 5.45 40.11 -41.23
C GLN C 71 5.91 38.66 -41.17
N PHE C 72 6.32 38.20 -39.99
CA PHE C 72 6.69 36.81 -39.74
C PHE C 72 6.83 36.63 -38.23
N THR C 73 6.59 35.40 -37.78
CA THR C 73 6.72 35.06 -36.36
C THR C 73 8.00 34.32 -36.03
N HIS C 74 8.63 33.69 -37.02
CA HIS C 74 9.83 32.89 -36.77
C HIS C 74 10.52 32.53 -38.07
N THR C 75 11.82 32.81 -38.16
CA THR C 75 12.63 32.36 -39.28
C THR C 75 13.80 31.50 -38.86
N ALA C 76 14.01 31.31 -37.56
CA ALA C 76 15.25 30.79 -36.98
C ALA C 76 16.37 31.78 -37.26
N TYR C 77 16.69 32.60 -36.25
CA TYR C 77 17.67 33.67 -36.43
C TYR C 77 19.03 33.13 -36.89
N GLN C 78 19.45 31.98 -36.34
CA GLN C 78 20.71 31.40 -36.76
C GLN C 78 20.69 30.92 -38.20
N ILE C 79 19.52 30.92 -38.85
CA ILE C 79 19.40 30.59 -40.26
C ILE C 79 19.23 31.88 -41.06
N VAL C 80 18.12 32.58 -40.84
CA VAL C 80 17.85 33.85 -41.53
C VAL C 80 17.68 34.95 -40.49
N PRO C 81 18.60 35.90 -40.40
CA PRO C 81 18.51 36.94 -39.39
C PRO C 81 17.54 38.04 -39.82
N TYR C 82 17.34 39.01 -38.93
CA TYR C 82 16.41 40.10 -39.17
C TYR C 82 16.90 41.34 -38.43
N GLU C 83 16.50 42.51 -38.93
CA GLU C 83 17.08 43.77 -38.47
C GLU C 83 16.64 44.12 -37.06
N SER C 84 15.46 43.66 -36.63
CA SER C 84 14.97 44.04 -35.30
C SER C 84 15.86 43.46 -34.19
N TYR C 85 16.35 42.23 -34.41
CA TYR C 85 17.32 41.63 -33.49
C TYR C 85 18.56 42.52 -33.35
N VAL C 86 19.14 42.93 -34.48
CA VAL C 86 20.37 43.72 -34.46
C VAL C 86 20.13 45.07 -33.78
N THR C 87 19.00 45.71 -34.09
CA THR C 87 18.72 47.03 -33.52
C THR C 87 18.48 46.94 -32.02
N LEU C 88 17.79 45.89 -31.58
CA LEU C 88 17.60 45.71 -30.14
C LEU C 88 18.92 45.45 -29.45
N ALA C 89 19.80 44.66 -30.08
CA ALA C 89 21.13 44.44 -29.52
C ALA C 89 21.91 45.75 -29.42
N GLU C 90 21.79 46.61 -30.43
CA GLU C 90 22.47 47.90 -30.37
C GLU C 90 21.96 48.76 -29.23
N LYS C 91 20.64 48.81 -29.06
CA LYS C 91 20.08 49.60 -27.96
C LYS C 91 20.53 49.07 -26.61
N ILE C 92 20.54 47.75 -26.43
CA ILE C 92 20.97 47.18 -25.16
C ILE C 92 22.46 47.45 -24.94
N ASN C 93 23.28 47.28 -25.98
CA ASN C 93 24.70 47.62 -25.88
C ASN C 93 24.89 49.05 -25.40
N ALA C 94 24.08 49.98 -25.92
CA ALA C 94 24.18 51.36 -25.47
C ALA C 94 23.72 51.53 -24.02
N LEU C 95 22.72 50.76 -23.60
CA LEU C 95 22.12 50.97 -22.28
C LEU C 95 22.73 50.12 -21.17
N ALA C 96 23.41 49.04 -21.51
CA ALA C 96 23.84 48.08 -20.49
C ALA C 96 25.03 48.63 -19.70
N PRO C 97 25.05 48.43 -18.38
CA PRO C 97 26.20 48.84 -17.54
C PRO C 97 27.35 47.84 -17.61
N VAL C 98 28.12 47.92 -18.69
CA VAL C 98 29.35 47.14 -18.83
C VAL C 98 30.45 48.10 -19.25
N SER C 99 31.66 47.88 -18.74
CA SER C 99 32.78 48.77 -19.02
C SER C 99 33.33 48.45 -20.41
N GLY C 100 33.34 49.45 -21.28
CA GLY C 100 33.84 49.28 -22.63
C GLY C 100 32.74 48.90 -23.61
N GLN C 101 33.18 48.34 -24.73
CA GLN C 101 32.26 47.93 -25.78
C GLN C 101 31.37 46.79 -25.31
N ALA C 102 30.07 46.91 -25.57
CA ALA C 102 29.10 45.90 -25.20
C ALA C 102 28.67 45.10 -26.43
N LYS C 103 28.31 43.84 -26.18
CA LYS C 103 27.71 42.98 -27.19
C LYS C 103 26.61 42.17 -26.53
N THR C 104 25.55 41.91 -27.30
CA THR C 104 24.33 41.33 -26.79
C THR C 104 23.89 40.17 -27.67
N ALA C 105 23.50 39.06 -27.03
CA ALA C 105 22.83 37.95 -27.69
C ALA C 105 21.47 37.75 -27.05
N PHE C 106 20.54 37.20 -27.83
CA PHE C 106 19.18 36.94 -27.34
C PHE C 106 18.87 35.45 -27.37
N PHE C 107 18.13 35.02 -26.36
CA PHE C 107 17.60 33.66 -26.26
C PHE C 107 16.15 33.76 -25.82
N THR C 108 15.59 32.70 -25.29
CA THR C 108 14.16 32.70 -24.98
C THR C 108 13.80 32.79 -23.51
N THR C 109 14.43 31.99 -22.64
CA THR C 109 14.08 31.98 -21.23
C THR C 109 15.23 32.52 -20.39
N GLY C 110 14.87 32.99 -19.19
CA GLY C 110 15.89 33.50 -18.28
C GLY C 110 16.92 32.45 -17.90
N ALA C 111 16.45 31.23 -17.61
CA ALA C 111 17.37 30.13 -17.38
C ALA C 111 18.30 29.94 -18.57
N GLU C 112 17.77 30.10 -19.79
CA GLU C 112 18.59 29.99 -20.98
C GLU C 112 19.67 31.06 -21.00
N ALA C 113 19.31 32.29 -20.60
CA ALA C 113 20.28 33.37 -20.56
C ALA C 113 21.38 33.07 -19.55
N VAL C 114 21.01 32.57 -18.37
CA VAL C 114 21.99 32.23 -17.36
C VAL C 114 22.92 31.12 -17.85
N GLU C 115 22.32 30.12 -18.49
CA GLU C 115 23.14 29.00 -19.02
C GLU C 115 24.16 29.55 -20.01
N ASN C 116 23.71 30.43 -20.90
CA ASN C 116 24.63 30.95 -21.91
C ASN C 116 25.68 31.86 -21.30
N ALA C 117 25.34 32.61 -20.26
CA ALA C 117 26.35 33.41 -19.57
C ALA C 117 27.41 32.52 -18.96
N VAL C 118 27.00 31.40 -18.37
CA VAL C 118 27.96 30.45 -17.82
C VAL C 118 28.80 29.84 -18.94
N LYS C 119 28.17 29.52 -20.07
CA LYS C 119 28.92 28.98 -21.20
C LYS C 119 29.97 29.98 -21.69
N ILE C 120 29.59 31.26 -21.76
CA ILE C 120 30.50 32.30 -22.22
C ILE C 120 31.66 32.47 -21.25
N ALA C 121 31.36 32.49 -19.94
CA ALA C 121 32.44 32.59 -18.96
C ALA C 121 33.39 31.40 -19.04
N ARG C 122 32.83 30.19 -19.17
CA ARG C 122 33.67 28.99 -19.23
C ARG C 122 34.54 28.99 -20.48
N ALA C 123 33.98 29.39 -21.62
CA ALA C 123 34.76 29.46 -22.85
C ALA C 123 35.84 30.53 -22.74
N HIS C 124 35.52 31.63 -22.10
CA HIS C 124 36.46 32.75 -21.97
C HIS C 124 37.65 32.37 -21.08
N THR C 125 37.38 31.73 -19.96
CA THR C 125 38.42 31.44 -18.99
C THR C 125 39.02 30.05 -19.11
N GLY C 126 38.32 29.10 -19.74
CA GLY C 126 38.77 27.73 -19.74
C GLY C 126 38.72 27.07 -18.39
N ARG C 127 37.88 27.56 -17.49
CA ARG C 127 37.78 27.10 -16.12
C ARG C 127 36.43 26.43 -15.86
N PRO C 128 36.34 25.56 -14.87
CA PRO C 128 35.07 24.88 -14.57
C PRO C 128 34.18 25.61 -13.57
N GLY C 129 34.80 26.28 -12.59
CA GLY C 129 34.10 26.63 -11.37
C GLY C 129 33.12 27.78 -11.53
N VAL C 130 32.02 27.70 -10.77
CA VAL C 130 31.06 28.80 -10.65
C VAL C 130 30.66 28.94 -9.18
N ILE C 131 30.74 30.17 -8.68
CA ILE C 131 30.36 30.50 -7.30
C ILE C 131 29.10 31.36 -7.37
N ALA C 132 28.09 30.98 -6.57
CA ALA C 132 26.82 31.68 -6.49
C ALA C 132 26.53 31.99 -5.02
N PHE C 133 25.36 32.57 -4.77
CA PHE C 133 24.97 32.97 -3.43
C PHE C 133 23.76 32.19 -2.95
N SER C 134 23.76 31.86 -1.65
CA SER C 134 22.60 31.29 -1.00
C SER C 134 21.39 32.20 -1.18
N GLY C 135 20.23 31.61 -1.43
CA GLY C 135 19.03 32.38 -1.65
C GLY C 135 18.83 32.86 -3.06
N GLY C 136 19.77 32.59 -3.96
CA GLY C 136 19.61 33.04 -5.34
C GLY C 136 18.76 32.08 -6.16
N PHE C 137 18.08 32.63 -7.16
CA PHE C 137 17.33 31.84 -8.12
C PHE C 137 17.81 32.19 -9.52
N HIS C 138 18.14 31.17 -10.31
CA HIS C 138 18.72 31.40 -11.63
C HIS C 138 18.11 30.53 -12.72
N GLY C 139 17.12 29.70 -12.39
CA GLY C 139 16.45 28.90 -13.41
C GLY C 139 16.17 27.49 -12.94
N ARG C 140 15.49 26.70 -13.78
CA ARG C 140 15.10 25.35 -13.40
C ARG C 140 15.77 24.29 -14.27
N THR C 141 16.70 24.66 -15.13
CA THR C 141 17.50 23.67 -15.84
C THR C 141 18.55 23.09 -14.90
N TYR C 142 19.25 22.06 -15.38
CA TYR C 142 20.21 21.34 -14.54
C TYR C 142 21.28 22.29 -13.97
N MET C 143 21.98 23.00 -14.85
CA MET C 143 23.02 23.92 -14.39
C MET C 143 22.42 25.08 -13.59
N THR C 144 21.29 25.61 -14.03
CA THR C 144 20.71 26.74 -13.29
C THR C 144 20.08 26.29 -11.98
N MET C 145 19.61 25.04 -11.89
CA MET C 145 19.25 24.49 -10.59
C MET C 145 20.47 24.40 -9.68
N ALA C 146 21.58 23.90 -10.22
CA ALA C 146 22.80 23.83 -9.42
C ALA C 146 23.19 25.20 -8.89
N LEU C 147 23.08 26.23 -9.74
CA LEU C 147 23.45 27.59 -9.31
C LEU C 147 22.46 28.14 -8.29
N THR C 148 21.19 27.73 -8.37
CA THR C 148 20.18 28.22 -7.44
C THR C 148 20.53 27.86 -6.01
N GLY C 149 20.35 28.83 -5.10
CA GLY C 149 20.70 28.63 -3.71
C GLY C 149 19.54 28.32 -2.79
N LYS C 150 18.53 27.63 -3.30
CA LYS C 150 17.41 27.16 -2.48
C LYS C 150 17.08 25.73 -2.89
N VAL C 151 17.27 24.78 -1.98
CA VAL C 151 17.09 23.38 -2.33
C VAL C 151 15.61 23.03 -2.45
N ALA C 152 14.81 23.43 -1.47
CA ALA C 152 13.38 23.16 -1.55
C ALA C 152 12.65 24.35 -2.18
N PRO C 153 11.81 24.13 -3.20
CA PRO C 153 11.53 22.85 -3.83
C PRO C 153 12.21 22.68 -5.19
N TYR C 154 13.11 23.61 -5.52
CA TYR C 154 13.62 23.68 -6.88
C TYR C 154 14.55 22.51 -7.22
N LYS C 155 15.24 21.95 -6.22
CA LYS C 155 16.27 20.96 -6.47
C LYS C 155 15.94 19.57 -5.95
N ILE C 156 14.78 19.40 -5.30
CA ILE C 156 14.40 18.15 -4.65
C ILE C 156 14.20 17.07 -5.71
N GLY C 157 15.08 16.06 -5.72
CA GLY C 157 14.91 14.90 -6.55
C GLY C 157 15.60 14.93 -7.89
N PHE C 158 16.32 16.00 -8.22
CA PHE C 158 16.90 16.14 -9.55
C PHE C 158 18.43 16.02 -9.55
N GLY C 159 19.04 15.73 -8.40
CA GLY C 159 20.46 15.50 -8.33
C GLY C 159 20.85 14.15 -8.87
N PRO C 160 22.16 13.85 -8.80
CA PRO C 160 23.20 14.70 -8.22
C PRO C 160 23.60 15.85 -9.14
N PHE C 161 24.31 16.80 -8.58
CA PHE C 161 24.59 18.05 -9.24
C PHE C 161 26.08 18.17 -9.54
N PRO C 162 26.45 19.07 -10.47
CA PRO C 162 27.81 19.08 -10.98
C PRO C 162 28.80 19.65 -9.98
N GLY C 163 30.03 19.18 -10.07
CA GLY C 163 31.07 19.72 -9.26
C GLY C 163 31.46 21.12 -9.67
N SER C 164 32.33 21.72 -8.87
CA SER C 164 32.85 23.06 -9.14
C SER C 164 31.78 24.13 -9.05
N VAL C 165 30.65 23.84 -8.44
CA VAL C 165 29.59 24.81 -8.23
C VAL C 165 29.38 24.97 -6.73
N TYR C 166 29.60 26.18 -6.22
CA TYR C 166 29.55 26.39 -4.78
C TYR C 166 28.68 27.60 -4.45
N HIS C 167 28.29 27.71 -3.19
CA HIS C 167 27.44 28.79 -2.71
C HIS C 167 28.07 29.45 -1.48
N VAL C 168 27.92 30.76 -1.39
CA VAL C 168 28.35 31.51 -0.22
C VAL C 168 27.15 32.29 0.32
N PRO C 169 27.10 32.61 1.61
CA PRO C 169 25.93 33.30 2.15
C PRO C 169 25.79 34.72 1.61
N TYR C 170 24.54 35.14 1.42
CA TYR C 170 24.18 36.46 0.92
C TYR C 170 23.97 37.41 2.08
N PRO C 171 24.52 38.63 2.00
CA PRO C 171 24.36 39.60 3.10
C PRO C 171 22.89 39.86 3.41
N SER C 172 22.51 39.60 4.67
CA SER C 172 21.15 39.80 5.13
C SER C 172 21.21 40.55 6.46
N ASP C 173 20.65 41.76 6.49
CA ASP C 173 20.71 42.57 7.70
C ASP C 173 19.99 41.89 8.86
N LEU C 174 18.91 41.16 8.57
CA LEU C 174 18.09 40.61 9.64
C LEU C 174 18.63 39.30 10.21
N HIS C 175 19.34 38.51 9.39
CA HIS C 175 19.83 37.21 9.83
C HIS C 175 21.31 37.23 10.23
N GLY C 176 21.89 38.42 10.38
CA GLY C 176 23.24 38.51 10.88
C GLY C 176 24.33 38.10 9.91
N ILE C 177 24.07 38.15 8.62
CA ILE C 177 25.05 37.82 7.60
C ILE C 177 25.53 39.12 6.96
N SER C 178 26.82 39.41 7.13
CA SER C 178 27.38 40.66 6.63
C SER C 178 28.12 40.42 5.31
N THR C 179 28.51 41.51 4.67
CA THR C 179 29.36 41.43 3.49
C THR C 179 30.65 40.67 3.81
N GLN C 180 31.23 40.95 4.98
CA GLN C 180 32.45 40.26 5.36
C GLN C 180 32.24 38.77 5.52
N ASP C 181 31.04 38.34 5.95
CA ASP C 181 30.75 36.91 6.01
C ASP C 181 30.81 36.29 4.62
N SER C 182 30.23 36.97 3.63
CA SER C 182 30.30 36.48 2.25
C SER C 182 31.75 36.35 1.80
N LEU C 183 32.56 37.39 2.06
CA LEU C 183 33.96 37.35 1.64
C LEU C 183 34.72 36.25 2.36
N ASP C 184 34.42 36.03 3.64
CA ASP C 184 35.09 34.95 4.39
C ASP C 184 34.73 33.59 3.82
N ALA C 185 33.46 33.40 3.43
CA ALA C 185 33.05 32.12 2.85
C ALA C 185 33.69 31.90 1.49
N ILE C 186 33.81 32.97 0.69
CA ILE C 186 34.50 32.87 -0.59
C ILE C 186 35.97 32.52 -0.38
N GLU C 187 36.61 33.17 0.60
CA GLU C 187 38.00 32.85 0.90
C GLU C 187 38.15 31.40 1.36
N ARG C 188 37.14 30.89 2.08
CA ARG C 188 37.16 29.48 2.45
C ARG C 188 37.02 28.58 1.22
N LEU C 189 36.17 28.94 0.27
CA LEU C 189 36.17 28.19 -0.98
C LEU C 189 37.55 28.17 -1.62
N PHE C 190 38.17 29.34 -1.75
CA PHE C 190 39.48 29.39 -2.41
C PHE C 190 40.53 28.58 -1.66
N LYS C 191 40.37 28.39 -0.35
CA LYS C 191 41.35 27.69 0.46
C LYS C 191 41.00 26.23 0.72
N SER C 192 39.79 25.79 0.40
CA SER C 192 39.37 24.43 0.77
C SER C 192 38.80 23.64 -0.40
N ASP C 193 38.10 24.31 -1.31
CA ASP C 193 37.28 23.62 -2.29
C ASP C 193 37.81 23.72 -3.72
N ILE C 194 38.21 24.90 -4.17
CA ILE C 194 38.57 25.09 -5.57
C ILE C 194 39.54 26.26 -5.67
N GLU C 195 40.48 26.15 -6.61
CA GLU C 195 41.42 27.23 -6.85
C GLU C 195 40.70 28.46 -7.40
N ALA C 196 41.12 29.63 -6.93
CA ALA C 196 40.58 30.88 -7.47
C ALA C 196 40.84 30.97 -8.97
N LYS C 197 41.99 30.48 -9.43
CA LYS C 197 42.29 30.43 -10.86
C LYS C 197 41.55 29.31 -11.58
N GLN C 198 40.73 28.55 -10.86
CA GLN C 198 39.87 27.54 -11.47
C GLN C 198 38.39 27.91 -11.42
N VAL C 199 38.06 29.11 -10.94
CA VAL C 199 36.68 29.57 -10.89
C VAL C 199 36.42 30.39 -12.13
N ALA C 200 35.39 30.00 -12.90
CA ALA C 200 35.13 30.71 -14.14
C ALA C 200 34.31 31.97 -13.91
N ALA C 201 33.34 31.91 -12.99
CA ALA C 201 32.42 33.02 -12.84
C ALA C 201 31.93 33.12 -11.40
N ILE C 202 31.50 34.32 -11.05
CA ILE C 202 30.69 34.57 -9.85
C ILE C 202 29.42 35.24 -10.33
N ILE C 203 28.27 34.63 -10.03
CA ILE C 203 26.98 35.11 -10.51
C ILE C 203 26.15 35.54 -9.31
N PHE C 204 25.51 36.70 -9.42
CA PHE C 204 24.78 37.24 -8.30
C PHE C 204 23.63 38.10 -8.80
N GLU C 205 22.61 38.19 -7.96
CA GLU C 205 21.53 39.12 -8.22
C GLU C 205 21.75 40.40 -7.43
N PRO C 206 21.68 41.57 -8.07
CA PRO C 206 21.72 42.82 -7.29
C PRO C 206 20.60 42.90 -6.28
N VAL C 207 19.41 42.45 -6.65
CA VAL C 207 18.29 42.30 -5.72
C VAL C 207 17.74 40.88 -5.92
N GLN C 208 17.78 40.10 -4.87
CA GLN C 208 17.37 38.71 -4.97
C GLN C 208 15.86 38.61 -5.14
N GLY C 209 15.42 37.94 -6.20
CA GLY C 209 14.00 37.77 -6.45
C GLY C 209 13.35 36.86 -5.44
N GLU C 210 13.46 35.54 -5.67
CA GLU C 210 12.89 34.54 -4.78
C GLU C 210 13.60 34.47 -3.43
N GLY C 211 14.68 35.22 -3.26
CA GLY C 211 15.38 35.25 -1.99
C GLY C 211 14.76 36.14 -0.93
N GLY C 212 13.88 37.05 -1.32
CA GLY C 212 13.22 37.93 -0.37
C GLY C 212 13.49 39.40 -0.59
N PHE C 213 13.96 39.75 -1.78
CA PHE C 213 14.26 41.13 -2.17
C PHE C 213 15.36 41.73 -1.29
N ASN C 214 16.39 40.93 -0.98
CA ASN C 214 17.56 41.43 -0.28
C ASN C 214 18.44 42.21 -1.25
N VAL C 215 18.83 43.40 -0.85
CA VAL C 215 19.64 44.28 -1.70
C VAL C 215 21.11 44.03 -1.40
N ALA C 216 21.92 43.98 -2.45
CA ALA C 216 23.34 43.74 -2.28
C ALA C 216 24.02 45.00 -1.76
N PRO C 217 24.75 44.92 -0.64
CA PRO C 217 25.49 46.10 -0.17
C PRO C 217 26.55 46.52 -1.17
N LYS C 218 26.81 47.84 -1.22
CA LYS C 218 27.77 48.37 -2.18
C LYS C 218 29.16 47.77 -1.99
N GLU C 219 29.56 47.56 -0.74
CA GLU C 219 30.85 46.93 -0.48
C GLU C 219 30.91 45.53 -1.05
N LEU C 220 29.79 44.81 -1.05
CA LEU C 220 29.78 43.46 -1.59
C LEU C 220 30.01 43.47 -3.10
N VAL C 221 29.30 44.32 -3.83
CA VAL C 221 29.52 44.43 -5.27
C VAL C 221 30.94 44.86 -5.57
N ALA C 222 31.47 45.81 -4.79
CA ALA C 222 32.84 46.26 -5.00
C ALA C 222 33.84 45.13 -4.77
N ALA C 223 33.62 44.32 -3.73
CA ALA C 223 34.54 43.22 -3.46
C ALA C 223 34.44 42.15 -4.54
N ILE C 224 33.24 41.93 -5.07
CA ILE C 224 33.07 40.98 -6.16
C ILE C 224 33.86 41.45 -7.39
N ARG C 225 33.68 42.72 -7.76
CA ARG C 225 34.43 43.28 -8.89
C ARG C 225 35.94 43.16 -8.66
N ARG C 226 36.38 43.42 -7.43
CA ARG C 226 37.81 43.36 -7.12
C ARG C 226 38.34 41.93 -7.22
N LEU C 227 37.63 40.97 -6.64
CA LEU C 227 38.07 39.57 -6.69
C LEU C 227 38.08 39.05 -8.13
N CYS C 228 37.08 39.44 -8.92
CA CYS C 228 37.05 39.03 -10.32
C CYS C 228 38.21 39.61 -11.10
N ASP C 229 38.53 40.90 -10.88
CA ASP C 229 39.69 41.48 -11.54
C ASP C 229 40.98 40.79 -11.11
N GLU C 230 41.12 40.52 -9.82
CA GLU C 230 42.37 39.97 -9.30
C GLU C 230 42.61 38.55 -9.80
N HIS C 231 41.56 37.71 -9.82
CA HIS C 231 41.71 36.30 -10.15
C HIS C 231 41.25 35.96 -11.55
N GLY C 232 40.87 36.94 -12.37
CA GLY C 232 40.47 36.66 -13.73
C GLY C 232 39.12 35.99 -13.87
N ILE C 233 38.21 36.22 -12.92
CA ILE C 233 36.90 35.58 -12.88
C ILE C 233 35.88 36.47 -13.59
N VAL C 234 34.89 35.86 -14.24
CA VAL C 234 33.86 36.62 -14.92
C VAL C 234 32.75 36.98 -13.93
N MET C 235 32.39 38.25 -13.89
CA MET C 235 31.38 38.77 -12.98
C MET C 235 30.04 38.83 -13.71
N ILE C 236 29.08 38.02 -13.26
CA ILE C 236 27.76 37.95 -13.88
C ILE C 236 26.74 38.55 -12.93
N ALA C 237 25.99 39.52 -13.43
CA ALA C 237 24.84 40.09 -12.73
C ALA C 237 23.57 39.54 -13.38
N ASP C 238 22.79 38.82 -12.60
CA ASP C 238 21.53 38.24 -13.06
C ASP C 238 20.42 39.24 -12.77
N GLU C 239 20.03 39.98 -13.81
CA GLU C 239 18.99 41.00 -13.70
C GLU C 239 17.70 40.55 -14.37
N VAL C 240 17.47 39.24 -14.43
CA VAL C 240 16.27 38.72 -15.08
C VAL C 240 15.02 39.27 -14.41
N GLN C 241 15.01 39.32 -13.08
CA GLN C 241 13.86 39.85 -12.35
C GLN C 241 14.01 41.31 -11.98
N SER C 242 15.25 41.78 -11.74
CA SER C 242 15.47 43.15 -11.30
C SER C 242 15.53 44.15 -12.45
N GLY C 243 15.54 43.67 -13.69
CA GLY C 243 15.81 44.56 -14.81
C GLY C 243 14.61 45.33 -15.31
N PHE C 244 14.91 46.39 -16.06
CA PHE C 244 13.95 47.19 -16.81
C PHE C 244 13.01 47.98 -15.91
N ALA C 245 13.58 48.97 -15.22
CA ALA C 245 12.93 50.04 -14.48
C ALA C 245 12.32 49.59 -13.15
N ARG C 246 12.42 48.31 -12.77
CA ARG C 246 11.74 47.89 -11.56
C ARG C 246 12.41 48.43 -10.30
N THR C 247 13.73 48.59 -10.31
CA THR C 247 14.45 48.97 -9.09
C THR C 247 14.52 50.48 -8.89
N GLY C 248 13.92 51.28 -9.78
CA GLY C 248 14.04 52.71 -9.73
C GLY C 248 14.98 53.30 -10.77
N LYS C 249 15.95 52.51 -11.22
CA LYS C 249 16.74 52.81 -12.40
C LYS C 249 16.56 51.65 -13.38
N LEU C 250 17.03 51.85 -14.61
CA LEU C 250 16.78 50.86 -15.66
C LEU C 250 17.25 49.47 -15.23
N PHE C 251 18.52 49.36 -14.84
CA PHE C 251 19.06 48.14 -14.29
C PHE C 251 19.53 48.37 -12.87
N ALA C 252 19.41 47.33 -12.04
CA ALA C 252 19.82 47.45 -10.66
C ALA C 252 21.31 47.77 -10.54
N MET C 253 22.12 47.29 -11.48
CA MET C 253 23.53 47.62 -11.49
C MET C 253 23.79 49.11 -11.67
N ASP C 254 22.82 49.86 -12.16
CA ASP C 254 22.98 51.30 -12.25
C ASP C 254 23.04 51.97 -10.88
N HIS C 255 22.62 51.27 -9.83
CA HIS C 255 22.73 51.81 -8.47
C HIS C 255 24.12 51.66 -7.89
N TYR C 256 25.10 51.17 -8.66
CA TYR C 256 26.43 50.89 -8.16
C TYR C 256 27.47 51.44 -9.13
N ALA C 257 28.66 51.74 -8.60
CA ALA C 257 29.72 52.27 -9.43
C ALA C 257 30.42 51.17 -10.22
N ASP C 258 30.44 49.94 -9.70
CA ASP C 258 31.13 48.85 -10.35
C ASP C 258 30.26 48.21 -11.42
N LYS C 259 30.85 47.95 -12.58
CA LYS C 259 30.07 47.32 -13.64
C LYS C 259 30.42 45.84 -13.76
N PRO C 260 29.45 44.98 -14.02
CA PRO C 260 29.74 43.56 -14.21
C PRO C 260 30.25 43.29 -15.62
N ASP C 261 30.82 42.08 -15.78
CA ASP C 261 31.27 41.65 -17.10
C ASP C 261 30.11 41.16 -17.96
N LEU C 262 29.16 40.45 -17.34
CA LEU C 262 27.99 39.95 -18.04
C LEU C 262 26.75 40.32 -17.25
N MET C 263 25.63 40.51 -17.96
CA MET C 263 24.33 40.76 -17.35
C MET C 263 23.28 39.97 -18.11
N THR C 264 22.41 39.27 -17.37
CA THR C 264 21.36 38.47 -17.97
C THR C 264 19.99 39.12 -17.79
N MET C 265 19.15 39.01 -18.82
CA MET C 265 17.83 39.64 -18.85
C MET C 265 16.80 38.66 -19.36
N ALA C 266 15.57 38.89 -18.92
CA ALA C 266 14.38 38.19 -19.36
C ALA C 266 13.23 38.85 -18.59
N SER C 268 10.73 41.12 -17.62
CA SER C 268 10.21 42.38 -18.14
C SER C 268 10.86 42.86 -19.46
N LEU C 269 11.88 42.14 -19.94
CA LEU C 269 12.59 42.56 -21.15
C LEU C 269 11.64 42.66 -22.34
N ALA C 270 10.63 41.79 -22.41
CA ALA C 270 9.67 41.80 -23.50
C ALA C 270 8.25 42.05 -23.03
N GLY C 271 8.05 42.31 -21.74
CA GLY C 271 6.76 42.73 -21.23
C GLY C 271 5.63 41.75 -21.43
N GLY C 272 5.91 40.45 -21.31
CA GLY C 272 4.91 39.42 -21.51
C GLY C 272 5.11 38.55 -22.73
N MET C 273 6.27 38.61 -23.38
CA MET C 273 6.58 37.79 -24.53
C MET C 273 7.85 36.99 -24.28
N PRO C 274 7.95 35.76 -24.83
CA PRO C 274 9.10 34.91 -24.51
C PRO C 274 10.41 35.41 -25.11
N LEU C 275 11.22 36.08 -24.30
CA LEU C 275 12.51 36.59 -24.74
C LEU C 275 13.46 36.64 -23.55
N SER C 276 14.74 36.38 -23.81
CA SER C 276 15.79 36.59 -22.83
C SER C 276 17.05 37.06 -23.56
N GLY C 277 18.10 37.33 -22.82
CA GLY C 277 19.29 37.88 -23.43
C GLY C 277 20.44 37.98 -22.46
N VAL C 278 21.64 38.09 -23.02
CA VAL C 278 22.87 38.31 -22.28
C VAL C 278 23.61 39.45 -22.95
N VAL C 279 24.02 40.45 -22.17
CA VAL C 279 24.80 41.56 -22.68
C VAL C 279 26.06 41.70 -21.83
N GLY C 280 27.19 41.97 -22.47
CA GLY C 280 28.39 42.13 -21.69
C GLY C 280 29.58 42.54 -22.53
N ASN C 281 30.74 42.53 -21.88
CA ASN C 281 32.00 42.92 -22.50
C ASN C 281 32.22 42.14 -23.78
N ALA C 282 32.40 42.88 -24.88
CA ALA C 282 32.44 42.25 -26.20
C ALA C 282 33.54 41.21 -26.31
N ASN C 283 34.70 41.48 -25.71
CA ASN C 283 35.79 40.52 -25.76
C ASN C 283 35.41 39.22 -25.06
N ILE C 284 34.79 39.31 -23.89
CA ILE C 284 34.31 38.12 -23.21
C ILE C 284 33.17 37.49 -23.98
N MET C 285 32.27 38.31 -24.54
CA MET C 285 31.13 37.78 -25.27
C MET C 285 31.55 37.04 -26.54
N ASP C 286 32.65 37.45 -27.16
CA ASP C 286 33.13 36.81 -28.38
C ASP C 286 33.90 35.52 -28.12
N ALA C 287 34.00 35.08 -26.87
CA ALA C 287 34.83 33.91 -26.56
C ALA C 287 34.36 32.64 -27.26
N PRO C 288 33.08 32.25 -27.23
CA PRO C 288 32.67 31.04 -27.94
C PRO C 288 32.78 31.20 -29.46
N ALA C 289 33.18 30.13 -30.13
CA ALA C 289 33.34 30.13 -31.56
C ALA C 289 31.98 30.15 -32.26
N PRO C 290 31.94 30.54 -33.54
CA PRO C 290 30.69 30.44 -34.31
C PRO C 290 30.14 29.02 -34.30
N GLY C 291 28.85 28.91 -33.99
CA GLY C 291 28.21 27.63 -33.79
C GLY C 291 28.13 27.18 -32.35
N GLY C 292 28.81 27.87 -31.44
CA GLY C 292 28.78 27.48 -30.04
C GLY C 292 27.56 27.96 -29.28
N LEU C 293 26.96 29.07 -29.73
CA LEU C 293 25.75 29.59 -29.12
C LEU C 293 24.61 29.51 -30.12
N GLY C 294 23.38 29.44 -29.60
CA GLY C 294 22.22 29.39 -30.45
C GLY C 294 20.98 29.03 -29.68
N GLY C 295 19.95 28.64 -30.43
CA GLY C 295 18.64 28.32 -29.87
C GLY C 295 17.59 28.54 -30.93
N THR C 296 16.70 27.56 -31.12
CA THR C 296 15.76 27.64 -32.23
C THR C 296 14.88 28.88 -32.11
N TYR C 297 14.23 29.05 -30.95
CA TYR C 297 13.35 30.19 -30.72
C TYR C 297 14.09 31.47 -30.41
N ALA C 298 15.41 31.43 -30.29
CA ALA C 298 16.18 32.55 -29.75
C ALA C 298 15.86 33.84 -30.49
N GLY C 299 15.60 34.90 -29.73
CA GLY C 299 15.24 36.17 -30.30
C GLY C 299 14.00 36.11 -31.17
N ASN C 300 12.90 35.62 -30.61
CA ASN C 300 11.68 35.48 -31.40
C ASN C 300 11.25 36.85 -31.94
N PRO C 301 10.97 36.96 -33.23
CA PRO C 301 10.61 38.27 -33.82
C PRO C 301 9.49 39.00 -33.08
N LEU C 302 8.43 38.29 -32.70
CA LEU C 302 7.33 38.94 -31.97
C LEU C 302 7.81 39.46 -30.62
N ALA C 303 8.56 38.63 -29.89
CA ALA C 303 9.10 39.06 -28.60
C ALA C 303 10.12 40.18 -28.78
N VAL C 304 10.86 40.17 -29.89
CA VAL C 304 11.84 41.24 -30.13
C VAL C 304 11.12 42.58 -30.34
N ALA C 305 10.09 42.57 -31.20
CA ALA C 305 9.28 43.78 -31.37
C ALA C 305 8.69 44.23 -30.04
N ALA C 306 8.23 43.28 -29.24
CA ALA C 306 7.69 43.63 -27.92
C ALA C 306 8.75 44.29 -27.06
N ALA C 307 10.00 43.82 -27.13
CA ALA C 307 11.06 44.41 -26.32
C ALA C 307 11.38 45.83 -26.76
N HIS C 308 11.42 46.06 -28.07
CA HIS C 308 11.55 47.42 -28.59
C HIS C 308 10.47 48.32 -28.01
N ALA C 309 9.23 47.84 -28.05
CA ALA C 309 8.13 48.60 -27.47
C ALA C 309 8.33 48.82 -25.98
N VAL C 310 8.89 47.83 -25.27
CA VAL C 310 9.08 47.95 -23.83
C VAL C 310 10.06 49.07 -23.50
N LEU C 311 11.17 49.11 -24.23
CA LEU C 311 12.13 50.20 -24.05
C LEU C 311 11.49 51.56 -24.34
N ASN C 312 10.75 51.66 -25.45
CA ASN C 312 10.07 52.92 -25.78
C ASN C 312 9.11 53.33 -24.67
N ILE C 313 8.36 52.37 -24.12
CA ILE C 313 7.39 52.67 -23.06
C ILE C 313 8.11 53.16 -21.81
N ILE C 314 9.15 52.42 -21.38
CA ILE C 314 9.90 52.83 -20.19
C ILE C 314 10.40 54.25 -20.35
N ASP C 315 10.84 54.62 -21.55
CA ASP C 315 11.31 55.99 -21.76
C ASP C 315 10.18 56.99 -21.72
N LYS C 316 9.19 56.83 -22.61
CA LYS C 316 8.20 57.89 -22.83
C LYS C 316 7.20 58.01 -21.69
N GLU C 317 7.07 56.99 -20.84
CA GLU C 317 6.15 57.07 -19.71
C GLU C 317 6.87 57.20 -18.38
N SER C 318 8.20 57.35 -18.40
CA SER C 318 9.01 57.62 -17.21
C SER C 318 8.76 56.59 -16.12
N LEU C 319 9.09 55.34 -16.42
CA LEU C 319 8.74 54.26 -15.52
C LEU C 319 9.73 54.07 -14.38
N CYS C 320 10.97 54.54 -14.52
CA CYS C 320 11.92 54.47 -13.40
C CYS C 320 11.48 55.36 -12.25
N GLU C 321 11.15 56.61 -12.59
CA GLU C 321 10.71 57.59 -11.57
C GLU C 321 9.43 57.05 -10.95
N ARG C 322 8.53 56.57 -11.79
CA ARG C 322 7.25 56.07 -11.30
C ARG C 322 7.46 54.88 -10.36
N ALA C 323 8.46 54.05 -10.64
CA ALA C 323 8.82 52.97 -9.73
C ALA C 323 9.27 53.52 -8.39
N ASN C 324 10.09 54.57 -8.41
CA ASN C 324 10.52 55.19 -7.16
C ASN C 324 9.34 55.73 -6.36
N GLN C 325 8.42 56.43 -7.03
CA GLN C 325 7.27 57.03 -6.34
C GLN C 325 6.37 55.96 -5.75
N LEU C 326 6.00 54.96 -6.56
CA LEU C 326 5.17 53.87 -6.05
C LEU C 326 5.86 53.13 -4.92
N GLY C 327 7.19 52.98 -5.01
CA GLY C 327 7.92 52.32 -3.94
C GLY C 327 7.84 53.10 -2.63
N GLN C 328 8.02 54.42 -2.70
CA GLN C 328 7.93 55.21 -1.48
C GLN C 328 6.52 55.19 -0.91
N ARG C 329 5.50 55.20 -1.76
CA ARG C 329 4.13 55.13 -1.25
C ARG C 329 3.86 53.80 -0.55
N LEU C 330 4.33 52.70 -1.16
CA LEU C 330 4.17 51.39 -0.52
C LEU C 330 4.94 51.34 0.80
N LYS C 331 6.12 51.95 0.82
CA LYS C 331 6.93 51.95 2.07
C LYS C 331 6.14 52.73 3.14
N ASN C 332 5.57 53.88 2.77
CA ASN C 332 4.78 54.66 3.72
C ASN C 332 3.67 53.82 4.31
N THR C 333 2.95 53.09 3.44
CA THR C 333 1.86 52.25 3.92
C THR C 333 2.37 51.15 4.84
N LEU C 334 3.55 50.59 4.52
CA LEU C 334 4.08 49.50 5.34
C LEU C 334 4.54 50.00 6.71
N ILE C 335 5.25 51.13 6.74
CA ILE C 335 5.67 51.73 8.01
C ILE C 335 4.46 52.13 8.84
N ASP C 336 3.45 52.71 8.18
CA ASP C 336 2.21 53.08 8.86
C ASP C 336 1.59 51.89 9.58
N ALA C 337 1.69 50.70 8.99
CA ALA C 337 1.11 49.50 9.57
C ALA C 337 2.02 48.81 10.58
N LYS C 338 3.26 49.26 10.70
CA LYS C 338 4.18 48.56 11.63
C LYS C 338 3.74 48.77 13.08
N GLU C 339 2.93 49.79 13.34
CA GLU C 339 2.61 50.18 14.71
C GLU C 339 1.37 49.48 15.26
N SER C 340 0.43 49.06 14.40
CA SER C 340 -0.72 48.29 14.84
C SER C 340 -0.52 46.79 14.67
N VAL C 341 0.40 46.37 13.83
CA VAL C 341 0.77 44.96 13.68
C VAL C 341 2.24 44.79 14.00
N PRO C 342 2.58 44.16 15.12
CA PRO C 342 4.00 43.94 15.44
C PRO C 342 4.65 42.85 14.61
N ALA C 343 3.85 42.04 13.90
CA ALA C 343 4.40 40.93 13.12
C ALA C 343 5.27 41.39 11.96
N ILE C 344 5.11 42.64 11.52
CA ILE C 344 5.97 43.20 10.47
C ILE C 344 7.39 43.28 11.02
N ALA C 345 8.31 42.51 10.44
CA ALA C 345 9.68 42.45 10.92
C ALA C 345 10.68 43.14 10.01
N ALA C 346 10.38 43.31 8.73
CA ALA C 346 11.32 43.99 7.85
C ALA C 346 10.60 44.54 6.63
N VAL C 347 11.11 45.66 6.11
CA VAL C 347 10.65 46.26 4.87
C VAL C 347 11.88 46.60 4.05
N ARG C 348 12.13 45.84 2.99
CA ARG C 348 13.35 45.97 2.22
C ARG C 348 13.03 46.09 0.74
N GLY C 349 14.08 46.36 -0.05
CA GLY C 349 13.97 46.39 -1.49
C GLY C 349 14.54 47.67 -2.06
N LEU C 350 14.32 47.84 -3.37
CA LEU C 350 14.87 48.97 -4.11
C LEU C 350 13.86 49.41 -5.17
N GLY C 351 13.55 50.70 -5.20
CA GLY C 351 12.58 51.21 -6.15
C GLY C 351 11.20 50.62 -5.91
N SER C 352 10.62 50.03 -6.96
CA SER C 352 9.36 49.30 -6.87
C SER C 352 9.57 47.80 -6.77
N MET C 353 10.74 47.37 -6.32
CA MET C 353 11.03 45.97 -6.01
C MET C 353 11.14 45.90 -4.49
N ILE C 354 9.98 45.88 -3.83
CA ILE C 354 9.87 46.02 -2.39
C ILE C 354 9.22 44.76 -1.83
N ALA C 355 9.63 44.41 -0.61
CA ALA C 355 9.10 43.23 0.06
C ALA C 355 9.04 43.50 1.55
N VAL C 356 8.12 42.80 2.21
CA VAL C 356 7.93 42.90 3.66
C VAL C 356 8.01 41.50 4.26
N GLU C 357 8.83 41.36 5.29
CA GLU C 357 9.04 40.08 5.95
C GLU C 357 8.36 40.09 7.32
N PHE C 358 7.66 39.00 7.62
CA PHE C 358 6.84 38.84 8.81
C PHE C 358 7.48 37.84 9.76
N ASN C 359 7.60 38.22 11.03
CA ASN C 359 8.00 37.32 12.09
C ASN C 359 6.86 37.16 13.08
N ASP C 360 6.94 36.11 13.88
CA ASP C 360 5.97 35.90 14.94
C ASP C 360 6.11 37.01 15.98
N PRO C 361 5.02 37.71 16.33
CA PRO C 361 5.13 38.79 17.31
C PRO C 361 5.34 38.33 18.75
N GLN C 362 5.62 37.04 18.94
CA GLN C 362 5.80 36.51 20.32
C GLN C 362 7.02 35.60 20.41
N THR C 363 7.41 34.99 19.30
CA THR C 363 8.58 34.12 19.28
C THR C 363 9.78 34.76 18.60
N GLY C 364 9.56 35.50 17.52
CA GLY C 364 10.62 35.99 16.69
C GLY C 364 11.00 35.07 15.55
N GLU C 365 10.43 33.87 15.51
CA GLU C 365 10.72 32.93 14.43
C GLU C 365 10.05 33.41 13.15
N PRO C 366 10.69 33.17 11.99
CA PRO C 366 10.06 33.53 10.72
C PRO C 366 8.71 32.86 10.57
N SER C 367 7.69 33.68 10.34
CA SER C 367 6.29 33.23 10.31
C SER C 367 5.79 33.25 8.87
N ALA C 368 5.76 32.08 8.23
CA ALA C 368 5.14 31.96 6.93
C ALA C 368 3.62 31.94 7.02
N ALA C 369 3.08 31.47 8.14
CA ALA C 369 1.63 31.37 8.28
C ALA C 369 0.98 32.75 8.37
N ILE C 370 1.64 33.70 9.05
CA ILE C 370 1.09 35.05 9.12
C ILE C 370 1.07 35.69 7.73
N ALA C 371 2.15 35.49 6.96
CA ALA C 371 2.18 36.02 5.60
C ALA C 371 1.11 35.37 4.73
N GLN C 372 0.90 34.06 4.89
CA GLN C 372 -0.15 33.41 4.11
C GLN C 372 -1.53 33.88 4.53
N LYS C 373 -1.72 34.23 5.80
CA LYS C 373 -2.99 34.79 6.23
C LYS C 373 -3.24 36.15 5.58
N ILE C 374 -2.21 37.00 5.57
CA ILE C 374 -2.32 38.28 4.89
C ILE C 374 -2.63 38.08 3.41
N GLN C 375 -1.98 37.09 2.80
CA GLN C 375 -2.18 36.84 1.38
C GLN C 375 -3.61 36.38 1.10
N GLN C 376 -4.15 35.49 1.95
CA GLN C 376 -5.52 35.03 1.77
C GLN C 376 -6.52 36.16 1.97
N ARG C 377 -6.28 37.01 2.97
CA ARG C 377 -7.13 38.19 3.16
C ARG C 377 -7.13 39.06 1.91
N ALA C 378 -5.96 39.42 1.41
CA ALA C 378 -5.89 40.28 0.24
C ALA C 378 -6.51 39.62 -0.99
N LEU C 379 -6.36 38.30 -1.10
CA LEU C 379 -6.92 37.59 -2.25
C LEU C 379 -8.44 37.61 -2.21
N ALA C 380 -9.03 37.49 -1.01
CA ALA C 380 -10.47 37.56 -0.86
C ALA C 380 -11.02 38.93 -1.25
N GLN C 381 -10.20 39.98 -1.21
CA GLN C 381 -10.70 41.32 -1.58
C GLN C 381 -10.31 41.65 -3.01
N GLY C 382 -9.62 40.77 -3.70
CA GLY C 382 -9.23 41.03 -5.08
C GLY C 382 -7.83 41.55 -5.27
N LEU C 383 -6.91 41.26 -4.35
CA LEU C 383 -5.52 41.68 -4.46
C LEU C 383 -4.64 40.44 -4.52
N LEU C 384 -3.89 40.30 -5.61
CA LEU C 384 -3.09 39.11 -5.89
C LEU C 384 -1.65 39.37 -5.49
N LEU C 385 -1.23 38.75 -4.38
CA LEU C 385 0.11 38.97 -3.85
C LEU C 385 0.95 37.71 -3.96
N LEU C 386 2.27 37.90 -4.00
CA LEU C 386 3.24 36.82 -4.13
C LEU C 386 4.11 36.72 -2.88
N THR C 387 4.44 35.50 -2.51
CA THR C 387 5.35 35.23 -1.41
C THR C 387 6.71 34.81 -1.94
N CYS C 388 7.68 34.82 -1.04
CA CYS C 388 9.07 34.45 -1.33
C CYS C 388 9.83 34.42 0.00
N GLY C 389 11.13 34.20 -0.08
CA GLY C 389 12.00 34.07 1.06
C GLY C 389 12.42 32.63 1.28
N ALA C 390 13.44 32.46 2.12
CA ALA C 390 13.87 31.12 2.49
C ALA C 390 12.79 30.39 3.27
N TYR C 391 12.13 31.09 4.19
CA TYR C 391 11.12 30.48 5.05
C TYR C 391 9.70 30.76 4.57
N GLY C 392 9.55 31.32 3.38
CA GLY C 392 8.22 31.64 2.87
C GLY C 392 7.48 32.66 3.69
N ASN C 393 8.20 33.55 4.38
CA ASN C 393 7.58 34.56 5.24
C ASN C 393 7.71 35.97 4.67
N VAL C 394 8.06 36.09 3.40
CA VAL C 394 8.22 37.39 2.75
C VAL C 394 7.11 37.57 1.74
N ILE C 395 6.48 38.75 1.72
CA ILE C 395 5.52 39.13 0.70
C ILE C 395 6.15 40.20 -0.17
N ARG C 396 6.29 39.90 -1.45
CA ARG C 396 6.91 40.82 -2.40
C ARG C 396 5.83 41.48 -3.24
N PHE C 397 6.00 42.78 -3.50
CA PHE C 397 5.01 43.57 -4.22
C PHE C 397 5.52 43.79 -5.64
N LEU C 398 4.94 43.05 -6.58
CA LEU C 398 5.33 43.15 -7.99
C LEU C 398 4.17 43.68 -8.82
N TYR C 399 3.61 44.82 -8.40
CA TYR C 399 2.64 45.52 -9.21
C TYR C 399 3.30 46.03 -10.49
N PRO C 400 2.58 46.05 -11.60
CA PRO C 400 3.12 46.68 -12.81
C PRO C 400 3.39 48.15 -12.55
N LEU C 401 4.51 48.64 -13.10
CA LEU C 401 4.87 50.04 -12.91
C LEU C 401 3.85 50.98 -13.54
N THR C 402 3.10 50.51 -14.53
CA THR C 402 2.09 51.31 -15.21
C THR C 402 0.74 51.29 -14.52
N ILE C 403 0.66 50.78 -13.29
CA ILE C 403 -0.62 50.71 -12.58
C ILE C 403 -1.16 52.11 -12.40
N PRO C 404 -2.47 52.34 -12.55
CA PRO C 404 -3.01 53.69 -12.33
C PRO C 404 -2.93 54.11 -10.87
N ASP C 405 -2.93 55.43 -10.67
CA ASP C 405 -2.84 55.97 -9.31
C ASP C 405 -4.02 55.53 -8.46
N ALA C 406 -5.24 55.64 -8.99
CA ALA C 406 -6.42 55.27 -8.22
C ALA C 406 -6.42 53.79 -7.88
N GLN C 407 -6.07 52.94 -8.86
CA GLN C 407 -6.03 51.50 -8.59
C GLN C 407 -4.94 51.16 -7.58
N PHE C 408 -3.77 51.81 -7.71
CA PHE C 408 -2.72 51.63 -6.70
C PHE C 408 -3.23 51.98 -5.31
N ASP C 409 -3.94 53.10 -5.18
CA ASP C 409 -4.42 53.53 -3.88
C ASP C 409 -5.47 52.57 -3.33
N ALA C 410 -6.33 52.05 -4.20
CA ALA C 410 -7.30 51.05 -3.77
C ALA C 410 -6.60 49.79 -3.27
N ALA C 411 -5.55 49.36 -3.99
CA ALA C 411 -4.77 48.21 -3.55
C ALA C 411 -4.10 48.47 -2.21
N MET C 412 -3.61 49.70 -2.00
CA MET C 412 -2.97 50.03 -0.72
C MET C 412 -3.98 50.01 0.42
N LYS C 413 -5.19 50.52 0.17
CA LYS C 413 -6.23 50.46 1.18
C LYS C 413 -6.54 49.01 1.54
N ILE C 414 -6.66 48.15 0.52
CA ILE C 414 -6.89 46.73 0.77
C ILE C 414 -5.73 46.12 1.56
N LEU C 415 -4.50 46.53 1.25
CA LEU C 415 -3.33 46.02 1.96
C LEU C 415 -3.37 46.41 3.43
N GLN C 416 -3.72 47.66 3.71
CA GLN C 416 -3.89 48.09 5.11
C GLN C 416 -4.95 47.26 5.82
N ASP C 417 -6.11 47.08 5.18
CA ASP C 417 -7.18 46.29 5.77
C ASP C 417 -6.70 44.87 6.09
N ALA C 418 -5.94 44.26 5.18
CA ALA C 418 -5.52 42.88 5.35
C ALA C 418 -4.39 42.72 6.36
N LEU C 419 -3.51 43.73 6.48
CA LEU C 419 -2.37 43.62 7.37
C LEU C 419 -2.81 43.51 8.83
N SER C 420 -3.55 44.52 9.27
CA SER C 420 -3.98 44.64 10.68
C SER C 420 -5.21 43.77 10.93
N ASP C 421 -5.06 42.46 10.78
CA ASP C 421 -6.20 41.53 10.98
C ASP C 421 -7.39 41.99 10.13
N SER D 2 -53.97 -9.18 -1.20
CA SER D 2 -54.09 -9.18 0.25
C SER D 2 -52.74 -8.93 0.91
N ASN D 3 -52.71 -7.99 1.86
CA ASN D 3 -51.49 -7.67 2.58
C ASN D 3 -51.09 -8.76 3.57
N ASN D 4 -51.96 -9.74 3.83
CA ASN D 4 -51.71 -10.74 4.85
C ASN D 4 -51.55 -12.15 4.31
N GLU D 5 -52.01 -12.42 3.09
CA GLU D 5 -51.75 -13.72 2.48
C GLU D 5 -50.31 -13.83 2.02
N PHE D 6 -49.79 -12.76 1.42
CA PHE D 6 -48.39 -12.72 1.03
C PHE D 6 -47.45 -12.62 2.21
N HIS D 7 -47.95 -12.21 3.40
CA HIS D 7 -47.12 -12.29 4.60
C HIS D 7 -46.75 -13.75 4.89
N GLN D 8 -47.75 -14.64 4.88
CA GLN D 8 -47.50 -16.06 5.08
C GLN D 8 -46.69 -16.65 3.92
N ARG D 9 -47.03 -16.28 2.68
CA ARG D 9 -46.23 -16.73 1.54
C ARG D 9 -44.76 -16.36 1.71
N ARG D 10 -44.50 -15.12 2.16
CA ARG D 10 -43.13 -14.66 2.37
C ARG D 10 -42.44 -15.48 3.45
N LEU D 11 -43.10 -15.65 4.60
CA LEU D 11 -42.51 -16.44 5.67
C LEU D 11 -42.18 -17.86 5.22
N SER D 12 -42.98 -18.42 4.31
CA SER D 12 -42.72 -19.79 3.87
C SER D 12 -41.65 -19.88 2.78
N ALA D 13 -41.52 -18.86 1.93
CA ALA D 13 -40.61 -18.95 0.79
C ALA D 13 -39.22 -18.41 1.06
N THR D 14 -39.08 -17.42 1.94
CA THR D 14 -37.81 -16.76 2.18
C THR D 14 -37.25 -17.12 3.55
N PRO D 15 -35.95 -16.98 3.76
CA PRO D 15 -35.39 -17.30 5.07
C PRO D 15 -35.74 -16.25 6.13
N ARG D 16 -35.86 -16.73 7.36
CA ARG D 16 -36.15 -15.86 8.51
C ARG D 16 -35.14 -14.73 8.66
N GLY D 17 -33.88 -14.96 8.24
CA GLY D 17 -32.82 -14.01 8.51
C GLY D 17 -33.00 -12.67 7.82
N VAL D 18 -33.74 -12.63 6.73
CA VAL D 18 -34.02 -11.39 6.03
C VAL D 18 -35.26 -10.79 6.71
N GLY D 19 -35.02 -9.89 7.66
CA GLY D 19 -36.11 -9.30 8.40
C GLY D 19 -36.79 -8.18 7.64
N VAL D 20 -38.07 -7.98 7.95
CA VAL D 20 -38.89 -6.97 7.29
C VAL D 20 -39.65 -6.20 8.37
N MET D 21 -39.70 -4.88 8.22
CA MET D 21 -40.31 -4.03 9.24
C MET D 21 -41.83 -3.95 9.09
N CYS D 22 -42.32 -3.78 7.86
CA CYS D 22 -43.72 -3.47 7.63
C CYS D 22 -44.52 -4.70 7.21
N ASN D 23 -45.78 -4.73 7.62
CA ASN D 23 -46.68 -5.84 7.34
C ASN D 23 -47.43 -5.68 6.03
N PHE D 24 -47.26 -4.56 5.34
CA PHE D 24 -47.91 -4.32 4.06
C PHE D 24 -46.90 -4.40 2.93
N PHE D 25 -47.42 -4.63 1.73
CA PHE D 25 -46.60 -4.84 0.53
C PHE D 25 -46.76 -3.65 -0.42
N ALA D 26 -45.63 -3.23 -1.01
CA ALA D 26 -45.61 -2.05 -1.86
C ALA D 26 -46.22 -2.36 -3.22
N GLN D 27 -47.03 -1.42 -3.71
CA GLN D 27 -47.66 -1.50 -5.03
C GLN D 27 -47.23 -0.38 -5.97
N SER D 28 -47.16 0.86 -5.48
CA SER D 28 -46.67 1.96 -6.29
C SER D 28 -46.04 3.00 -5.36
N ALA D 29 -45.26 3.90 -5.95
CA ALA D 29 -44.61 4.94 -5.17
C ALA D 29 -44.19 6.09 -6.08
N GLU D 30 -44.42 7.32 -5.62
CA GLU D 30 -44.04 8.52 -6.35
C GLU D 30 -43.66 9.61 -5.35
N ASN D 31 -42.43 10.14 -5.51
CA ASN D 31 -41.89 11.15 -4.62
C ASN D 31 -41.84 10.64 -3.19
N ALA D 32 -42.72 11.15 -2.34
CA ALA D 32 -42.79 10.73 -0.94
C ALA D 32 -44.08 9.99 -0.61
N THR D 33 -44.81 9.53 -1.63
CA THR D 33 -46.08 8.84 -1.45
C THR D 33 -45.89 7.38 -1.81
N LEU D 34 -46.28 6.48 -0.91
CA LEU D 34 -46.21 5.05 -1.14
C LEU D 34 -47.59 4.44 -0.99
N LYS D 35 -48.00 3.61 -1.95
CA LYS D 35 -49.32 3.00 -1.97
C LYS D 35 -49.17 1.48 -1.98
N ASP D 36 -49.86 0.80 -1.06
CA ASP D 36 -49.73 -0.63 -0.90
C ASP D 36 -50.72 -1.37 -1.79
N VAL D 37 -50.67 -2.71 -1.74
CA VAL D 37 -51.50 -3.54 -2.62
C VAL D 37 -52.98 -3.48 -2.26
N GLU D 38 -53.33 -2.90 -1.11
CA GLU D 38 -54.72 -2.73 -0.73
C GLU D 38 -55.21 -1.28 -0.91
N GLY D 39 -54.32 -0.35 -1.25
CA GLY D 39 -54.70 1.01 -1.54
C GLY D 39 -54.28 2.03 -0.51
N ASN D 40 -53.77 1.62 0.65
CA ASN D 40 -53.39 2.55 1.69
C ASN D 40 -52.23 3.45 1.22
N GLU D 41 -52.31 4.73 1.59
CA GLU D 41 -51.27 5.70 1.26
C GLU D 41 -50.44 6.04 2.49
N TYR D 42 -49.13 6.14 2.30
CA TYR D 42 -48.18 6.44 3.36
C TYR D 42 -47.25 7.56 2.92
N ILE D 43 -46.93 8.44 3.85
CA ILE D 43 -45.89 9.46 3.65
C ILE D 43 -44.56 8.82 4.03
N ASP D 44 -43.68 8.66 3.06
CA ASP D 44 -42.45 7.87 3.23
C ASP D 44 -41.38 8.75 3.86
N PHE D 45 -41.19 8.62 5.18
CA PHE D 45 -40.07 9.25 5.86
C PHE D 45 -38.89 8.31 6.02
N ALA D 46 -38.86 7.23 5.24
CA ALA D 46 -37.74 6.30 5.19
C ALA D 46 -36.91 6.42 3.92
N ALA D 47 -37.55 6.72 2.78
CA ALA D 47 -36.88 6.88 1.49
C ALA D 47 -35.98 5.68 1.18
N GLY D 48 -36.48 4.48 1.46
CA GLY D 48 -35.70 3.29 1.23
C GLY D 48 -34.38 3.28 1.98
N ILE D 49 -34.37 3.81 3.20
CA ILE D 49 -33.17 4.05 4.00
C ILE D 49 -32.26 5.02 3.27
N ALA D 50 -32.70 6.27 3.12
CA ALA D 50 -31.88 7.36 2.59
C ALA D 50 -31.36 7.09 1.18
N VAL D 51 -32.11 6.31 0.40
CA VAL D 51 -31.73 6.06 -0.98
C VAL D 51 -32.45 7.02 -1.92
N LEU D 52 -33.59 7.57 -1.50
CA LEU D 52 -34.40 8.37 -2.39
C LEU D 52 -34.37 9.84 -2.00
N ASN D 53 -33.18 10.44 -1.94
CA ASN D 53 -33.09 11.87 -1.68
C ASN D 53 -33.83 12.66 -2.75
N THR D 54 -33.85 12.16 -3.98
CA THR D 54 -34.61 12.79 -5.05
C THR D 54 -36.04 12.27 -5.13
N GLY D 55 -36.44 11.40 -4.21
CA GLY D 55 -37.80 10.89 -4.17
C GLY D 55 -38.03 9.71 -5.09
N HIS D 56 -39.06 8.93 -4.76
CA HIS D 56 -39.51 7.82 -5.59
C HIS D 56 -39.78 8.26 -7.02
N ARG D 57 -39.10 7.63 -7.96
CA ARG D 57 -39.34 7.77 -9.40
C ARG D 57 -39.46 9.24 -9.81
N HIS D 58 -38.38 9.98 -9.60
CA HIS D 58 -38.34 11.34 -10.10
C HIS D 58 -38.43 11.32 -11.62
N PRO D 59 -39.26 12.19 -12.22
CA PRO D 59 -39.46 12.13 -13.68
C PRO D 59 -38.17 12.13 -14.48
N ASP D 60 -37.19 12.96 -14.08
CA ASP D 60 -35.94 13.01 -14.83
C ASP D 60 -35.15 11.71 -14.69
N LEU D 61 -35.18 11.09 -13.50
CA LEU D 61 -34.50 9.81 -13.33
C LEU D 61 -35.17 8.73 -14.17
N VAL D 62 -36.51 8.72 -14.20
CA VAL D 62 -37.22 7.73 -15.01
C VAL D 62 -36.93 7.94 -16.49
N ALA D 63 -36.87 9.20 -16.92
CA ALA D 63 -36.56 9.49 -18.32
C ALA D 63 -35.16 9.03 -18.68
N ALA D 64 -34.18 9.28 -17.80
CA ALA D 64 -32.82 8.84 -18.06
C ALA D 64 -32.74 7.32 -18.11
N VAL D 65 -33.44 6.65 -17.18
CA VAL D 65 -33.40 5.19 -17.16
C VAL D 65 -34.04 4.62 -18.42
N GLU D 66 -35.16 5.19 -18.87
CA GLU D 66 -35.79 4.71 -20.10
C GLU D 66 -34.90 4.96 -21.31
N GLN D 67 -34.32 6.16 -21.41
CA GLN D 67 -33.39 6.46 -22.49
C GLN D 67 -32.27 5.43 -22.55
N GLN D 68 -31.68 5.10 -21.40
CA GLN D 68 -30.60 4.12 -21.39
C GLN D 68 -31.13 2.72 -21.69
N LEU D 69 -32.33 2.41 -21.21
CA LEU D 69 -32.97 1.13 -21.48
C LEU D 69 -33.20 0.91 -22.97
N GLN D 70 -33.24 1.99 -23.75
CA GLN D 70 -33.29 1.85 -25.21
C GLN D 70 -31.93 1.59 -25.85
N GLN D 71 -30.84 1.56 -25.07
CA GLN D 71 -29.50 1.40 -25.62
C GLN D 71 -28.83 0.11 -25.15
N PHE D 72 -28.61 -0.05 -23.85
CA PHE D 72 -28.09 -1.29 -23.27
C PHE D 72 -28.17 -1.19 -21.76
N THR D 73 -28.46 -2.32 -21.12
CA THR D 73 -28.54 -2.38 -19.67
C THR D 73 -27.28 -2.91 -19.01
N HIS D 74 -26.46 -3.65 -19.76
CA HIS D 74 -25.21 -4.20 -19.18
C HIS D 74 -24.26 -4.70 -20.25
N THR D 75 -23.00 -4.29 -20.19
CA THR D 75 -21.98 -4.82 -21.07
C THR D 75 -20.80 -5.42 -20.32
N ALA D 76 -20.85 -5.45 -18.98
CA ALA D 76 -19.68 -5.68 -18.14
C ALA D 76 -18.62 -4.62 -18.43
N TYR D 77 -18.50 -3.64 -17.54
CA TYR D 77 -17.65 -2.50 -17.78
C TYR D 77 -16.20 -2.91 -17.97
N GLN D 78 -15.72 -3.88 -17.18
CA GLN D 78 -14.35 -4.35 -17.33
C GLN D 78 -14.09 -5.06 -18.65
N ILE D 79 -15.12 -5.28 -19.46
CA ILE D 79 -14.95 -5.88 -20.77
C ILE D 79 -15.12 -4.80 -21.83
N VAL D 80 -16.29 -4.15 -21.84
CA VAL D 80 -16.60 -3.10 -22.78
C VAL D 80 -17.08 -1.88 -21.99
N PRO D 81 -16.36 -0.77 -22.01
CA PRO D 81 -16.74 0.41 -21.24
C PRO D 81 -17.77 1.26 -21.98
N TYR D 82 -18.24 2.29 -21.29
CA TYR D 82 -19.21 3.22 -21.83
C TYR D 82 -18.94 4.61 -21.27
N GLU D 83 -19.34 5.63 -22.04
CA GLU D 83 -18.97 7.00 -21.71
C GLU D 83 -19.68 7.52 -20.47
N SER D 84 -20.89 7.02 -20.18
CA SER D 84 -21.63 7.52 -19.03
C SER D 84 -20.89 7.26 -17.73
N TYR D 85 -20.23 6.10 -17.62
CA TYR D 85 -19.35 5.81 -16.50
C TYR D 85 -18.27 6.88 -16.36
N VAL D 86 -17.61 7.21 -17.48
CA VAL D 86 -16.49 8.15 -17.46
C VAL D 86 -16.96 9.56 -17.09
N THR D 87 -18.05 10.01 -17.70
CA THR D 87 -18.53 11.36 -17.40
C THR D 87 -19.04 11.48 -15.96
N LEU D 88 -19.67 10.41 -15.45
CA LEU D 88 -20.10 10.43 -14.05
C LEU D 88 -18.89 10.47 -13.12
N ALA D 89 -17.83 9.73 -13.47
CA ALA D 89 -16.61 9.80 -12.69
C ALA D 89 -16.02 11.20 -12.70
N GLU D 90 -16.05 11.86 -13.87
CA GLU D 90 -15.50 13.22 -13.96
C GLU D 90 -16.29 14.18 -13.10
N LYS D 91 -17.62 14.05 -13.09
CA LYS D 91 -18.43 14.93 -12.26
C LYS D 91 -18.18 14.68 -10.77
N ILE D 92 -18.09 13.41 -10.36
CA ILE D 92 -17.80 13.11 -8.96
C ILE D 92 -16.42 13.65 -8.58
N ASN D 93 -15.44 13.50 -9.47
CA ASN D 93 -14.10 14.02 -9.20
C ASN D 93 -14.15 15.52 -8.98
N ALA D 94 -14.91 16.23 -9.82
CA ALA D 94 -15.03 17.67 -9.65
C ALA D 94 -15.72 18.05 -8.35
N LEU D 95 -16.69 17.25 -7.89
CA LEU D 95 -17.47 17.64 -6.73
C LEU D 95 -16.95 17.06 -5.41
N ALA D 96 -16.07 16.07 -5.43
CA ALA D 96 -15.71 15.34 -4.22
C ALA D 96 -14.81 16.20 -3.32
N PRO D 97 -15.00 16.15 -2.01
CA PRO D 97 -14.12 16.88 -1.08
C PRO D 97 -12.82 16.12 -0.81
N VAL D 98 -11.97 16.04 -1.82
CA VAL D 98 -10.66 15.42 -1.70
C VAL D 98 -9.61 16.45 -2.08
N SER D 99 -8.48 16.42 -1.39
CA SER D 99 -7.41 17.38 -1.62
C SER D 99 -6.62 16.96 -2.86
N GLY D 100 -6.66 17.77 -3.90
CA GLY D 100 -5.91 17.49 -5.09
C GLY D 100 -6.71 16.71 -6.12
N GLN D 101 -5.97 16.05 -7.01
CA GLN D 101 -6.56 15.33 -8.12
C GLN D 101 -7.35 14.12 -7.61
N ALA D 102 -8.58 14.00 -8.07
CA ALA D 102 -9.48 12.92 -7.66
C ALA D 102 -9.60 11.86 -8.74
N LYS D 103 -9.90 10.64 -8.31
CA LYS D 103 -10.26 9.54 -9.21
C LYS D 103 -11.41 8.77 -8.59
N THR D 104 -12.28 8.24 -9.46
CA THR D 104 -13.52 7.60 -9.05
C THR D 104 -13.67 6.24 -9.74
N ALA D 105 -14.09 5.24 -8.96
CA ALA D 105 -14.47 3.94 -9.47
C ALA D 105 -15.88 3.60 -9.00
N PHE D 106 -16.61 2.86 -9.82
CA PHE D 106 -17.99 2.52 -9.50
C PHE D 106 -18.16 1.02 -9.29
N PHE D 107 -18.97 0.68 -8.30
CA PHE D 107 -19.37 -0.71 -8.05
C PHE D 107 -20.88 -0.68 -7.89
N THR D 108 -21.44 -1.69 -7.24
CA THR D 108 -22.88 -1.83 -7.21
C THR D 108 -23.50 -1.53 -5.85
N THR D 109 -22.92 -1.99 -4.75
CA THR D 109 -23.52 -1.80 -3.43
C THR D 109 -22.58 -1.01 -2.52
N GLY D 110 -23.17 -0.45 -1.46
CA GLY D 110 -22.38 0.34 -0.53
C GLY D 110 -21.34 -0.48 0.20
N ALA D 111 -21.71 -1.69 0.61
CA ALA D 111 -20.73 -2.59 1.21
C ALA D 111 -19.59 -2.88 0.24
N GLU D 112 -19.92 -3.05 -1.04
CA GLU D 112 -18.90 -3.24 -2.06
C GLU D 112 -17.96 -2.04 -2.14
N ALA D 113 -18.53 -0.82 -2.04
CA ALA D 113 -17.70 0.39 -2.07
C ALA D 113 -16.76 0.44 -0.87
N VAL D 114 -17.27 0.14 0.33
CA VAL D 114 -16.41 0.11 1.51
C VAL D 114 -15.32 -0.94 1.35
N GLU D 115 -15.68 -2.13 0.83
CA GLU D 115 -14.70 -3.17 0.59
C GLU D 115 -13.58 -2.68 -0.32
N ASN D 116 -13.94 -1.98 -1.40
CA ASN D 116 -12.92 -1.52 -2.32
C ASN D 116 -12.10 -0.38 -1.72
N ALA D 117 -12.69 0.44 -0.87
CA ALA D 117 -11.91 1.45 -0.17
C ALA D 117 -10.85 0.80 0.70
N VAL D 118 -11.22 -0.28 1.40
CA VAL D 118 -10.24 -0.98 2.23
C VAL D 118 -9.18 -1.66 1.36
N LYS D 119 -9.60 -2.22 0.21
CA LYS D 119 -8.64 -2.84 -0.70
C LYS D 119 -7.64 -1.81 -1.21
N ILE D 120 -8.13 -0.62 -1.55
CA ILE D 120 -7.28 0.47 -2.04
C ILE D 120 -6.30 0.90 -0.95
N ALA D 121 -6.79 1.04 0.28
CA ALA D 121 -5.92 1.46 1.38
C ALA D 121 -4.84 0.43 1.68
N ARG D 122 -5.21 -0.86 1.65
CA ARG D 122 -4.21 -1.90 1.90
C ARG D 122 -3.19 -1.97 0.78
N ALA D 123 -3.63 -1.79 -0.48
CA ALA D 123 -2.68 -1.79 -1.59
C ALA D 123 -1.76 -0.59 -1.53
N HIS D 124 -2.28 0.56 -1.08
CA HIS D 124 -1.46 1.77 -1.02
C HIS D 124 -0.45 1.69 0.11
N THR D 125 -0.84 1.18 1.27
CA THR D 125 0.03 1.23 2.44
C THR D 125 0.82 -0.05 2.67
N GLY D 126 0.37 -1.18 2.12
CA GLY D 126 1.02 -2.44 2.42
C GLY D 126 0.81 -2.94 3.84
N ARG D 127 -0.20 -2.42 4.53
CA ARG D 127 -0.47 -2.71 5.92
C ARG D 127 -1.79 -3.48 6.06
N PRO D 128 -2.01 -4.13 7.21
CA PRO D 128 -3.26 -4.88 7.39
C PRO D 128 -4.36 -4.13 8.14
N GLY D 129 -3.97 -3.24 9.05
CA GLY D 129 -4.88 -2.77 10.07
C GLY D 129 -5.93 -1.79 9.57
N VAL D 130 -7.10 -1.84 10.21
CA VAL D 130 -8.17 -0.87 9.97
C VAL D 130 -8.81 -0.51 11.31
N ILE D 131 -9.05 0.77 11.52
CA ILE D 131 -9.68 1.27 12.74
C ILE D 131 -11.01 1.92 12.36
N ALA D 132 -12.08 1.52 13.04
CA ALA D 132 -13.40 2.08 12.83
C ALA D 132 -13.98 2.55 14.17
N PHE D 133 -15.26 2.90 14.18
CA PHE D 133 -15.87 3.48 15.37
C PHE D 133 -17.05 2.65 15.84
N SER D 134 -17.25 2.65 17.16
CA SER D 134 -18.44 2.04 17.74
C SER D 134 -19.69 2.76 17.24
N GLY D 135 -20.76 2.01 17.03
CA GLY D 135 -21.96 2.56 16.46
C GLY D 135 -21.92 2.74 14.96
N GLY D 136 -20.79 2.48 14.31
CA GLY D 136 -20.72 2.63 12.88
C GLY D 136 -21.32 1.45 12.15
N PHE D 137 -21.78 1.70 10.92
CA PHE D 137 -22.30 0.67 10.05
C PHE D 137 -21.67 0.83 8.67
N HIS D 138 -21.13 -0.27 8.13
CA HIS D 138 -20.42 -0.18 6.86
C HIS D 138 -20.76 -1.33 5.90
N GLY D 139 -21.73 -2.17 6.21
CA GLY D 139 -22.15 -3.23 5.30
C GLY D 139 -22.27 -4.57 6.01
N ARG D 140 -22.87 -5.52 5.28
CA ARG D 140 -23.14 -6.84 5.82
C ARG D 140 -22.23 -7.93 5.25
N THR D 141 -21.28 -7.59 4.39
CA THR D 141 -20.29 -8.57 3.99
C THR D 141 -19.33 -8.84 5.17
N TYR D 142 -18.43 -9.81 4.97
CA TYR D 142 -17.55 -10.25 6.04
C TYR D 142 -16.69 -9.10 6.58
N MET D 143 -15.88 -8.50 5.70
CA MET D 143 -15.01 -7.40 6.13
C MET D 143 -15.85 -6.22 6.62
N THR D 144 -16.94 -5.91 5.93
CA THR D 144 -17.76 -4.77 6.34
C THR D 144 -18.53 -5.07 7.62
N MET D 145 -18.82 -6.34 7.89
CA MET D 145 -19.33 -6.68 9.21
C MET D 145 -18.26 -6.44 10.27
N ALA D 146 -17.02 -6.83 9.97
CA ALA D 146 -15.93 -6.58 10.92
C ALA D 146 -15.78 -5.09 11.21
N LEU D 147 -15.91 -4.26 10.17
CA LEU D 147 -15.82 -2.81 10.38
C LEU D 147 -17.02 -2.28 11.14
N THR D 148 -18.21 -2.82 10.87
CA THR D 148 -19.42 -2.41 11.58
C THR D 148 -19.23 -2.52 13.08
N GLY D 149 -19.63 -1.48 13.80
CA GLY D 149 -19.42 -1.41 15.23
C GLY D 149 -20.66 -1.66 16.07
N LYS D 150 -21.59 -2.45 15.54
CA LYS D 150 -22.79 -2.83 16.26
C LYS D 150 -23.00 -4.33 16.07
N VAL D 151 -22.80 -5.09 17.14
CA VAL D 151 -22.81 -6.55 17.03
C VAL D 151 -24.22 -7.06 16.81
N ALA D 152 -25.19 -6.50 17.52
CA ALA D 152 -26.57 -6.93 17.40
C ALA D 152 -27.33 -5.99 16.47
N PRO D 153 -27.94 -6.50 15.39
CA PRO D 153 -27.95 -7.91 14.99
C PRO D 153 -26.99 -8.25 13.84
N TYR D 154 -26.12 -7.31 13.47
CA TYR D 154 -25.40 -7.42 12.20
C TYR D 154 -24.37 -8.54 12.21
N LYS D 155 -23.75 -8.82 13.35
CA LYS D 155 -22.60 -9.72 13.40
C LYS D 155 -22.89 -11.03 14.13
N ILE D 156 -24.11 -11.26 14.58
CA ILE D 156 -24.43 -12.39 15.45
C ILE D 156 -24.32 -13.68 14.63
N GLY D 157 -23.36 -14.52 14.98
CA GLY D 157 -23.24 -15.85 14.42
C GLY D 157 -22.34 -15.98 13.21
N PHE D 158 -21.71 -14.90 12.76
CA PHE D 158 -20.93 -14.92 11.52
C PHE D 158 -19.43 -14.88 11.74
N GLY D 159 -18.97 -14.86 13.00
CA GLY D 159 -17.56 -14.85 13.29
C GLY D 159 -16.92 -16.21 13.03
N PRO D 160 -15.62 -16.32 13.35
CA PRO D 160 -14.79 -15.25 13.89
C PRO D 160 -14.42 -14.21 12.84
N PHE D 161 -14.07 -13.01 13.29
CA PHE D 161 -13.81 -11.89 12.41
C PHE D 161 -12.32 -11.67 12.26
N PRO D 162 -11.88 -11.07 11.16
CA PRO D 162 -10.44 -10.99 10.89
C PRO D 162 -9.73 -10.09 11.88
N GLY D 163 -8.44 -10.39 12.08
CA GLY D 163 -7.63 -9.58 12.95
C GLY D 163 -7.31 -8.22 12.36
N SER D 164 -6.64 -7.40 13.17
CA SER D 164 -6.18 -6.08 12.78
C SER D 164 -7.32 -5.11 12.49
N VAL D 165 -8.53 -5.41 12.97
CA VAL D 165 -9.68 -4.52 12.82
C VAL D 165 -10.15 -4.14 14.20
N TYR D 166 -10.10 -2.85 14.52
CA TYR D 166 -10.42 -2.41 15.87
C TYR D 166 -11.47 -1.31 15.81
N HIS D 167 -12.03 -0.99 16.98
CA HIS D 167 -13.05 0.04 17.10
C HIS D 167 -12.72 0.98 18.26
N VAL D 168 -13.04 2.25 18.07
CA VAL D 168 -12.89 3.25 19.13
C VAL D 168 -14.25 3.94 19.32
N PRO D 169 -14.53 4.51 20.49
CA PRO D 169 -15.85 5.11 20.72
C PRO D 169 -16.04 6.35 19.87
N TYR D 170 -17.28 6.57 19.47
CA TYR D 170 -17.69 7.74 18.69
C TYR D 170 -18.24 8.80 19.62
N PRO D 171 -17.91 10.08 19.43
CA PRO D 171 -18.37 11.11 20.37
C PRO D 171 -19.90 11.23 20.37
N SER D 172 -20.46 11.30 21.57
CA SER D 172 -21.90 11.45 21.79
C SER D 172 -22.09 12.34 23.01
N ASP D 173 -22.73 13.50 22.82
CA ASP D 173 -22.90 14.43 23.93
C ASP D 173 -23.90 13.92 24.96
N LEU D 174 -24.90 13.16 24.53
CA LEU D 174 -25.88 12.62 25.47
C LEU D 174 -25.37 11.41 26.24
N HIS D 175 -24.38 10.70 25.70
CA HIS D 175 -23.82 9.52 26.35
C HIS D 175 -22.48 9.79 27.01
N GLY D 176 -22.00 11.04 26.99
CA GLY D 176 -20.77 11.38 27.69
C GLY D 176 -19.49 10.90 27.03
N ILE D 177 -19.51 10.68 25.73
CA ILE D 177 -18.31 10.31 24.97
C ILE D 177 -17.77 11.57 24.29
N SER D 178 -16.53 11.92 24.57
CA SER D 178 -15.91 13.12 24.01
C SER D 178 -14.91 12.75 22.93
N THR D 179 -14.50 13.77 22.16
CA THR D 179 -13.48 13.57 21.14
C THR D 179 -12.19 13.04 21.76
N GLN D 180 -11.82 13.57 22.93
CA GLN D 180 -10.62 13.10 23.61
C GLN D 180 -10.73 11.63 23.96
N ASP D 181 -11.95 11.13 24.24
CA ASP D 181 -12.13 9.70 24.50
C ASP D 181 -11.77 8.88 23.26
N SER D 182 -12.27 9.30 22.11
CA SER D 182 -11.95 8.64 20.84
C SER D 182 -10.44 8.63 20.62
N LEU D 183 -9.78 9.76 20.81
CA LEU D 183 -8.34 9.86 20.55
C LEU D 183 -7.55 9.01 21.54
N ASP D 184 -8.00 8.95 22.80
CA ASP D 184 -7.31 8.12 23.78
C ASP D 184 -7.46 6.64 23.46
N ALA D 185 -8.62 6.25 22.94
CA ALA D 185 -8.80 4.87 22.53
C ALA D 185 -7.91 4.54 21.32
N ILE D 186 -7.76 5.49 20.40
CA ILE D 186 -6.85 5.28 19.28
C ILE D 186 -5.42 5.12 19.77
N GLU D 187 -5.02 5.93 20.76
CA GLU D 187 -3.67 5.84 21.30
C GLU D 187 -3.46 4.51 22.03
N ARG D 188 -4.49 4.06 22.74
CA ARG D 188 -4.44 2.75 23.43
C ARG D 188 -4.24 1.67 22.36
N LEU D 189 -4.93 1.79 21.23
CA LEU D 189 -4.73 0.85 20.13
C LEU D 189 -3.28 0.86 19.68
N PHE D 190 -2.71 2.06 19.49
CA PHE D 190 -1.32 2.17 19.03
C PHE D 190 -0.33 1.62 20.06
N LYS D 191 -0.70 1.61 21.34
CA LYS D 191 0.22 1.15 22.37
C LYS D 191 -0.04 -0.27 22.85
N SER D 192 -1.15 -0.90 22.46
CA SER D 192 -1.52 -2.19 23.04
C SER D 192 -1.86 -3.23 21.98
N ASP D 193 -2.43 -2.82 20.85
CA ASP D 193 -3.02 -3.75 19.90
C ASP D 193 -2.31 -3.80 18.56
N ILE D 194 -1.85 -2.67 18.04
CA ILE D 194 -1.22 -2.62 16.72
C ILE D 194 -0.45 -1.32 16.62
N GLU D 195 0.73 -1.38 16.01
CA GLU D 195 1.50 -0.16 15.82
C GLU D 195 0.90 0.66 14.69
N ALA D 196 0.96 1.98 14.83
CA ALA D 196 0.31 2.87 13.86
C ALA D 196 0.81 2.61 12.45
N LYS D 197 2.11 2.30 12.31
CA LYS D 197 2.66 2.06 10.98
C LYS D 197 2.20 0.73 10.39
N GLN D 198 1.32 0.00 11.08
CA GLN D 198 0.68 -1.19 10.50
C GLN D 198 -0.81 -0.99 10.32
N VAL D 199 -1.35 0.20 10.62
CA VAL D 199 -2.74 0.52 10.36
C VAL D 199 -2.85 1.13 8.97
N ALA D 200 -3.71 0.55 8.14
CA ALA D 200 -3.84 1.00 6.75
C ALA D 200 -4.87 2.10 6.58
N ALA D 201 -5.97 2.05 7.33
CA ALA D 201 -7.04 3.02 7.13
C ALA D 201 -7.73 3.32 8.44
N ILE D 202 -8.39 4.49 8.46
CA ILE D 202 -9.32 4.87 9.52
C ILE D 202 -10.61 5.27 8.83
N ILE D 203 -11.67 4.48 9.03
CA ILE D 203 -12.93 4.68 8.33
C ILE D 203 -13.96 5.21 9.33
N PHE D 204 -14.71 6.22 8.91
CA PHE D 204 -15.69 6.83 9.80
C PHE D 204 -16.82 7.44 8.98
N GLU D 205 -17.99 7.53 9.61
CA GLU D 205 -19.08 8.29 9.00
C GLU D 205 -19.12 9.69 9.58
N PRO D 206 -19.11 10.72 8.74
CA PRO D 206 -19.31 12.08 9.27
C PRO D 206 -20.61 12.24 10.03
N VAL D 207 -21.65 11.52 9.62
CA VAL D 207 -22.90 11.40 10.39
C VAL D 207 -23.25 9.92 10.43
N GLN D 208 -23.26 9.34 11.61
CA GLN D 208 -23.53 7.92 11.73
C GLN D 208 -24.97 7.61 11.35
N GLY D 209 -25.15 6.67 10.43
CA GLY D 209 -26.47 6.32 9.97
C GLY D 209 -27.26 5.52 11.00
N GLU D 210 -26.94 4.23 11.12
CA GLU D 210 -27.62 3.37 12.09
C GLU D 210 -27.21 3.68 13.53
N GLY D 211 -26.21 4.53 13.73
CA GLY D 211 -25.75 4.85 15.08
C GLY D 211 -26.60 5.87 15.82
N GLY D 212 -27.56 6.49 15.15
CA GLY D 212 -28.41 7.50 15.76
C GLY D 212 -28.17 8.91 15.28
N PHE D 213 -27.59 9.10 14.09
CA PHE D 213 -27.33 10.41 13.50
C PHE D 213 -26.42 11.25 14.40
N ASN D 214 -25.40 10.63 14.96
CA ASN D 214 -24.37 11.34 15.70
C ASN D 214 -23.44 12.06 14.73
N VAL D 215 -23.29 13.37 14.93
CA VAL D 215 -22.48 14.19 14.04
C VAL D 215 -21.04 14.21 14.56
N ALA D 216 -20.09 14.03 13.66
CA ALA D 216 -18.68 14.05 14.06
C ALA D 216 -18.26 15.47 14.40
N PRO D 217 -17.66 15.69 15.56
CA PRO D 217 -17.16 17.04 15.87
C PRO D 217 -16.03 17.43 14.93
N LYS D 218 -15.91 18.74 14.71
CA LYS D 218 -14.84 19.25 13.84
C LYS D 218 -13.47 18.90 14.41
N GLU D 219 -13.33 18.93 15.75
CA GLU D 219 -12.06 18.55 16.36
C GLU D 219 -11.72 17.09 16.07
N LEU D 220 -12.73 16.23 16.00
CA LEU D 220 -12.48 14.83 15.72
C LEU D 220 -12.01 14.61 14.29
N VAL D 221 -12.69 15.24 13.32
CA VAL D 221 -12.26 15.13 11.93
C VAL D 221 -10.85 15.68 11.76
N ALA D 222 -10.56 16.80 12.43
CA ALA D 222 -9.22 17.38 12.34
C ALA D 222 -8.18 16.45 12.94
N ALA D 223 -8.48 15.84 14.08
CA ALA D 223 -7.54 14.91 14.69
C ALA D 223 -7.33 13.68 13.84
N ILE D 224 -8.38 13.22 13.14
CA ILE D 224 -8.23 12.07 12.25
C ILE D 224 -7.31 12.43 11.09
N ARG D 225 -7.56 13.56 10.44
CA ARG D 225 -6.68 14.02 9.37
C ARG D 225 -5.24 14.13 9.85
N ARG D 226 -5.05 14.64 11.10
CA ARG D 226 -3.70 14.81 11.61
C ARG D 226 -3.02 13.47 11.86
N LEU D 227 -3.74 12.54 12.50
CA LEU D 227 -3.19 11.22 12.74
C LEU D 227 -2.85 10.50 11.44
N CYS D 228 -3.73 10.63 10.44
CA CYS D 228 -3.49 9.97 9.16
C CYS D 228 -2.26 10.55 8.48
N ASP D 229 -2.13 11.92 8.39
CA ASP D 229 -0.94 12.51 7.77
C ASP D 229 0.32 12.11 8.53
N GLU D 230 0.25 12.05 9.86
CA GLU D 230 1.43 11.75 10.65
C GLU D 230 1.89 10.31 10.47
N HIS D 231 0.95 9.36 10.47
CA HIS D 231 1.31 7.95 10.40
C HIS D 231 1.16 7.34 9.02
N GLY D 232 0.79 8.13 8.01
CA GLY D 232 0.60 7.58 6.68
C GLY D 232 -0.58 6.64 6.57
N ILE D 233 -1.63 6.89 7.33
CA ILE D 233 -2.85 6.08 7.31
C ILE D 233 -3.84 6.72 6.34
N VAL D 234 -4.57 5.89 5.60
CA VAL D 234 -5.57 6.42 4.66
C VAL D 234 -6.83 6.78 5.44
N MET D 235 -7.33 7.99 5.20
CA MET D 235 -8.51 8.50 5.86
C MET D 235 -9.73 8.24 4.98
N ILE D 236 -10.63 7.37 5.42
CA ILE D 236 -11.81 6.98 4.65
C ILE D 236 -13.04 7.57 5.32
N ALA D 237 -13.79 8.36 4.56
CA ALA D 237 -15.09 8.88 4.98
C ALA D 237 -16.18 8.09 4.26
N ASP D 238 -17.01 7.41 5.03
CA ASP D 238 -18.14 6.65 4.50
C ASP D 238 -19.33 7.60 4.43
N GLU D 239 -19.63 8.07 3.22
CA GLU D 239 -20.74 8.97 2.95
C GLU D 239 -21.87 8.25 2.21
N VAL D 240 -21.95 6.94 2.38
CA VAL D 240 -22.99 6.15 1.71
C VAL D 240 -24.38 6.67 2.10
N GLN D 241 -24.61 6.88 3.39
CA GLN D 241 -25.90 7.37 3.83
C GLN D 241 -25.95 8.89 3.94
N SER D 242 -24.82 9.54 4.26
CA SER D 242 -24.81 10.99 4.43
C SER D 242 -24.63 11.76 3.14
N GLY D 243 -24.34 11.08 2.02
CA GLY D 243 -24.02 11.78 0.80
C GLY D 243 -25.23 12.30 0.04
N PHE D 244 -24.96 13.23 -0.86
CA PHE D 244 -25.91 13.72 -1.87
C PHE D 244 -27.04 14.54 -1.29
N ALA D 245 -26.70 15.73 -0.77
CA ALA D 245 -27.58 16.80 -0.34
C ALA D 245 -28.33 16.49 0.94
N ARG D 246 -28.06 15.37 1.59
CA ARG D 246 -28.81 15.02 2.80
C ARG D 246 -28.51 16.00 3.94
N THR D 247 -27.24 16.36 4.14
CA THR D 247 -26.84 17.13 5.31
C THR D 247 -26.88 18.64 5.09
N GLY D 248 -27.42 19.11 3.97
CA GLY D 248 -27.43 20.51 3.64
C GLY D 248 -26.31 20.94 2.71
N LYS D 249 -25.27 20.14 2.58
CA LYS D 249 -24.27 20.28 1.53
C LYS D 249 -24.24 18.98 0.74
N LEU D 250 -23.57 19.00 -0.41
CA LEU D 250 -23.58 17.82 -1.28
C LEU D 250 -23.06 16.59 -0.53
N PHE D 251 -21.92 16.73 0.13
CA PHE D 251 -21.37 15.68 0.99
C PHE D 251 -21.17 16.25 2.38
N ALA D 252 -21.39 15.39 3.38
CA ALA D 252 -21.23 15.82 4.77
C ALA D 252 -19.84 16.35 5.03
N MET D 253 -18.83 15.80 4.37
CA MET D 253 -17.46 16.27 4.55
C MET D 253 -17.28 17.72 4.15
N ASP D 254 -18.20 18.28 3.35
CA ASP D 254 -18.13 19.68 3.00
C ASP D 254 -18.38 20.61 4.18
N HIS D 255 -18.83 20.07 5.32
CA HIS D 255 -18.99 20.88 6.53
C HIS D 255 -17.68 21.06 7.29
N TYR D 256 -16.58 20.50 6.81
CA TYR D 256 -15.32 20.47 7.54
C TYR D 256 -14.19 20.98 6.68
N ALA D 257 -13.16 21.52 7.33
CA ALA D 257 -12.01 22.05 6.60
C ALA D 257 -11.11 20.93 6.08
N ASP D 258 -11.04 19.82 6.80
CA ASP D 258 -10.16 18.72 6.42
C ASP D 258 -10.85 17.77 5.46
N LYS D 259 -10.13 17.38 4.41
CA LYS D 259 -10.64 16.48 3.39
C LYS D 259 -10.08 15.08 3.60
N PRO D 260 -10.88 14.05 3.37
CA PRO D 260 -10.39 12.67 3.51
C PRO D 260 -9.58 12.26 2.28
N ASP D 261 -8.86 11.14 2.45
CA ASP D 261 -8.18 10.56 1.30
C ASP D 261 -9.14 9.81 0.41
N LEU D 262 -10.07 9.07 1.01
CA LEU D 262 -11.09 8.31 0.27
C LEU D 262 -12.47 8.65 0.79
N MET D 263 -13.46 8.52 -0.09
CA MET D 263 -14.86 8.71 0.28
C MET D 263 -15.69 7.68 -0.46
N THR D 264 -16.54 6.97 0.28
CA THR D 264 -17.43 5.97 -0.30
C THR D 264 -18.84 6.55 -0.46
N MET D 265 -19.50 6.16 -1.55
CA MET D 265 -20.80 6.69 -1.93
C MET D 265 -21.70 5.53 -2.32
N ALA D 266 -23.00 5.71 -2.07
CA ALA D 266 -24.01 4.76 -2.52
C ALA D 266 -25.40 5.35 -2.22
N SER D 268 -28.30 7.12 -2.15
CA SER D 268 -28.91 8.17 -2.95
C SER D 268 -28.11 8.57 -4.19
N LEU D 269 -26.91 7.99 -4.33
CA LEU D 269 -26.09 8.26 -5.51
C LEU D 269 -26.88 8.05 -6.79
N ALA D 270 -27.67 6.98 -6.87
CA ALA D 270 -28.47 6.66 -8.04
C ALA D 270 -29.96 6.87 -7.81
N GLY D 271 -30.37 7.32 -6.63
CA GLY D 271 -31.76 7.67 -6.38
C GLY D 271 -32.76 6.55 -6.57
N GLY D 272 -32.38 5.33 -6.20
CA GLY D 272 -33.25 4.18 -6.34
C GLY D 272 -32.78 3.14 -7.34
N MET D 273 -31.52 3.18 -7.76
CA MET D 273 -30.92 2.19 -8.64
C MET D 273 -29.64 1.67 -8.01
N PRO D 274 -29.24 0.44 -8.33
CA PRO D 274 -28.06 -0.15 -7.67
C PRO D 274 -26.73 0.38 -8.18
N LEU D 275 -26.15 1.33 -7.46
CA LEU D 275 -24.88 1.92 -7.84
C LEU D 275 -24.16 2.41 -6.60
N SER D 276 -22.87 2.08 -6.49
CA SER D 276 -22.01 2.65 -5.45
C SER D 276 -20.70 3.11 -6.08
N GLY D 277 -19.86 3.73 -5.27
CA GLY D 277 -18.62 4.26 -5.81
C GLY D 277 -17.64 4.63 -4.72
N VAL D 278 -16.40 4.82 -5.15
CA VAL D 278 -15.31 5.27 -4.29
C VAL D 278 -14.54 6.34 -5.04
N VAL D 279 -14.39 7.51 -4.42
CA VAL D 279 -13.65 8.63 -5.01
C VAL D 279 -12.56 9.04 -4.03
N GLY D 280 -11.39 9.37 -4.53
CA GLY D 280 -10.34 9.80 -3.62
C GLY D 280 -9.08 10.26 -4.32
N ASN D 281 -8.08 10.52 -3.49
CA ASN D 281 -6.72 10.84 -3.92
C ASN D 281 -6.30 9.95 -5.07
N ALA D 282 -6.09 10.56 -6.24
CA ALA D 282 -5.83 9.80 -7.46
C ALA D 282 -4.61 8.89 -7.30
N ASN D 283 -3.56 9.37 -6.62
CA ASN D 283 -2.38 8.54 -6.41
C ASN D 283 -2.68 7.34 -5.53
N ILE D 284 -3.48 7.54 -4.47
CA ILE D 284 -3.90 6.41 -3.64
C ILE D 284 -4.84 5.50 -4.41
N MET D 285 -5.79 6.08 -5.14
CA MET D 285 -6.73 5.27 -5.93
C MET D 285 -6.01 4.39 -6.95
N ASP D 286 -4.86 4.84 -7.47
CA ASP D 286 -4.10 4.08 -8.43
C ASP D 286 -3.22 3.00 -7.79
N ALA D 287 -3.41 2.70 -6.50
CA ALA D 287 -2.57 1.71 -5.84
C ALA D 287 -2.77 0.30 -6.40
N PRO D 288 -3.99 -0.24 -6.49
CA PRO D 288 -4.15 -1.58 -7.09
C PRO D 288 -3.80 -1.57 -8.58
N ALA D 289 -3.12 -2.64 -9.01
CA ALA D 289 -2.72 -2.86 -10.39
C ALA D 289 -3.94 -3.20 -11.25
N PRO D 290 -3.83 -3.04 -12.57
CA PRO D 290 -4.92 -3.48 -13.46
C PRO D 290 -5.31 -4.92 -13.19
N GLY D 291 -6.62 -5.15 -13.08
CA GLY D 291 -7.15 -6.47 -12.79
C GLY D 291 -7.54 -6.70 -11.35
N GLY D 292 -7.08 -5.83 -10.43
CA GLY D 292 -7.33 -6.04 -9.02
C GLY D 292 -8.65 -5.50 -8.51
N LEU D 293 -9.28 -4.59 -9.25
CA LEU D 293 -10.56 -4.03 -8.88
C LEU D 293 -11.59 -4.35 -9.95
N GLY D 294 -12.83 -4.56 -9.52
CA GLY D 294 -13.89 -4.82 -10.48
C GLY D 294 -15.15 -5.33 -9.81
N GLY D 295 -15.98 -5.97 -10.63
CA GLY D 295 -17.30 -6.43 -10.23
C GLY D 295 -18.19 -6.47 -11.45
N THR D 296 -18.93 -7.56 -11.64
CA THR D 296 -19.63 -7.76 -12.91
C THR D 296 -20.64 -6.64 -13.15
N TYR D 297 -21.48 -6.33 -12.17
CA TYR D 297 -22.49 -5.29 -12.29
C TYR D 297 -21.94 -3.89 -12.09
N ALA D 298 -20.64 -3.75 -11.78
CA ALA D 298 -20.09 -2.46 -11.36
C ALA D 298 -20.38 -1.38 -12.39
N GLY D 299 -20.90 -0.26 -11.91
CA GLY D 299 -21.24 0.86 -12.78
C GLY D 299 -22.32 0.48 -13.76
N ASN D 300 -23.40 -0.10 -13.25
CA ASN D 300 -24.48 -0.57 -14.12
C ASN D 300 -25.02 0.59 -14.96
N PRO D 301 -25.14 0.42 -16.28
CA PRO D 301 -25.53 1.56 -17.14
C PRO D 301 -26.81 2.28 -16.72
N LEU D 302 -27.87 1.54 -16.40
CA LEU D 302 -29.11 2.19 -15.98
C LEU D 302 -28.89 2.99 -14.70
N ALA D 303 -28.17 2.41 -13.74
CA ALA D 303 -27.88 3.12 -12.50
C ALA D 303 -26.99 4.34 -12.74
N VAL D 304 -26.06 4.24 -13.70
CA VAL D 304 -25.21 5.38 -14.02
C VAL D 304 -26.05 6.53 -14.58
N ALA D 305 -26.96 6.22 -15.51
CA ALA D 305 -27.88 7.23 -16.02
C ALA D 305 -28.69 7.84 -14.89
N ALA D 306 -29.22 7.01 -13.98
CA ALA D 306 -29.98 7.53 -12.86
C ALA D 306 -29.13 8.45 -11.99
N ALA D 307 -27.84 8.14 -11.84
CA ALA D 307 -26.97 8.97 -11.01
C ALA D 307 -26.68 10.31 -11.67
N HIS D 308 -26.47 10.31 -12.99
CA HIS D 308 -26.39 11.57 -13.73
C HIS D 308 -27.64 12.42 -13.47
N ALA D 309 -28.81 11.80 -13.61
CA ALA D 309 -30.06 12.50 -13.33
C ALA D 309 -30.07 13.04 -11.90
N VAL D 310 -29.58 12.28 -10.96
CA VAL D 310 -29.62 12.67 -9.55
C VAL D 310 -28.77 13.91 -9.32
N LEU D 311 -27.57 13.94 -9.89
CA LEU D 311 -26.73 15.14 -9.76
C LEU D 311 -27.42 16.34 -10.39
N ASN D 312 -28.01 16.15 -11.56
CA ASN D 312 -28.68 17.29 -12.20
C ASN D 312 -29.87 17.77 -11.39
N ILE D 313 -30.58 16.83 -10.75
CA ILE D 313 -31.77 17.19 -9.97
C ILE D 313 -31.37 17.96 -8.71
N ILE D 314 -30.34 17.47 -8.01
CA ILE D 314 -29.86 18.16 -6.82
C ILE D 314 -29.42 19.58 -7.18
N ASP D 315 -28.78 19.75 -8.34
CA ASP D 315 -28.39 21.09 -8.77
C ASP D 315 -29.60 21.95 -9.10
N LYS D 316 -30.41 21.51 -10.08
CA LYS D 316 -31.44 22.37 -10.66
C LYS D 316 -32.57 22.65 -9.68
N GLU D 317 -32.80 21.75 -8.72
CA GLU D 317 -33.87 21.93 -7.74
C GLU D 317 -33.36 22.39 -6.38
N SER D 318 -32.09 22.78 -6.30
CA SER D 318 -31.50 23.35 -5.09
C SER D 318 -31.83 22.50 -3.86
N LEU D 319 -31.40 21.23 -3.90
CA LEU D 319 -31.79 20.30 -2.86
C LEU D 319 -30.96 20.43 -1.59
N CYS D 320 -29.77 21.03 -1.66
CA CYS D 320 -29.01 21.31 -0.44
C CYS D 320 -29.72 22.36 0.41
N GLU D 321 -30.03 23.47 -0.24
CA GLU D 321 -30.75 24.60 0.39
C GLU D 321 -32.06 24.06 0.94
N ARG D 322 -32.77 23.24 0.17
CA ARG D 322 -34.07 22.71 0.57
C ARG D 322 -33.94 21.76 1.75
N ALA D 323 -32.89 20.95 1.77
CA ALA D 323 -32.64 20.09 2.93
C ALA D 323 -32.43 20.91 4.18
N ASN D 324 -31.70 22.03 4.06
CA ASN D 324 -31.54 22.92 5.21
C ASN D 324 -32.89 23.45 5.69
N GLN D 325 -33.71 23.93 4.75
CA GLN D 325 -35.02 24.47 5.11
C GLN D 325 -35.88 23.42 5.80
N LEU D 326 -35.96 22.22 5.23
CA LEU D 326 -36.81 21.18 5.77
C LEU D 326 -36.31 20.69 7.13
N GLY D 327 -34.98 20.55 7.28
CA GLY D 327 -34.45 20.21 8.58
C GLY D 327 -34.75 21.26 9.62
N GLN D 328 -34.70 22.54 9.24
CA GLN D 328 -35.03 23.59 10.18
C GLN D 328 -36.51 23.52 10.58
N ARG D 329 -37.40 23.27 9.62
CA ARG D 329 -38.82 23.14 9.95
C ARG D 329 -39.05 21.98 10.90
N LEU D 330 -38.39 20.85 10.64
CA LEU D 330 -38.53 19.68 11.50
C LEU D 330 -37.99 19.95 12.90
N LYS D 331 -36.85 20.65 12.99
CA LYS D 331 -36.31 20.99 14.30
C LYS D 331 -37.24 21.92 15.05
N ASN D 332 -37.85 22.88 14.34
CA ASN D 332 -38.83 23.75 14.98
C ASN D 332 -39.99 22.96 15.54
N THR D 333 -40.50 22.00 14.76
CA THR D 333 -41.61 21.18 15.23
C THR D 333 -41.20 20.35 16.45
N LEU D 334 -39.98 19.80 16.43
CA LEU D 334 -39.55 18.94 17.53
C LEU D 334 -39.29 19.73 18.80
N ILE D 335 -38.72 20.93 18.67
CA ILE D 335 -38.47 21.77 19.84
C ILE D 335 -39.78 22.28 20.41
N ASP D 336 -40.75 22.54 19.54
CA ASP D 336 -42.08 23.03 19.99
C ASP D 336 -42.79 21.90 20.74
N ALA D 337 -42.46 20.65 20.41
CA ALA D 337 -43.00 19.52 21.16
C ALA D 337 -42.19 19.20 22.41
N LYS D 338 -40.96 19.70 22.50
CA LYS D 338 -40.10 19.32 23.63
C LYS D 338 -40.66 19.82 24.95
N GLU D 339 -41.59 20.77 24.93
CA GLU D 339 -42.18 21.34 26.14
C GLU D 339 -43.35 20.53 26.67
N SER D 340 -44.06 19.79 25.82
CA SER D 340 -45.15 18.91 26.24
C SER D 340 -44.73 17.46 26.42
N VAL D 341 -43.66 17.02 25.76
CA VAL D 341 -43.19 15.65 25.82
C VAL D 341 -41.82 15.64 26.50
N PRO D 342 -41.77 15.34 27.80
CA PRO D 342 -40.46 15.25 28.47
C PRO D 342 -39.60 14.10 27.95
N ALA D 343 -40.19 13.14 27.24
CA ALA D 343 -39.42 12.02 26.71
C ALA D 343 -38.42 12.44 25.65
N ILE D 344 -38.64 13.58 24.99
CA ILE D 344 -37.72 14.09 23.99
C ILE D 344 -36.45 14.45 24.74
N ALA D 345 -35.40 13.64 24.58
CA ALA D 345 -34.14 13.87 25.26
C ALA D 345 -33.19 14.68 24.40
N ALA D 346 -33.18 14.46 23.09
CA ALA D 346 -32.24 15.19 22.25
C ALA D 346 -32.77 15.26 20.83
N VAL D 347 -32.29 16.26 20.10
CA VAL D 347 -32.57 16.45 18.68
C VAL D 347 -31.23 16.75 18.02
N ARG D 348 -30.73 15.80 17.22
CA ARG D 348 -29.39 15.91 16.64
C ARG D 348 -29.48 15.84 15.12
N GLY D 349 -28.36 16.14 14.47
CA GLY D 349 -28.19 15.91 13.06
C GLY D 349 -27.72 17.14 12.31
N LEU D 350 -27.62 16.98 10.99
CA LEU D 350 -27.17 18.03 10.08
C LEU D 350 -28.11 18.12 8.90
N GLY D 351 -28.57 19.33 8.59
CA GLY D 351 -29.41 19.53 7.42
C GLY D 351 -30.72 18.78 7.56
N SER D 352 -30.99 17.89 6.60
CA SER D 352 -32.16 17.02 6.64
C SER D 352 -31.82 15.61 7.08
N MET D 353 -30.67 15.42 7.70
CA MET D 353 -30.32 14.17 8.38
C MET D 353 -30.48 14.45 9.88
N ILE D 354 -31.72 14.35 10.35
CA ILE D 354 -32.09 14.74 11.71
C ILE D 354 -32.69 13.54 12.42
N ALA D 355 -32.43 13.46 13.72
CA ALA D 355 -32.97 12.40 14.55
C ALA D 355 -33.37 12.98 15.91
N VAL D 356 -34.29 12.30 16.56
CA VAL D 356 -34.72 12.65 17.91
C VAL D 356 -34.56 11.43 18.81
N GLU D 357 -33.87 11.61 19.93
CA GLU D 357 -33.60 10.53 20.87
C GLU D 357 -34.47 10.70 22.10
N PHE D 358 -35.10 9.60 22.52
CA PHE D 358 -36.08 9.57 23.59
C PHE D 358 -35.52 8.85 24.81
N ASN D 359 -35.62 9.49 25.97
CA ASN D 359 -35.35 8.87 27.26
C ASN D 359 -36.62 8.83 28.08
N ASP D 360 -36.61 8.01 29.12
CA ASP D 360 -37.80 7.85 29.95
C ASP D 360 -37.94 9.05 30.89
N PRO D 361 -39.11 9.69 30.95
CA PRO D 361 -39.27 10.89 31.78
C PRO D 361 -39.31 10.62 33.27
N GLN D 362 -39.22 9.37 33.71
CA GLN D 362 -39.17 9.04 35.13
C GLN D 362 -37.88 8.36 35.56
N THR D 363 -37.10 7.80 34.64
CA THR D 363 -35.83 7.17 34.97
C THR D 363 -34.63 7.87 34.36
N GLY D 364 -34.76 8.45 33.18
CA GLY D 364 -33.62 9.00 32.48
C GLY D 364 -32.86 8.00 31.65
N GLU D 365 -33.28 6.75 31.62
CA GLU D 365 -32.68 5.69 30.81
C GLU D 365 -33.21 5.72 29.39
N PRO D 366 -32.44 5.24 28.42
CA PRO D 366 -32.93 5.16 27.04
C PRO D 366 -34.17 4.28 26.94
N SER D 367 -35.21 4.80 26.31
CA SER D 367 -36.52 4.15 26.22
C SER D 367 -36.81 3.80 24.76
N ALA D 368 -36.55 2.54 24.38
CA ALA D 368 -36.89 2.09 23.04
C ALA D 368 -38.39 1.87 22.89
N ALA D 369 -39.07 1.48 23.97
CA ALA D 369 -40.51 1.23 23.89
C ALA D 369 -41.27 2.50 23.50
N ILE D 370 -40.84 3.64 24.05
CA ILE D 370 -41.51 4.95 23.77
C ILE D 370 -41.35 5.28 22.29
N ALA D 371 -40.16 5.10 21.76
CA ALA D 371 -39.92 5.38 20.35
C ALA D 371 -40.74 4.45 19.48
N GLN D 372 -40.78 3.16 19.83
CA GLN D 372 -41.57 2.21 19.06
C GLN D 372 -43.06 2.53 19.13
N LYS D 373 -43.52 3.09 20.25
CA LYS D 373 -44.92 3.46 20.39
C LYS D 373 -45.26 4.68 19.53
N ILE D 374 -44.38 5.68 19.53
CA ILE D 374 -44.58 6.83 18.65
C ILE D 374 -44.57 6.40 17.20
N GLN D 375 -43.65 5.50 16.84
CA GLN D 375 -43.58 4.97 15.49
C GLN D 375 -44.87 4.24 15.12
N GLN D 376 -45.37 3.45 16.05
CA GLN D 376 -46.61 2.65 15.91
C GLN D 376 -47.79 3.59 15.65
N ARG D 377 -47.91 4.63 16.46
CA ARG D 377 -48.98 5.63 16.36
C ARG D 377 -48.90 6.36 15.03
N ALA D 378 -47.71 6.76 14.62
CA ALA D 378 -47.54 7.50 13.37
C ALA D 378 -47.88 6.63 12.16
N LEU D 379 -47.54 5.34 12.21
CA LEU D 379 -47.85 4.46 11.09
C LEU D 379 -49.35 4.31 10.90
N ALA D 380 -50.12 4.35 12.01
CA ALA D 380 -51.57 4.27 11.89
C ALA D 380 -52.16 5.52 11.26
N GLN D 381 -51.49 6.66 11.41
CA GLN D 381 -51.91 7.91 10.78
C GLN D 381 -51.33 8.09 9.38
N GLY D 382 -50.57 7.12 8.89
CA GLY D 382 -50.06 7.16 7.53
C GLY D 382 -48.64 7.65 7.36
N LEU D 383 -47.85 7.68 8.43
CA LEU D 383 -46.48 8.19 8.38
C LEU D 383 -45.53 7.05 8.69
N LEU D 384 -44.60 6.77 7.77
CA LEU D 384 -43.66 5.67 7.91
C LEU D 384 -42.35 6.20 8.47
N LEU D 385 -42.06 5.86 9.73
CA LEU D 385 -40.86 6.34 10.41
C LEU D 385 -39.92 5.18 10.70
N LEU D 386 -38.64 5.51 10.84
CA LEU D 386 -37.59 4.52 11.09
C LEU D 386 -36.90 4.79 12.42
N THR D 387 -36.50 3.70 13.07
CA THR D 387 -35.74 3.75 14.30
C THR D 387 -34.27 3.46 14.04
N CYS D 388 -33.44 3.87 14.99
CA CYS D 388 -32.00 3.67 14.96
C CYS D 388 -31.45 4.02 16.35
N GLY D 389 -30.13 3.93 16.48
CA GLY D 389 -29.45 4.14 17.74
C GLY D 389 -28.99 2.81 18.34
N ALA D 390 -28.07 2.94 19.29
CA ALA D 390 -27.55 1.76 19.98
C ALA D 390 -28.67 1.00 20.68
N TYR D 391 -29.52 1.72 21.41
CA TYR D 391 -30.58 1.11 22.20
C TYR D 391 -31.94 1.19 21.52
N GLY D 392 -31.97 1.42 20.21
CA GLY D 392 -33.22 1.46 19.48
C GLY D 392 -34.18 2.52 19.94
N ASN D 393 -33.68 3.60 20.56
CA ASN D 393 -34.52 4.63 21.14
C ASN D 393 -34.47 5.93 20.36
N VAL D 394 -33.96 5.91 19.12
CA VAL D 394 -33.84 7.10 18.30
C VAL D 394 -34.74 6.96 17.09
N ILE D 395 -35.47 8.02 16.75
CA ILE D 395 -36.26 8.07 15.53
C ILE D 395 -35.56 8.99 14.54
N ARG D 396 -35.26 8.47 13.36
CA ARG D 396 -34.55 9.23 12.34
C ARG D 396 -35.54 9.64 11.25
N PHE D 397 -35.36 10.85 10.72
CA PHE D 397 -36.27 11.41 9.73
C PHE D 397 -35.58 11.44 8.38
N LEU D 398 -35.98 10.51 7.49
CA LEU D 398 -35.36 10.39 6.19
C LEU D 398 -36.38 10.60 5.07
N TYR D 399 -37.13 11.70 5.15
CA TYR D 399 -38.03 12.07 4.08
C TYR D 399 -37.24 12.38 2.81
N PRO D 400 -37.80 12.09 1.63
CA PRO D 400 -37.15 12.53 0.39
C PRO D 400 -37.05 14.05 0.36
N LEU D 401 -35.92 14.55 -0.11
CA LEU D 401 -35.69 15.99 -0.15
C LEU D 401 -36.65 16.70 -1.10
N THR D 402 -37.32 15.97 -2.00
CA THR D 402 -38.25 16.55 -2.95
C THR D 402 -39.70 16.49 -2.48
N ILE D 403 -39.95 16.23 -1.21
CA ILE D 403 -41.33 16.12 -0.71
C ILE D 403 -42.00 17.48 -0.79
N PRO D 404 -43.26 17.55 -1.25
CA PRO D 404 -43.94 18.86 -1.34
C PRO D 404 -44.18 19.46 0.04
N ASP D 405 -44.25 20.79 0.07
CA ASP D 405 -44.44 21.51 1.33
C ASP D 405 -45.71 21.06 2.05
N ALA D 406 -46.79 20.83 1.30
CA ALA D 406 -48.06 20.48 1.92
C ALA D 406 -47.99 19.11 2.58
N GLN D 407 -47.40 18.12 1.89
CA GLN D 407 -47.25 16.80 2.48
C GLN D 407 -46.31 16.84 3.68
N PHE D 408 -45.26 17.66 3.62
CA PHE D 408 -44.37 17.78 4.77
C PHE D 408 -45.09 18.39 5.97
N ASP D 409 -45.95 19.37 5.75
CA ASP D 409 -46.66 19.99 6.87
C ASP D 409 -47.70 19.03 7.46
N ALA D 410 -48.37 18.26 6.59
CA ALA D 410 -49.27 17.21 7.10
C ALA D 410 -48.50 16.18 7.90
N ALA D 411 -47.30 15.81 7.45
CA ALA D 411 -46.48 14.87 8.20
C ALA D 411 -46.05 15.47 9.54
N MET D 412 -45.79 16.78 9.56
CA MET D 412 -45.46 17.43 10.82
C MET D 412 -46.62 17.41 11.81
N LYS D 413 -47.84 17.62 11.30
CA LYS D 413 -49.03 17.50 12.17
C LYS D 413 -49.17 16.09 12.72
N ILE D 414 -49.01 15.09 11.84
CA ILE D 414 -49.09 13.69 12.26
C ILE D 414 -48.02 13.38 13.31
N LEU D 415 -46.81 13.95 13.13
CA LEU D 415 -45.74 13.71 14.09
C LEU D 415 -46.06 14.35 15.43
N GLN D 416 -46.61 15.57 15.42
CA GLN D 416 -47.03 16.20 16.67
C GLN D 416 -48.07 15.36 17.39
N ASP D 417 -49.01 14.78 16.64
CA ASP D 417 -49.99 13.90 17.26
C ASP D 417 -49.32 12.65 17.83
N ALA D 418 -48.37 12.07 17.09
CA ALA D 418 -47.73 10.83 17.53
C ALA D 418 -46.85 11.05 18.76
N LEU D 419 -46.26 12.24 18.89
CA LEU D 419 -45.52 12.57 20.10
C LEU D 419 -46.45 12.85 21.28
N SER D 420 -47.71 13.14 21.01
CA SER D 420 -48.65 13.57 22.04
C SER D 420 -49.12 12.39 22.87
N ASP D 421 -48.97 12.52 24.19
CA ASP D 421 -49.42 11.50 25.19
C ASP D 421 -49.37 12.14 26.58
N SER E 2 -15.61 9.72 -30.30
CA SER E 2 -14.24 9.20 -30.53
C SER E 2 -13.90 8.15 -29.46
N ASN E 3 -13.27 7.05 -29.88
CA ASN E 3 -12.90 5.95 -28.97
C ASN E 3 -11.53 6.23 -28.33
N ASN E 4 -10.70 7.06 -28.94
CA ASN E 4 -9.39 7.38 -28.38
C ASN E 4 -9.50 8.50 -27.35
N GLU E 5 -10.19 9.58 -27.70
CA GLU E 5 -10.46 10.65 -26.75
C GLU E 5 -11.00 10.07 -25.45
N PHE E 6 -11.98 9.19 -25.54
CA PHE E 6 -12.59 8.65 -24.33
C PHE E 6 -11.73 7.57 -23.69
N HIS E 7 -10.89 6.88 -24.45
CA HIS E 7 -9.88 6.02 -23.82
C HIS E 7 -9.02 6.83 -22.86
N GLN E 8 -8.52 7.98 -23.31
CA GLN E 8 -7.72 8.82 -22.42
C GLN E 8 -8.56 9.39 -21.29
N ARG E 9 -9.80 9.81 -21.57
CA ARG E 9 -10.65 10.35 -20.52
C ARG E 9 -10.91 9.32 -19.43
N ARG E 10 -11.07 8.05 -19.83
CA ARG E 10 -11.31 6.99 -18.86
C ARG E 10 -10.07 6.69 -18.05
N LEU E 11 -8.91 6.66 -18.71
CA LEU E 11 -7.67 6.44 -17.95
C LEU E 11 -7.37 7.60 -17.00
N SER E 12 -7.87 8.79 -17.30
CA SER E 12 -7.64 9.93 -16.40
C SER E 12 -8.67 10.00 -15.28
N ALA E 13 -9.90 9.55 -15.52
CA ALA E 13 -10.95 9.69 -14.52
C ALA E 13 -11.03 8.52 -13.56
N THR E 14 -10.59 7.34 -13.98
CA THR E 14 -10.74 6.12 -13.20
C THR E 14 -9.39 5.58 -12.76
N PRO E 15 -9.35 4.76 -11.72
CA PRO E 15 -8.08 4.15 -11.31
C PRO E 15 -7.67 3.05 -12.27
N ARG E 16 -6.37 2.74 -12.27
CA ARG E 16 -5.81 1.69 -13.16
C ARG E 16 -6.24 0.30 -12.66
N GLY E 17 -6.72 0.21 -11.42
CA GLY E 17 -7.14 -1.08 -10.88
C GLY E 17 -8.35 -1.65 -11.56
N VAL E 18 -9.32 -0.79 -11.90
CA VAL E 18 -10.46 -1.24 -12.69
C VAL E 18 -10.01 -1.31 -14.14
N GLY E 19 -9.48 -2.45 -14.55
CA GLY E 19 -8.99 -2.64 -15.90
C GLY E 19 -10.12 -2.88 -16.88
N VAL E 20 -9.88 -2.50 -18.12
CA VAL E 20 -10.86 -2.63 -19.19
C VAL E 20 -10.18 -3.35 -20.35
N MET E 21 -10.87 -4.33 -20.93
CA MET E 21 -10.28 -5.13 -22.00
C MET E 21 -10.24 -4.36 -23.31
N CYS E 22 -11.40 -3.91 -23.78
CA CYS E 22 -11.52 -3.26 -25.08
C CYS E 22 -11.27 -1.76 -24.97
N ASN E 23 -10.75 -1.20 -26.05
CA ASN E 23 -10.51 0.24 -26.13
C ASN E 23 -11.57 0.96 -26.96
N PHE E 24 -12.69 0.30 -27.26
CA PHE E 24 -13.85 0.93 -27.86
C PHE E 24 -14.98 0.99 -26.84
N PHE E 25 -15.91 1.92 -27.07
CA PHE E 25 -16.93 2.27 -26.08
C PHE E 25 -18.32 1.92 -26.60
N ALA E 26 -19.09 1.20 -25.79
CA ALA E 26 -20.38 0.70 -26.22
C ALA E 26 -21.38 1.82 -26.42
N GLN E 27 -22.10 1.78 -27.54
CA GLN E 27 -23.18 2.71 -27.84
C GLN E 27 -24.56 2.10 -27.72
N SER E 28 -24.75 0.89 -28.25
CA SER E 28 -26.05 0.22 -28.17
C SER E 28 -25.84 -1.28 -28.27
N ALA E 29 -26.88 -2.03 -27.90
CA ALA E 29 -26.76 -3.48 -27.90
C ALA E 29 -28.14 -4.11 -27.96
N GLU E 30 -28.25 -5.21 -28.70
CA GLU E 30 -29.50 -5.96 -28.80
C GLU E 30 -29.18 -7.42 -29.10
N ASN E 31 -29.74 -8.32 -28.30
CA ASN E 31 -29.48 -9.75 -28.41
C ASN E 31 -27.98 -10.02 -28.30
N ALA E 32 -27.33 -10.33 -29.43
CA ALA E 32 -25.90 -10.64 -29.45
C ALA E 32 -25.12 -9.65 -30.30
N THR E 33 -25.71 -8.51 -30.63
CA THR E 33 -25.08 -7.51 -31.49
C THR E 33 -24.77 -6.27 -30.65
N LEU E 34 -23.53 -5.79 -30.73
CA LEU E 34 -23.08 -4.65 -29.93
C LEU E 34 -22.46 -3.61 -30.87
N LYS E 35 -22.98 -2.40 -30.81
CA LYS E 35 -22.43 -1.30 -31.62
C LYS E 35 -21.70 -0.33 -30.70
N ASP E 36 -20.54 0.10 -31.13
CA ASP E 36 -19.77 1.09 -30.39
C ASP E 36 -20.13 2.51 -30.84
N VAL E 37 -19.49 3.51 -30.22
CA VAL E 37 -19.83 4.91 -30.49
C VAL E 37 -19.37 5.38 -31.86
N GLU E 38 -18.56 4.59 -32.57
CA GLU E 38 -18.12 4.95 -33.91
C GLU E 38 -18.82 4.14 -34.98
N GLY E 39 -19.84 3.37 -34.64
CA GLY E 39 -20.64 2.64 -35.60
C GLY E 39 -20.19 1.23 -35.91
N ASN E 40 -19.10 0.76 -35.29
CA ASN E 40 -18.62 -0.59 -35.51
C ASN E 40 -19.50 -1.61 -34.80
N GLU E 41 -19.84 -2.68 -35.51
CA GLU E 41 -20.65 -3.76 -34.95
C GLU E 41 -19.76 -4.92 -34.55
N TYR E 42 -20.12 -5.56 -33.44
CA TYR E 42 -19.42 -6.72 -32.91
C TYR E 42 -20.43 -7.79 -32.54
N ILE E 43 -20.06 -9.04 -32.78
CA ILE E 43 -20.80 -10.19 -32.27
C ILE E 43 -20.33 -10.45 -30.84
N ASP E 44 -21.26 -10.36 -29.89
CA ASP E 44 -20.91 -10.43 -28.47
C ASP E 44 -20.87 -11.89 -28.04
N PHE E 45 -19.66 -12.47 -28.01
CA PHE E 45 -19.46 -13.77 -27.38
C PHE E 45 -18.99 -13.63 -25.94
N ALA E 46 -19.19 -12.47 -25.32
CA ALA E 46 -18.94 -12.27 -23.91
C ALA E 46 -20.21 -12.26 -23.07
N ALA E 47 -21.30 -11.73 -23.62
CA ALA E 47 -22.60 -11.62 -22.92
C ALA E 47 -22.43 -10.96 -21.55
N GLY E 48 -21.60 -9.91 -21.50
CA GLY E 48 -21.32 -9.26 -20.23
C GLY E 48 -20.73 -10.18 -19.19
N ILE E 49 -19.92 -11.15 -19.62
CA ILE E 49 -19.38 -12.23 -18.79
C ILE E 49 -20.53 -13.13 -18.34
N ALA E 50 -21.14 -13.82 -19.31
CA ALA E 50 -22.20 -14.82 -19.06
C ALA E 50 -23.34 -14.25 -18.22
N VAL E 51 -23.68 -12.98 -18.46
CA VAL E 51 -24.79 -12.33 -17.76
C VAL E 51 -25.99 -12.27 -18.69
N LEU E 52 -25.73 -12.25 -20.00
CA LEU E 52 -26.81 -12.10 -20.97
C LEU E 52 -27.15 -13.41 -21.66
N ASN E 53 -27.47 -14.44 -20.88
CA ASN E 53 -27.90 -15.70 -21.50
C ASN E 53 -29.13 -15.50 -22.34
N THR E 54 -30.05 -14.65 -21.90
CA THR E 54 -31.25 -14.29 -22.65
C THR E 54 -31.01 -13.16 -23.63
N GLY E 55 -29.79 -12.65 -23.74
CA GLY E 55 -29.43 -11.66 -24.74
C GLY E 55 -29.56 -10.23 -24.25
N HIS E 56 -28.80 -9.35 -24.90
CA HIS E 56 -28.92 -7.91 -24.69
C HIS E 56 -30.35 -7.46 -24.93
N ARG E 57 -30.95 -6.82 -23.92
CA ARG E 57 -32.26 -6.17 -24.02
C ARG E 57 -33.28 -7.07 -24.72
N HIS E 58 -33.52 -8.24 -24.14
CA HIS E 58 -34.58 -9.10 -24.65
C HIS E 58 -35.91 -8.37 -24.50
N PRO E 59 -36.73 -8.32 -25.56
CA PRO E 59 -37.96 -7.51 -25.51
C PRO E 59 -38.85 -7.80 -24.32
N ASP E 60 -38.94 -9.06 -23.90
CA ASP E 60 -39.71 -9.38 -22.70
C ASP E 60 -39.08 -8.76 -21.45
N LEU E 61 -37.75 -8.79 -21.37
CA LEU E 61 -37.07 -8.19 -20.23
C LEU E 61 -37.27 -6.68 -20.22
N VAL E 62 -37.17 -6.04 -21.39
CA VAL E 62 -37.40 -4.59 -21.46
C VAL E 62 -38.83 -4.27 -21.05
N ALA E 63 -39.80 -5.06 -21.50
CA ALA E 63 -41.19 -4.81 -21.16
C ALA E 63 -41.42 -4.94 -19.65
N ALA E 64 -40.85 -5.98 -19.04
CA ALA E 64 -41.00 -6.16 -17.60
C ALA E 64 -40.35 -5.02 -16.82
N VAL E 65 -39.15 -4.60 -17.26
CA VAL E 65 -38.46 -3.51 -16.57
C VAL E 65 -39.24 -2.22 -16.68
N GLU E 66 -39.83 -1.98 -17.85
CA GLU E 66 -40.61 -0.73 -18.09
C GLU E 66 -41.87 -0.72 -17.24
N GLN E 67 -42.56 -1.83 -17.16
CA GLN E 67 -43.78 -2.02 -16.36
C GLN E 67 -43.44 -1.76 -14.90
N GLN E 68 -42.32 -2.31 -14.41
CA GLN E 68 -41.98 -2.06 -13.01
C GLN E 68 -41.52 -0.62 -12.79
N LEU E 69 -40.86 -0.02 -13.79
CA LEU E 69 -40.41 1.37 -13.68
C LEU E 69 -41.59 2.33 -13.61
N GLN E 70 -42.80 1.90 -13.94
CA GLN E 70 -43.95 2.81 -13.81
C GLN E 70 -44.59 2.60 -12.42
N GLN E 71 -44.01 1.71 -11.62
CA GLN E 71 -44.51 1.49 -10.27
C GLN E 71 -43.54 2.03 -9.22
N PHE E 72 -42.37 1.41 -9.08
CA PHE E 72 -41.33 1.87 -8.16
C PHE E 72 -40.04 1.13 -8.47
N THR E 73 -38.92 1.79 -8.21
CA THR E 73 -37.61 1.19 -8.42
C THR E 73 -36.95 0.69 -7.14
N HIS E 74 -37.32 1.25 -5.98
CA HIS E 74 -36.70 0.86 -4.72
C HIS E 74 -37.52 1.33 -3.52
N THR E 75 -37.89 0.40 -2.64
CA THR E 75 -38.48 0.74 -1.35
C THR E 75 -37.64 0.28 -0.18
N ALA E 76 -36.54 -0.43 -0.44
CA ALA E 76 -35.76 -1.18 0.55
C ALA E 76 -36.61 -2.34 1.06
N TYR E 77 -36.36 -3.54 0.52
CA TYR E 77 -37.20 -4.69 0.85
C TYR E 77 -37.21 -4.98 2.34
N GLN E 78 -36.10 -4.74 3.03
CA GLN E 78 -36.07 -4.94 4.47
C GLN E 78 -36.95 -3.97 5.23
N ILE E 79 -37.56 -2.99 4.55
CA ILE E 79 -38.50 -2.06 5.16
C ILE E 79 -39.92 -2.30 4.68
N VAL E 80 -40.18 -2.13 3.38
CA VAL E 80 -41.48 -2.41 2.80
C VAL E 80 -41.32 -3.47 1.71
N PRO E 81 -41.87 -4.66 1.87
CA PRO E 81 -41.68 -5.73 0.90
C PRO E 81 -42.60 -5.57 -0.30
N TYR E 82 -42.44 -6.50 -1.25
CA TYR E 82 -43.22 -6.48 -2.49
C TYR E 82 -43.37 -7.91 -2.99
N GLU E 83 -44.49 -8.16 -3.69
CA GLU E 83 -44.87 -9.52 -4.04
C GLU E 83 -43.90 -10.16 -5.02
N SER E 84 -43.32 -9.36 -5.93
CA SER E 84 -42.45 -9.92 -6.95
C SER E 84 -41.27 -10.68 -6.34
N TYR E 85 -40.75 -10.17 -5.23
CA TYR E 85 -39.70 -10.87 -4.49
C TYR E 85 -40.17 -12.26 -4.10
N VAL E 86 -41.33 -12.36 -3.47
CA VAL E 86 -41.83 -13.64 -2.96
C VAL E 86 -42.11 -14.59 -4.12
N THR E 87 -42.66 -14.09 -5.22
CA THR E 87 -42.99 -14.98 -6.33
C THR E 87 -41.73 -15.50 -7.01
N LEU E 88 -40.72 -14.64 -7.19
CA LEU E 88 -39.47 -15.13 -7.75
C LEU E 88 -38.82 -16.14 -6.82
N ALA E 89 -38.89 -15.91 -5.50
CA ALA E 89 -38.34 -16.87 -4.56
C ALA E 89 -39.08 -18.21 -4.64
N GLU E 90 -40.40 -18.15 -4.81
CA GLU E 90 -41.19 -19.38 -4.94
C GLU E 90 -40.78 -20.15 -6.20
N LYS E 91 -40.62 -19.44 -7.31
CA LYS E 91 -40.23 -20.11 -8.55
C LYS E 91 -38.84 -20.73 -8.43
N ILE E 92 -37.89 -20.00 -7.81
CA ILE E 92 -36.56 -20.55 -7.61
C ILE E 92 -36.62 -21.80 -6.73
N ASN E 93 -37.37 -21.71 -5.63
CA ASN E 93 -37.53 -22.87 -4.76
C ASN E 93 -38.09 -24.06 -5.54
N ALA E 94 -39.05 -23.80 -6.42
CA ALA E 94 -39.60 -24.88 -7.24
C ALA E 94 -38.56 -25.47 -8.18
N LEU E 95 -37.58 -24.67 -8.61
CA LEU E 95 -36.65 -25.15 -9.63
C LEU E 95 -35.28 -25.52 -9.11
N ALA E 96 -34.89 -25.06 -7.92
CA ALA E 96 -33.49 -25.23 -7.51
C ALA E 96 -33.25 -26.63 -6.96
N PRO E 97 -32.13 -27.25 -7.32
CA PRO E 97 -31.83 -28.62 -6.84
C PRO E 97 -31.05 -28.62 -5.52
N VAL E 98 -31.72 -28.25 -4.44
CA VAL E 98 -31.10 -28.21 -3.13
C VAL E 98 -31.75 -29.24 -2.22
N SER E 99 -31.02 -29.62 -1.17
CA SER E 99 -31.51 -30.61 -0.23
C SER E 99 -32.69 -30.07 0.57
N GLY E 100 -33.65 -30.96 0.87
CA GLY E 100 -34.81 -30.59 1.66
C GLY E 100 -35.76 -29.65 0.92
N GLN E 101 -36.49 -28.87 1.72
CA GLN E 101 -37.35 -27.83 1.18
C GLN E 101 -36.55 -26.56 0.94
N ALA E 102 -36.66 -26.01 -0.26
CA ALA E 102 -35.88 -24.84 -0.66
C ALA E 102 -36.46 -23.55 -0.07
N LYS E 103 -35.55 -22.66 0.33
CA LYS E 103 -35.85 -21.26 0.63
C LYS E 103 -34.83 -20.40 -0.07
N THR E 104 -35.27 -19.23 -0.57
CA THR E 104 -34.44 -18.35 -1.36
C THR E 104 -34.43 -16.95 -0.77
N ALA E 105 -33.26 -16.33 -0.72
CA ALA E 105 -33.11 -14.92 -0.42
C ALA E 105 -32.41 -14.25 -1.59
N PHE E 106 -32.67 -12.96 -1.77
CA PHE E 106 -32.12 -12.21 -2.87
C PHE E 106 -31.20 -11.10 -2.37
N PHE E 107 -30.11 -10.90 -3.09
CA PHE E 107 -29.16 -9.82 -2.84
C PHE E 107 -28.89 -9.17 -4.18
N THR E 108 -27.79 -8.45 -4.29
CA THR E 108 -27.53 -7.67 -5.50
C THR E 108 -26.39 -8.21 -6.35
N THR E 109 -25.22 -8.42 -5.76
CA THR E 109 -24.08 -8.92 -6.51
C THR E 109 -23.82 -10.38 -6.16
N GLY E 110 -23.23 -11.12 -7.10
CA GLY E 110 -22.89 -12.51 -6.84
C GLY E 110 -21.93 -12.66 -5.68
N ALA E 111 -21.03 -11.69 -5.50
CA ALA E 111 -20.15 -11.73 -4.34
C ALA E 111 -20.95 -11.65 -3.05
N GLU E 112 -22.02 -10.88 -3.05
CA GLU E 112 -22.93 -10.78 -1.87
C GLU E 112 -23.62 -12.12 -1.68
N ALA E 113 -23.94 -12.82 -2.76
CA ALA E 113 -24.56 -14.13 -2.65
C ALA E 113 -23.61 -15.13 -2.01
N VAL E 114 -22.35 -15.14 -2.46
CA VAL E 114 -21.37 -16.04 -1.87
C VAL E 114 -21.13 -15.69 -0.40
N GLU E 115 -20.98 -14.39 -0.11
CA GLU E 115 -20.82 -13.93 1.27
C GLU E 115 -21.95 -14.44 2.15
N ASN E 116 -23.19 -14.35 1.66
CA ASN E 116 -24.32 -14.75 2.48
C ASN E 116 -24.43 -16.27 2.58
N ALA E 117 -24.04 -17.01 1.54
CA ALA E 117 -23.94 -18.46 1.67
C ALA E 117 -22.96 -18.84 2.77
N VAL E 118 -21.81 -18.16 2.81
CA VAL E 118 -20.82 -18.44 3.85
C VAL E 118 -21.34 -18.03 5.22
N LYS E 119 -22.05 -16.90 5.30
CA LYS E 119 -22.63 -16.46 6.56
C LYS E 119 -23.65 -17.47 7.07
N ILE E 120 -24.52 -17.95 6.17
CA ILE E 120 -25.53 -18.92 6.54
C ILE E 120 -24.88 -20.22 7.00
N ALA E 121 -23.84 -20.67 6.29
CA ALA E 121 -23.14 -21.89 6.72
C ALA E 121 -22.52 -21.73 8.09
N ARG E 122 -21.85 -20.60 8.32
CA ARG E 122 -21.19 -20.37 9.61
C ARG E 122 -22.21 -20.28 10.73
N ALA E 123 -23.35 -19.61 10.49
CA ALA E 123 -24.38 -19.51 11.52
C ALA E 123 -25.04 -20.86 11.78
N HIS E 124 -25.19 -21.69 10.74
CA HIS E 124 -25.82 -22.99 10.93
C HIS E 124 -24.91 -23.93 11.71
N THR E 125 -23.62 -23.97 11.36
CA THR E 125 -22.71 -24.93 11.96
C THR E 125 -21.94 -24.40 13.17
N GLY E 126 -21.83 -23.08 13.31
CA GLY E 126 -21.02 -22.52 14.37
C GLY E 126 -19.54 -22.77 14.19
N ARG E 127 -19.10 -23.03 12.97
CA ARG E 127 -17.72 -23.36 12.63
C ARG E 127 -17.11 -22.27 11.76
N PRO E 128 -15.78 -22.14 11.76
CA PRO E 128 -15.15 -21.06 10.99
C PRO E 128 -14.69 -21.46 9.60
N GLY E 129 -14.37 -22.74 9.39
CA GLY E 129 -13.62 -23.13 8.23
C GLY E 129 -14.42 -23.13 6.94
N VAL E 130 -13.72 -22.85 5.84
CA VAL E 130 -14.26 -22.99 4.49
C VAL E 130 -13.18 -23.56 3.58
N ILE E 131 -13.55 -24.54 2.77
CA ILE E 131 -12.65 -25.14 1.78
C ILE E 131 -13.18 -24.80 0.39
N ALA E 132 -12.32 -24.25 -0.45
CA ALA E 132 -12.60 -24.00 -1.84
C ALA E 132 -11.59 -24.74 -2.71
N PHE E 133 -11.71 -24.55 -4.01
CA PHE E 133 -10.87 -25.27 -4.97
C PHE E 133 -9.94 -24.30 -5.69
N SER E 134 -8.76 -24.79 -6.05
CA SER E 134 -7.85 -24.02 -6.88
C SER E 134 -8.51 -23.69 -8.20
N GLY E 135 -8.26 -22.48 -8.70
CA GLY E 135 -8.87 -22.02 -9.92
C GLY E 135 -10.30 -21.54 -9.79
N GLY E 136 -10.90 -21.65 -8.61
CA GLY E 136 -12.25 -21.16 -8.43
C GLY E 136 -12.28 -19.65 -8.29
N PHE E 137 -13.40 -19.07 -8.75
CA PHE E 137 -13.65 -17.64 -8.61
C PHE E 137 -14.99 -17.45 -7.92
N HIS E 138 -15.01 -16.59 -6.89
CA HIS E 138 -16.23 -16.40 -6.10
C HIS E 138 -16.54 -14.95 -5.75
N GLY E 139 -15.75 -13.99 -6.23
CA GLY E 139 -16.01 -12.59 -5.94
C GLY E 139 -14.77 -11.79 -5.57
N ARG E 140 -14.90 -10.47 -5.53
CA ARG E 140 -13.78 -9.58 -5.27
C ARG E 140 -13.85 -8.89 -3.91
N THR E 141 -14.81 -9.26 -3.06
CA THR E 141 -14.77 -8.79 -1.68
C THR E 141 -13.73 -9.58 -0.90
N TYR E 142 -13.53 -9.19 0.35
CA TYR E 142 -12.43 -9.75 1.14
C TYR E 142 -12.59 -11.26 1.32
N MET E 143 -13.73 -11.68 1.88
CA MET E 143 -13.97 -13.11 2.09
C MET E 143 -14.01 -13.86 0.76
N THR E 144 -14.69 -13.28 -0.24
CA THR E 144 -14.79 -13.97 -1.52
C THR E 144 -13.46 -13.99 -2.26
N MET E 145 -12.60 -12.99 -2.02
CA MET E 145 -11.22 -13.10 -2.50
C MET E 145 -10.52 -14.28 -1.83
N ALA E 146 -10.63 -14.39 -0.50
CA ALA E 146 -10.02 -15.50 0.20
C ALA E 146 -10.47 -16.84 -0.40
N LEU E 147 -11.77 -16.97 -0.68
CA LEU E 147 -12.27 -18.20 -1.28
C LEU E 147 -11.77 -18.38 -2.71
N THR E 148 -11.51 -17.29 -3.42
CA THR E 148 -11.08 -17.38 -4.80
C THR E 148 -9.73 -18.09 -4.90
N GLY E 149 -9.63 -19.00 -5.85
CA GLY E 149 -8.44 -19.85 -5.97
C GLY E 149 -7.44 -19.39 -7.01
N LYS E 150 -7.38 -18.08 -7.26
CA LYS E 150 -6.37 -17.51 -8.13
C LYS E 150 -5.84 -16.24 -7.48
N VAL E 151 -4.52 -16.18 -7.27
CA VAL E 151 -3.94 -15.04 -6.59
C VAL E 151 -3.77 -13.86 -7.55
N ALA E 152 -3.14 -14.09 -8.70
CA ALA E 152 -2.94 -13.01 -9.67
C ALA E 152 -4.09 -13.00 -10.67
N PRO E 153 -4.78 -11.87 -10.87
CA PRO E 153 -4.53 -10.59 -10.19
C PRO E 153 -5.55 -10.26 -9.11
N TYR E 154 -6.37 -11.25 -8.73
CA TYR E 154 -7.52 -10.98 -7.87
C TYR E 154 -7.13 -10.65 -6.44
N LYS E 155 -5.98 -11.15 -5.97
CA LYS E 155 -5.63 -11.07 -4.56
C LYS E 155 -4.36 -10.28 -4.28
N ILE E 156 -3.71 -9.74 -5.30
CA ILE E 156 -2.42 -9.06 -5.12
C ILE E 156 -2.63 -7.79 -4.30
N GLY E 157 -1.89 -7.70 -3.18
CA GLY E 157 -1.87 -6.50 -2.37
C GLY E 157 -3.06 -6.29 -1.45
N PHE E 158 -3.99 -7.23 -1.40
CA PHE E 158 -5.20 -7.07 -0.60
C PHE E 158 -5.18 -7.91 0.67
N GLY E 159 -4.05 -8.56 0.98
CA GLY E 159 -3.94 -9.37 2.17
C GLY E 159 -3.64 -8.54 3.39
N PRO E 160 -3.51 -9.22 4.54
CA PRO E 160 -3.63 -10.67 4.76
C PRO E 160 -5.07 -11.16 4.68
N PHE E 161 -5.23 -12.46 4.49
CA PHE E 161 -6.54 -13.08 4.31
C PHE E 161 -6.92 -13.87 5.58
N PRO E 162 -8.22 -14.08 5.81
CA PRO E 162 -8.64 -14.69 7.07
C PRO E 162 -8.19 -16.13 7.17
N GLY E 163 -8.02 -16.59 8.40
CA GLY E 163 -7.70 -17.98 8.65
C GLY E 163 -8.89 -18.89 8.38
N SER E 164 -8.62 -20.19 8.50
CA SER E 164 -9.61 -21.25 8.36
C SER E 164 -10.19 -21.34 6.94
N VAL E 165 -9.54 -20.72 5.95
CA VAL E 165 -9.96 -20.81 4.57
C VAL E 165 -8.85 -21.46 3.77
N TYR E 166 -9.15 -22.57 3.12
CA TYR E 166 -8.13 -23.37 2.45
C TYR E 166 -8.61 -23.74 1.04
N HIS E 167 -7.66 -24.22 0.23
CA HIS E 167 -7.94 -24.61 -1.14
C HIS E 167 -7.38 -26.00 -1.42
N VAL E 168 -8.11 -26.75 -2.25
CA VAL E 168 -7.67 -28.06 -2.70
C VAL E 168 -7.71 -28.07 -4.23
N PRO E 169 -6.86 -28.85 -4.90
CA PRO E 169 -6.81 -28.81 -6.37
C PRO E 169 -8.08 -29.36 -7.00
N TYR E 170 -8.45 -28.77 -8.13
CA TYR E 170 -9.64 -29.11 -8.89
C TYR E 170 -9.30 -30.14 -9.97
N PRO E 171 -10.10 -31.19 -10.12
CA PRO E 171 -9.79 -32.23 -11.12
C PRO E 171 -9.67 -31.65 -12.53
N SER E 172 -8.54 -31.92 -13.17
CA SER E 172 -8.28 -31.44 -14.52
C SER E 172 -7.58 -32.55 -15.29
N ASP E 173 -8.19 -32.99 -16.40
CA ASP E 173 -7.61 -34.07 -17.17
C ASP E 173 -6.29 -33.64 -17.81
N LEU E 174 -6.22 -32.39 -18.27
CA LEU E 174 -5.05 -31.95 -19.01
C LEU E 174 -3.81 -31.87 -18.12
N HIS E 175 -3.99 -31.55 -16.83
CA HIS E 175 -2.86 -31.33 -15.93
C HIS E 175 -2.67 -32.45 -14.92
N GLY E 176 -3.31 -33.60 -15.12
CA GLY E 176 -3.04 -34.74 -14.28
C GLY E 176 -3.55 -34.66 -12.86
N ILE E 177 -4.55 -33.82 -12.59
CA ILE E 177 -5.21 -33.78 -11.29
C ILE E 177 -6.47 -34.61 -11.39
N SER E 178 -6.61 -35.60 -10.50
CA SER E 178 -7.76 -36.49 -10.48
C SER E 178 -8.70 -36.11 -9.34
N THR E 179 -9.87 -36.74 -9.33
CA THR E 179 -10.76 -36.63 -8.18
C THR E 179 -10.06 -37.11 -6.92
N GLN E 180 -9.30 -38.21 -7.03
CA GLN E 180 -8.63 -38.74 -5.85
C GLN E 180 -7.57 -37.76 -5.34
N ASP E 181 -6.94 -36.98 -6.23
CA ASP E 181 -6.02 -35.95 -5.77
C ASP E 181 -6.74 -34.92 -4.91
N SER E 182 -7.94 -34.50 -5.33
CA SER E 182 -8.73 -33.56 -4.55
C SER E 182 -9.10 -34.16 -3.20
N LEU E 183 -9.53 -35.42 -3.19
CA LEU E 183 -9.93 -36.03 -1.92
C LEU E 183 -8.72 -36.21 -1.00
N ASP E 184 -7.56 -36.54 -1.56
CA ASP E 184 -6.35 -36.63 -0.76
C ASP E 184 -5.99 -35.29 -0.14
N ALA E 185 -6.17 -34.20 -0.90
CA ALA E 185 -5.87 -32.88 -0.35
C ALA E 185 -6.87 -32.51 0.73
N ILE E 186 -8.14 -32.88 0.56
CA ILE E 186 -9.14 -32.60 1.60
C ILE E 186 -8.80 -33.37 2.87
N GLU E 187 -8.38 -34.63 2.72
CA GLU E 187 -7.98 -35.42 3.88
C GLU E 187 -6.75 -34.82 4.54
N ARG E 188 -5.79 -34.34 3.75
CA ARG E 188 -4.61 -33.70 4.32
C ARG E 188 -4.97 -32.40 5.04
N LEU E 189 -6.00 -31.70 4.58
CA LEU E 189 -6.54 -30.59 5.35
C LEU E 189 -7.04 -31.06 6.70
N PHE E 190 -7.91 -32.08 6.69
CA PHE E 190 -8.49 -32.59 7.93
C PHE E 190 -7.44 -33.14 8.89
N LYS E 191 -6.28 -33.56 8.39
CA LYS E 191 -5.26 -34.16 9.25
C LYS E 191 -4.09 -33.22 9.56
N SER E 192 -3.97 -32.10 8.87
CA SER E 192 -2.85 -31.19 9.08
C SER E 192 -3.26 -29.76 9.46
N ASP E 193 -4.43 -29.30 9.02
CA ASP E 193 -4.76 -27.89 9.11
C ASP E 193 -5.95 -27.59 10.01
N ILE E 194 -7.07 -28.29 9.83
CA ILE E 194 -8.32 -27.91 10.50
C ILE E 194 -9.17 -29.16 10.69
N GLU E 195 -9.85 -29.23 11.83
CA GLU E 195 -10.73 -30.36 12.10
C GLU E 195 -11.90 -30.36 11.13
N ALA E 196 -12.29 -31.56 10.68
CA ALA E 196 -13.46 -31.69 9.82
C ALA E 196 -14.70 -31.12 10.48
N LYS E 197 -14.85 -31.34 11.79
CA LYS E 197 -15.96 -30.77 12.54
C LYS E 197 -15.77 -29.28 12.86
N GLN E 198 -14.75 -28.65 12.28
CA GLN E 198 -14.57 -27.20 12.37
C GLN E 198 -14.68 -26.52 11.02
N VAL E 199 -14.98 -27.26 9.96
CA VAL E 199 -15.18 -26.71 8.62
C VAL E 199 -16.67 -26.45 8.44
N ALA E 200 -17.03 -25.20 8.15
CA ALA E 200 -18.44 -24.85 8.03
C ALA E 200 -18.99 -25.19 6.64
N ALA E 201 -18.18 -25.05 5.60
CA ALA E 201 -18.69 -25.24 4.26
C ALA E 201 -17.57 -25.64 3.30
N ILE E 202 -17.95 -26.41 2.29
CA ILE E 202 -17.14 -26.63 1.10
C ILE E 202 -17.88 -25.99 -0.06
N ILE E 203 -17.22 -25.06 -0.75
CA ILE E 203 -17.83 -24.29 -1.82
C ILE E 203 -17.13 -24.66 -3.12
N PHE E 204 -17.91 -24.87 -4.19
CA PHE E 204 -17.31 -25.27 -5.45
C PHE E 204 -18.20 -24.82 -6.60
N GLU E 205 -17.57 -24.59 -7.76
CA GLU E 205 -18.32 -24.38 -8.99
C GLU E 205 -18.46 -25.70 -9.74
N PRO E 206 -19.68 -26.11 -10.09
CA PRO E 206 -19.81 -27.31 -10.92
C PRO E 206 -19.06 -27.19 -12.24
N VAL E 207 -19.03 -26.00 -12.82
CA VAL E 207 -18.20 -25.70 -13.99
C VAL E 207 -17.47 -24.39 -13.69
N GLN E 208 -16.17 -24.48 -13.44
CA GLN E 208 -15.38 -23.31 -13.06
C GLN E 208 -15.40 -22.27 -14.18
N GLY E 209 -15.71 -21.02 -13.80
CA GLY E 209 -15.76 -19.93 -14.76
C GLY E 209 -14.41 -19.46 -15.24
N GLU E 210 -13.69 -18.73 -14.37
CA GLU E 210 -12.34 -18.30 -14.70
C GLU E 210 -11.34 -19.45 -14.69
N GLY E 211 -11.72 -20.61 -14.16
CA GLY E 211 -10.81 -21.74 -14.09
C GLY E 211 -10.53 -22.39 -15.42
N GLY E 212 -11.25 -22.03 -16.47
CA GLY E 212 -11.08 -22.62 -17.79
C GLY E 212 -12.21 -23.53 -18.22
N PHE E 213 -13.38 -23.41 -17.60
CA PHE E 213 -14.54 -24.25 -17.92
C PHE E 213 -14.25 -25.73 -17.67
N ASN E 214 -13.55 -25.99 -16.59
CA ASN E 214 -13.33 -27.39 -16.15
C ASN E 214 -14.62 -27.86 -15.49
N VAL E 215 -15.10 -29.03 -15.89
CA VAL E 215 -16.33 -29.62 -15.36
C VAL E 215 -15.98 -30.48 -14.16
N ALA E 216 -16.79 -30.39 -13.11
CA ALA E 216 -16.63 -31.28 -11.97
C ALA E 216 -17.02 -32.69 -12.38
N PRO E 217 -16.16 -33.69 -12.20
CA PRO E 217 -16.57 -35.08 -12.44
C PRO E 217 -17.63 -35.51 -11.44
N LYS E 218 -18.47 -36.46 -11.88
CA LYS E 218 -19.54 -36.97 -11.03
C LYS E 218 -19.01 -37.50 -9.72
N GLU E 219 -17.90 -38.25 -9.77
CA GLU E 219 -17.30 -38.80 -8.57
C GLU E 219 -16.96 -37.70 -7.57
N LEU E 220 -16.50 -36.54 -8.06
CA LEU E 220 -16.13 -35.45 -7.17
C LEU E 220 -17.35 -34.90 -6.45
N VAL E 221 -18.44 -34.67 -7.18
CA VAL E 221 -19.66 -34.14 -6.56
C VAL E 221 -20.21 -35.13 -5.55
N ALA E 222 -20.21 -36.41 -5.90
CA ALA E 222 -20.67 -37.44 -4.97
C ALA E 222 -19.81 -37.46 -3.71
N ALA E 223 -18.49 -37.33 -3.88
CA ALA E 223 -17.61 -37.37 -2.72
C ALA E 223 -17.79 -36.14 -1.84
N ILE E 224 -18.00 -34.97 -2.46
CA ILE E 224 -18.28 -33.77 -1.68
C ILE E 224 -19.56 -33.95 -0.87
N ARG E 225 -20.61 -34.45 -1.51
CA ARG E 225 -21.85 -34.72 -0.79
C ARG E 225 -21.64 -35.71 0.34
N ARG E 226 -20.86 -36.76 0.10
CA ARG E 226 -20.60 -37.76 1.14
C ARG E 226 -19.86 -37.16 2.32
N LEU E 227 -18.82 -36.36 2.05
CA LEU E 227 -18.05 -35.76 3.13
C LEU E 227 -18.89 -34.77 3.92
N CYS E 228 -19.73 -34.00 3.23
CA CYS E 228 -20.58 -33.04 3.92
C CYS E 228 -21.62 -33.75 4.79
N ASP E 229 -22.21 -34.82 4.27
CA ASP E 229 -23.13 -35.62 5.09
C ASP E 229 -22.42 -36.19 6.31
N GLU E 230 -21.20 -36.69 6.13
CA GLU E 230 -20.48 -37.32 7.24
C GLU E 230 -20.13 -36.30 8.33
N HIS E 231 -19.54 -35.16 7.94
CA HIS E 231 -18.95 -34.26 8.92
C HIS E 231 -19.83 -33.07 9.28
N GLY E 232 -21.05 -32.99 8.75
CA GLY E 232 -21.93 -31.88 9.07
C GLY E 232 -21.56 -30.59 8.36
N ILE E 233 -20.86 -30.67 7.24
CA ILE E 233 -20.38 -29.53 6.49
C ILE E 233 -21.45 -29.11 5.50
N VAL E 234 -21.55 -27.81 5.25
CA VAL E 234 -22.53 -27.30 4.28
C VAL E 234 -21.92 -27.35 2.89
N MET E 235 -22.66 -27.92 1.94
CA MET E 235 -22.23 -28.03 0.56
C MET E 235 -22.78 -26.86 -0.24
N ILE E 236 -21.88 -26.02 -0.76
CA ILE E 236 -22.26 -24.81 -1.49
C ILE E 236 -21.87 -25.00 -2.95
N ALA E 237 -22.86 -24.88 -3.83
CA ALA E 237 -22.66 -24.86 -5.27
C ALA E 237 -22.74 -23.41 -5.74
N ASP E 238 -21.64 -22.92 -6.31
CA ASP E 238 -21.59 -21.56 -6.86
C ASP E 238 -22.00 -21.66 -8.33
N GLU E 239 -23.29 -21.41 -8.59
CA GLU E 239 -23.85 -21.43 -9.94
C GLU E 239 -24.05 -20.03 -10.49
N VAL E 240 -23.26 -19.07 -10.02
CA VAL E 240 -23.41 -17.68 -10.46
C VAL E 240 -23.19 -17.56 -11.95
N GLN E 241 -22.19 -18.27 -12.48
CA GLN E 241 -21.89 -18.19 -13.91
C GLN E 241 -22.49 -19.34 -14.71
N SER E 242 -22.64 -20.52 -14.11
CA SER E 242 -23.19 -21.67 -14.81
C SER E 242 -24.71 -21.72 -14.78
N GLY E 243 -25.36 -20.87 -13.99
CA GLY E 243 -26.79 -20.98 -13.81
C GLY E 243 -27.57 -20.49 -15.02
N PHE E 244 -28.83 -20.92 -15.06
CA PHE E 244 -29.86 -20.42 -15.99
C PHE E 244 -29.57 -20.82 -17.43
N ALA E 245 -29.66 -22.12 -17.71
CA ALA E 245 -29.66 -22.75 -19.02
C ALA E 245 -28.31 -22.72 -19.71
N ARG E 246 -27.25 -22.21 -19.07
CA ARG E 246 -25.95 -22.14 -19.72
C ARG E 246 -25.41 -23.53 -20.06
N THR E 247 -25.58 -24.49 -19.14
CA THR E 247 -24.94 -25.79 -19.23
C THR E 247 -25.82 -26.84 -19.91
N GLY E 248 -26.92 -26.44 -20.54
CA GLY E 248 -27.83 -27.38 -21.15
C GLY E 248 -29.01 -27.78 -20.27
N LYS E 249 -28.88 -27.66 -18.97
CA LYS E 249 -29.99 -27.71 -18.04
C LYS E 249 -30.04 -26.37 -17.30
N LEU E 250 -31.16 -26.13 -16.61
CA LEU E 250 -31.36 -24.83 -15.97
C LEU E 250 -30.19 -24.48 -15.06
N PHE E 251 -29.81 -25.39 -14.18
CA PHE E 251 -28.62 -25.22 -13.37
C PHE E 251 -27.64 -26.34 -13.66
N ALA E 252 -26.35 -26.05 -13.50
CA ALA E 252 -25.34 -27.07 -13.76
C ALA E 252 -25.54 -28.28 -12.85
N MET E 253 -25.94 -28.05 -11.60
CA MET E 253 -26.13 -29.14 -10.65
C MET E 253 -27.20 -30.14 -11.08
N ASP E 254 -28.07 -29.75 -12.01
CA ASP E 254 -29.04 -30.68 -12.55
C ASP E 254 -28.40 -31.82 -13.33
N HIS E 255 -27.12 -31.70 -13.68
CA HIS E 255 -26.41 -32.80 -14.35
C HIS E 255 -25.91 -33.86 -13.39
N TYR E 256 -26.08 -33.67 -12.08
CA TYR E 256 -25.55 -34.57 -11.08
C TYR E 256 -26.69 -35.07 -10.20
N ALA E 257 -26.47 -36.24 -9.60
CA ALA E 257 -27.50 -36.84 -8.75
C ALA E 257 -27.55 -36.16 -7.38
N ASP E 258 -26.40 -35.77 -6.86
CA ASP E 258 -26.32 -35.19 -5.53
C ASP E 258 -26.73 -33.72 -5.53
N LYS E 259 -27.48 -33.32 -4.50
CA LYS E 259 -27.95 -31.95 -4.37
C LYS E 259 -27.12 -31.20 -3.34
N PRO E 260 -26.68 -29.99 -3.63
CA PRO E 260 -25.97 -29.20 -2.62
C PRO E 260 -26.93 -28.63 -1.60
N ASP E 261 -26.41 -28.19 -0.46
CA ASP E 261 -27.27 -27.63 0.61
C ASP E 261 -27.68 -26.19 0.24
N LEU E 262 -26.73 -25.42 -0.26
CA LEU E 262 -26.94 -24.01 -0.66
C LEU E 262 -26.47 -23.85 -2.11
N MET E 263 -27.05 -22.90 -2.83
CA MET E 263 -26.65 -22.62 -4.24
C MET E 263 -26.70 -21.12 -4.49
N THR E 264 -25.60 -20.53 -4.90
CA THR E 264 -25.57 -19.09 -5.18
C THR E 264 -25.84 -18.84 -6.65
N MET E 265 -26.62 -17.80 -6.93
CA MET E 265 -27.02 -17.43 -8.28
C MET E 265 -26.77 -15.94 -8.49
N ALA E 266 -26.44 -15.59 -9.72
CA ALA E 266 -26.34 -14.20 -10.15
C ALA E 266 -26.19 -14.14 -11.66
N SER E 268 -26.69 -14.16 -15.04
CA SER E 268 -27.79 -14.34 -15.99
C SER E 268 -29.16 -14.48 -15.31
N LEU E 269 -29.15 -14.55 -13.98
CA LEU E 269 -30.40 -14.60 -13.22
C LEU E 269 -31.34 -13.47 -13.62
N ALA E 270 -30.81 -12.26 -13.81
CA ALA E 270 -31.62 -11.09 -14.14
C ALA E 270 -31.36 -10.59 -15.56
N GLY E 271 -30.60 -11.32 -16.36
CA GLY E 271 -30.45 -11.01 -17.78
C GLY E 271 -29.96 -9.62 -18.10
N GLY E 272 -28.97 -9.14 -17.35
CA GLY E 272 -28.44 -7.80 -17.56
C GLY E 272 -28.83 -6.79 -16.51
N MET E 273 -29.48 -7.20 -15.42
CA MET E 273 -29.83 -6.33 -14.32
C MET E 273 -29.14 -6.80 -13.04
N PRO E 274 -28.85 -5.87 -12.12
CA PRO E 274 -28.09 -6.27 -10.91
C PRO E 274 -28.92 -7.03 -9.88
N LEU E 275 -28.82 -8.36 -9.89
CA LEU E 275 -29.52 -9.20 -8.93
C LEU E 275 -28.70 -10.45 -8.65
N SER E 276 -28.77 -10.93 -7.41
CA SER E 276 -28.16 -12.19 -7.03
C SER E 276 -29.07 -12.87 -6.01
N GLY E 277 -28.68 -14.06 -5.57
CA GLY E 277 -29.48 -14.77 -4.61
C GLY E 277 -28.81 -16.01 -4.09
N VAL E 278 -29.35 -16.52 -2.98
CA VAL E 278 -28.96 -17.80 -2.40
C VAL E 278 -30.21 -18.63 -2.22
N VAL E 279 -30.17 -19.88 -2.66
CA VAL E 279 -31.29 -20.81 -2.49
C VAL E 279 -30.77 -22.08 -1.85
N GLY E 280 -31.51 -22.63 -0.90
CA GLY E 280 -31.03 -23.86 -0.27
C GLY E 280 -31.94 -24.35 0.83
N ASN E 281 -31.44 -25.37 1.53
CA ASN E 281 -32.20 -26.08 2.56
C ASN E 281 -32.73 -25.10 3.60
N ALA E 282 -34.04 -25.16 3.85
CA ALA E 282 -34.67 -24.20 4.73
C ALA E 282 -34.13 -24.31 6.15
N ASN E 283 -33.80 -25.52 6.60
CA ASN E 283 -33.24 -25.69 7.94
C ASN E 283 -31.91 -24.93 8.06
N ILE E 284 -31.11 -24.94 7.00
CA ILE E 284 -29.85 -24.21 7.02
C ILE E 284 -30.09 -22.72 6.80
N MET E 285 -30.92 -22.38 5.83
CA MET E 285 -31.17 -20.95 5.52
C MET E 285 -31.75 -20.19 6.71
N ASP E 286 -32.58 -20.83 7.54
CA ASP E 286 -33.20 -20.15 8.67
C ASP E 286 -32.26 -19.98 9.86
N ALA E 287 -30.96 -20.27 9.71
CA ALA E 287 -30.07 -20.20 10.87
C ALA E 287 -29.90 -18.77 11.38
N PRO E 288 -29.56 -17.77 10.55
CA PRO E 288 -29.48 -16.40 11.06
C PRO E 288 -30.83 -15.89 11.55
N ALA E 289 -30.80 -15.14 12.63
CA ALA E 289 -32.01 -14.55 13.19
C ALA E 289 -32.47 -13.39 12.31
N PRO E 290 -33.71 -12.93 12.49
CA PRO E 290 -34.15 -11.74 11.77
C PRO E 290 -33.23 -10.56 12.02
N GLY E 291 -32.79 -9.92 10.94
CA GLY E 291 -31.82 -8.85 11.00
C GLY E 291 -30.40 -9.28 10.71
N GLY E 292 -30.13 -10.60 10.66
CA GLY E 292 -28.78 -11.07 10.38
C GLY E 292 -28.40 -10.99 8.93
N LEU E 293 -29.37 -11.03 8.02
CA LEU E 293 -29.15 -10.95 6.60
C LEU E 293 -29.87 -9.73 6.03
N GLY E 294 -29.34 -9.19 4.93
CA GLY E 294 -29.99 -8.06 4.31
C GLY E 294 -29.07 -7.37 3.30
N GLY E 295 -29.44 -6.13 2.98
CA GLY E 295 -28.77 -5.36 1.94
C GLY E 295 -29.72 -4.33 1.38
N THR E 296 -29.25 -3.09 1.20
CA THR E 296 -30.15 -2.01 0.83
C THR E 296 -30.73 -2.22 -0.57
N TYR E 297 -29.86 -2.46 -1.55
CA TYR E 297 -30.31 -2.74 -2.91
C TYR E 297 -30.80 -4.16 -3.11
N ALA E 298 -30.81 -4.99 -2.06
CA ALA E 298 -31.10 -6.42 -2.23
C ALA E 298 -32.48 -6.63 -2.81
N GLY E 299 -32.56 -7.49 -3.82
CA GLY E 299 -33.81 -7.78 -4.50
C GLY E 299 -34.43 -6.56 -5.16
N ASN E 300 -33.65 -5.88 -5.99
CA ASN E 300 -34.12 -4.67 -6.63
C ASN E 300 -35.34 -4.96 -7.50
N PRO E 301 -36.45 -4.24 -7.32
CA PRO E 301 -37.69 -4.55 -8.07
C PRO E 301 -37.51 -4.66 -9.58
N LEU E 302 -36.76 -3.75 -10.18
CA LEU E 302 -36.49 -3.82 -11.61
C LEU E 302 -35.76 -5.12 -11.96
N ALA E 303 -34.74 -5.46 -11.19
CA ALA E 303 -33.97 -6.67 -11.44
C ALA E 303 -34.81 -7.92 -11.20
N VAL E 304 -35.70 -7.89 -10.20
CA VAL E 304 -36.53 -9.06 -9.94
C VAL E 304 -37.54 -9.25 -11.07
N ALA E 305 -38.11 -8.15 -11.59
CA ALA E 305 -38.97 -8.26 -12.76
C ALA E 305 -38.22 -8.84 -13.94
N ALA E 306 -36.99 -8.36 -14.17
CA ALA E 306 -36.16 -8.92 -15.22
C ALA E 306 -35.91 -10.41 -15.01
N ALA E 307 -35.78 -10.85 -13.75
CA ALA E 307 -35.50 -12.27 -13.49
C ALA E 307 -36.72 -13.15 -13.75
N HIS E 308 -37.91 -12.67 -13.38
CA HIS E 308 -39.14 -13.31 -13.82
C HIS E 308 -39.17 -13.46 -15.33
N ALA E 309 -38.84 -12.37 -16.04
CA ALA E 309 -38.82 -12.42 -17.49
C ALA E 309 -37.79 -13.43 -17.99
N VAL E 310 -36.65 -13.50 -17.33
CA VAL E 310 -35.56 -14.44 -17.72
C VAL E 310 -36.07 -15.87 -17.59
N LEU E 311 -36.72 -16.21 -16.48
CA LEU E 311 -37.29 -17.55 -16.34
C LEU E 311 -38.30 -17.85 -17.45
N ASN E 312 -39.22 -16.96 -17.70
CA ASN E 312 -40.19 -17.21 -18.76
C ASN E 312 -39.55 -17.31 -20.15
N ILE E 313 -38.51 -16.52 -20.41
CA ILE E 313 -37.82 -16.60 -21.70
C ILE E 313 -37.12 -17.94 -21.85
N ILE E 314 -36.36 -18.35 -20.82
CA ILE E 314 -35.66 -19.63 -20.87
C ILE E 314 -36.66 -20.76 -21.15
N ASP E 315 -37.83 -20.69 -20.52
CA ASP E 315 -38.85 -21.71 -20.76
C ASP E 315 -39.36 -21.64 -22.20
N LYS E 316 -39.92 -20.50 -22.61
CA LYS E 316 -40.69 -20.44 -23.84
C LYS E 316 -39.81 -20.54 -25.09
N GLU E 317 -38.56 -20.07 -25.02
CA GLU E 317 -37.63 -20.20 -26.13
C GLU E 317 -36.73 -21.41 -26.00
N SER E 318 -36.95 -22.25 -24.98
CA SER E 318 -36.24 -23.52 -24.81
C SER E 318 -34.72 -23.32 -24.83
N LEU E 319 -34.25 -22.44 -23.96
CA LEU E 319 -32.84 -22.06 -24.01
C LEU E 319 -31.91 -23.15 -23.54
N CYS E 320 -32.43 -24.15 -22.81
CA CYS E 320 -31.57 -25.26 -22.39
C CYS E 320 -31.16 -26.12 -23.58
N GLU E 321 -32.16 -26.56 -24.35
CA GLU E 321 -31.90 -27.37 -25.55
C GLU E 321 -31.07 -26.55 -26.54
N ARG E 322 -31.42 -25.29 -26.72
CA ARG E 322 -30.66 -24.46 -27.64
C ARG E 322 -29.22 -24.30 -27.18
N ALA E 323 -29.00 -24.23 -25.87
CA ALA E 323 -27.64 -24.19 -25.34
C ALA E 323 -26.90 -25.46 -25.71
N ASN E 324 -27.56 -26.61 -25.59
CA ASN E 324 -26.94 -27.87 -25.99
C ASN E 324 -26.59 -27.87 -27.48
N GLN E 325 -27.52 -27.40 -28.33
CA GLN E 325 -27.29 -27.44 -29.77
C GLN E 325 -26.14 -26.52 -30.17
N LEU E 326 -26.14 -25.28 -29.67
CA LEU E 326 -25.08 -24.34 -29.99
C LEU E 326 -23.73 -24.83 -29.47
N GLY E 327 -23.71 -25.39 -28.25
CA GLY E 327 -22.47 -25.95 -27.74
C GLY E 327 -21.96 -27.07 -28.60
N GLN E 328 -22.87 -27.93 -29.09
CA GLN E 328 -22.43 -29.02 -29.95
C GLN E 328 -21.85 -28.49 -31.26
N ARG E 329 -22.48 -27.48 -31.85
CA ARG E 329 -21.96 -26.91 -33.10
C ARG E 329 -20.58 -26.29 -32.88
N LEU E 330 -20.40 -25.58 -31.76
CA LEU E 330 -19.11 -24.98 -31.47
C LEU E 330 -18.04 -26.05 -31.24
N LYS E 331 -18.40 -27.13 -30.53
CA LYS E 331 -17.48 -28.25 -30.36
C LYS E 331 -17.09 -28.83 -31.70
N ASN E 332 -18.06 -29.01 -32.60
CA ASN E 332 -17.75 -29.56 -33.92
C ASN E 332 -16.74 -28.69 -34.65
N THR E 333 -16.96 -27.37 -34.63
CA THR E 333 -16.02 -26.47 -35.30
C THR E 333 -14.63 -26.55 -34.69
N LEU E 334 -14.53 -26.51 -33.35
CA LEU E 334 -13.22 -26.54 -32.71
C LEU E 334 -12.50 -27.85 -32.97
N ILE E 335 -13.22 -28.98 -32.93
CA ILE E 335 -12.58 -30.27 -33.15
C ILE E 335 -12.16 -30.42 -34.60
N ASP E 336 -12.97 -29.92 -35.54
CA ASP E 336 -12.57 -29.94 -36.94
C ASP E 336 -11.33 -29.09 -37.18
N ALA E 337 -11.23 -27.95 -36.48
CA ALA E 337 -10.05 -27.11 -36.63
C ALA E 337 -8.82 -27.74 -35.99
N LYS E 338 -9.01 -28.55 -34.93
CA LYS E 338 -7.91 -29.24 -34.27
C LYS E 338 -6.98 -29.93 -35.26
N GLU E 339 -7.53 -30.42 -36.38
CA GLU E 339 -6.72 -31.14 -37.36
C GLU E 339 -5.73 -30.22 -38.06
N SER E 340 -6.07 -28.94 -38.23
CA SER E 340 -5.21 -27.99 -38.93
C SER E 340 -4.40 -27.08 -38.01
N VAL E 341 -4.86 -26.85 -36.79
CA VAL E 341 -4.16 -26.00 -35.84
C VAL E 341 -3.77 -26.84 -34.63
N PRO E 342 -2.54 -27.34 -34.59
CA PRO E 342 -2.12 -28.20 -33.47
C PRO E 342 -2.01 -27.46 -32.14
N ALA E 343 -2.01 -26.13 -32.14
CA ALA E 343 -1.96 -25.36 -30.91
C ALA E 343 -3.16 -25.63 -30.01
N ILE E 344 -4.29 -26.04 -30.57
CA ILE E 344 -5.47 -26.38 -29.77
C ILE E 344 -5.12 -27.60 -28.92
N ALA E 345 -5.02 -27.39 -27.60
CA ALA E 345 -4.66 -28.47 -26.68
C ALA E 345 -5.86 -29.15 -26.04
N ALA E 346 -6.96 -28.42 -25.84
CA ALA E 346 -8.14 -29.05 -25.25
C ALA E 346 -9.40 -28.31 -25.65
N VAL E 347 -10.50 -29.05 -25.71
CA VAL E 347 -11.84 -28.52 -25.94
C VAL E 347 -12.74 -29.11 -24.87
N ARG E 348 -13.19 -28.29 -23.93
CA ARG E 348 -13.92 -28.79 -22.78
C ARG E 348 -15.15 -27.94 -22.53
N GLY E 349 -16.00 -28.41 -21.61
CA GLY E 349 -17.14 -27.65 -21.17
C GLY E 349 -18.40 -28.48 -21.12
N LEU E 350 -19.52 -27.78 -20.93
CA LEU E 350 -20.81 -28.41 -20.76
C LEU E 350 -21.88 -27.51 -21.37
N GLY E 351 -22.70 -28.07 -22.26
CA GLY E 351 -23.75 -27.27 -22.88
C GLY E 351 -23.16 -26.15 -23.71
N SER E 352 -23.65 -24.93 -23.47
CA SER E 352 -23.10 -23.73 -24.11
C SER E 352 -22.08 -23.04 -23.21
N MET E 353 -21.40 -23.81 -22.35
CA MET E 353 -20.33 -23.32 -21.50
C MET E 353 -19.08 -24.06 -21.95
N ILE E 354 -18.54 -23.64 -23.09
CA ILE E 354 -17.47 -24.36 -23.78
C ILE E 354 -16.25 -23.45 -23.86
N ALA E 355 -15.08 -24.08 -23.79
CA ALA E 355 -13.82 -23.37 -23.82
C ALA E 355 -12.78 -24.20 -24.56
N VAL E 356 -11.78 -23.51 -25.12
CA VAL E 356 -10.68 -24.12 -25.84
C VAL E 356 -9.38 -23.62 -25.19
N GLU E 357 -8.46 -24.55 -24.93
CA GLU E 357 -7.20 -24.23 -24.29
C GLU E 357 -6.06 -24.50 -25.26
N PHE E 358 -5.12 -23.56 -25.34
CA PHE E 358 -4.04 -23.53 -26.33
C PHE E 358 -2.70 -23.78 -25.66
N ASN E 359 -1.97 -24.77 -26.16
CA ASN E 359 -0.56 -24.97 -25.84
C ASN E 359 0.29 -24.64 -27.06
N ASP E 360 1.55 -24.31 -26.81
CA ASP E 360 2.47 -24.06 -27.92
C ASP E 360 2.80 -25.37 -28.61
N PRO E 361 2.59 -25.48 -29.93
CA PRO E 361 2.80 -26.77 -30.59
C PRO E 361 4.26 -27.20 -30.66
N GLN E 362 5.21 -26.27 -30.53
CA GLN E 362 6.63 -26.59 -30.56
C GLN E 362 7.26 -26.71 -29.18
N THR E 363 6.54 -26.34 -28.13
CA THR E 363 7.04 -26.43 -26.76
C THR E 363 6.23 -27.39 -25.89
N GLY E 364 4.90 -27.28 -25.93
CA GLY E 364 4.04 -28.09 -25.10
C GLY E 364 3.57 -27.42 -23.84
N GLU E 365 4.04 -26.21 -23.55
CA GLU E 365 3.77 -25.35 -22.42
C GLU E 365 2.58 -24.43 -22.74
N PRO E 366 1.71 -24.16 -21.75
CA PRO E 366 0.58 -23.25 -21.99
C PRO E 366 1.05 -21.89 -22.47
N SER E 367 0.53 -21.47 -23.62
CA SER E 367 0.91 -20.21 -24.25
C SER E 367 -0.30 -19.28 -24.25
N ALA E 368 -0.21 -18.19 -23.50
CA ALA E 368 -1.19 -17.12 -23.59
C ALA E 368 -1.02 -16.27 -24.83
N ALA E 369 0.16 -16.31 -25.45
CA ALA E 369 0.40 -15.49 -26.64
C ALA E 369 -0.49 -15.93 -27.81
N ILE E 370 -0.61 -17.24 -28.02
CA ILE E 370 -1.43 -17.75 -29.11
C ILE E 370 -2.89 -17.39 -28.88
N ALA E 371 -3.37 -17.59 -27.65
CA ALA E 371 -4.73 -17.22 -27.32
C ALA E 371 -4.99 -15.73 -27.56
N GLN E 372 -4.03 -14.89 -27.16
CA GLN E 372 -4.20 -13.45 -27.33
C GLN E 372 -4.24 -13.07 -28.81
N LYS E 373 -3.40 -13.70 -29.63
CA LYS E 373 -3.38 -13.31 -31.05
C LYS E 373 -4.63 -13.80 -31.77
N ILE E 374 -5.15 -14.97 -31.38
CA ILE E 374 -6.42 -15.43 -31.96
C ILE E 374 -7.56 -14.51 -31.51
N GLN E 375 -7.48 -14.04 -30.26
CA GLN E 375 -8.45 -13.08 -29.73
C GLN E 375 -8.34 -11.72 -30.44
N GLN E 376 -7.12 -11.32 -30.79
CA GLN E 376 -6.94 -10.11 -31.58
C GLN E 376 -7.59 -10.26 -32.96
N ARG E 377 -7.39 -11.42 -33.59
CA ARG E 377 -7.88 -11.65 -34.95
C ARG E 377 -9.40 -11.65 -34.99
N ALA E 378 -10.01 -12.40 -34.08
CA ALA E 378 -11.47 -12.41 -34.00
C ALA E 378 -12.03 -11.01 -33.78
N LEU E 379 -11.39 -10.23 -32.88
CA LEU E 379 -11.91 -8.89 -32.59
C LEU E 379 -11.83 -8.00 -33.82
N ALA E 380 -10.72 -8.05 -34.54
CA ALA E 380 -10.59 -7.29 -35.78
C ALA E 380 -11.61 -7.74 -36.82
N GLN E 381 -12.07 -8.99 -36.74
CA GLN E 381 -13.14 -9.45 -37.61
C GLN E 381 -14.53 -9.11 -37.08
N GLY E 382 -14.63 -8.43 -35.93
CA GLY E 382 -15.91 -8.14 -35.34
C GLY E 382 -16.48 -9.22 -34.45
N LEU E 383 -15.62 -9.98 -33.76
CA LEU E 383 -16.06 -11.05 -32.87
C LEU E 383 -15.39 -10.87 -31.52
N LEU E 384 -16.20 -10.70 -30.48
CA LEU E 384 -15.72 -10.37 -29.14
C LEU E 384 -15.61 -11.64 -28.30
N LEU E 385 -14.35 -12.06 -28.04
CA LEU E 385 -14.08 -13.28 -27.31
C LEU E 385 -13.43 -12.98 -25.96
N LEU E 386 -13.60 -13.87 -25.00
CA LEU E 386 -13.09 -13.69 -23.65
C LEU E 386 -12.01 -14.73 -23.33
N THR E 387 -11.08 -14.32 -22.47
CA THR E 387 -9.95 -15.13 -22.04
C THR E 387 -10.10 -15.48 -20.57
N CYS E 388 -9.68 -16.68 -20.23
CA CYS E 388 -9.70 -17.15 -18.85
C CYS E 388 -8.62 -18.23 -18.69
N GLY E 389 -8.58 -18.84 -17.50
CA GLY E 389 -7.65 -19.90 -17.20
C GLY E 389 -6.59 -19.45 -16.20
N ALA E 390 -5.90 -20.45 -15.64
CA ALA E 390 -4.83 -20.18 -14.69
C ALA E 390 -3.69 -19.42 -15.35
N TYR E 391 -3.31 -19.84 -16.56
CA TYR E 391 -2.25 -19.19 -17.32
C TYR E 391 -2.80 -18.22 -18.36
N GLY E 392 -4.10 -17.96 -18.33
CA GLY E 392 -4.71 -17.05 -19.30
C GLY E 392 -4.63 -17.53 -20.74
N ASN E 393 -4.57 -18.83 -20.96
CA ASN E 393 -4.46 -19.41 -22.30
C ASN E 393 -5.74 -20.11 -22.74
N VAL E 394 -6.87 -19.81 -22.10
CA VAL E 394 -8.15 -20.41 -22.45
C VAL E 394 -9.02 -19.35 -23.08
N ILE E 395 -9.68 -19.69 -24.19
CA ILE E 395 -10.73 -18.87 -24.77
C ILE E 395 -12.05 -19.51 -24.43
N ARG E 396 -12.90 -18.79 -23.70
CA ARG E 396 -14.22 -19.28 -23.34
C ARG E 396 -15.26 -18.58 -24.21
N PHE E 397 -16.29 -19.33 -24.61
CA PHE E 397 -17.29 -18.84 -25.54
C PHE E 397 -18.59 -18.59 -24.77
N LEU E 398 -18.95 -17.32 -24.61
CA LEU E 398 -20.12 -16.93 -23.83
C LEU E 398 -21.10 -16.14 -24.68
N TYR E 399 -21.47 -16.68 -25.84
CA TYR E 399 -22.52 -16.09 -26.65
C TYR E 399 -23.84 -16.16 -25.91
N PRO E 400 -24.76 -15.23 -26.17
CA PRO E 400 -26.11 -15.35 -25.62
C PRO E 400 -26.83 -16.55 -26.22
N LEU E 401 -27.55 -17.28 -25.37
CA LEU E 401 -28.30 -18.45 -25.84
C LEU E 401 -29.38 -18.09 -26.85
N THR E 402 -29.72 -16.80 -26.98
CA THR E 402 -30.74 -16.35 -27.91
C THR E 402 -30.16 -15.89 -29.24
N ILE E 403 -28.87 -16.11 -29.47
CA ILE E 403 -28.21 -15.62 -30.69
C ILE E 403 -28.85 -16.28 -31.90
N PRO E 404 -29.11 -15.55 -32.98
CA PRO E 404 -29.69 -16.18 -34.19
C PRO E 404 -28.72 -17.17 -34.83
N ASP E 405 -29.29 -18.12 -35.58
CA ASP E 405 -28.48 -19.13 -36.23
C ASP E 405 -27.51 -18.53 -37.24
N ALA E 406 -27.97 -17.54 -38.02
CA ALA E 406 -27.11 -16.98 -39.07
C ALA E 406 -25.91 -16.27 -38.46
N GLN E 407 -26.13 -15.48 -37.41
CA GLN E 407 -25.03 -14.77 -36.77
C GLN E 407 -24.07 -15.75 -36.10
N PHE E 408 -24.61 -16.83 -35.51
CA PHE E 408 -23.75 -17.84 -34.91
C PHE E 408 -22.89 -18.53 -35.96
N ASP E 409 -23.46 -18.81 -37.14
CA ASP E 409 -22.68 -19.44 -38.21
C ASP E 409 -21.60 -18.50 -38.72
N ALA E 410 -21.93 -17.20 -38.83
CA ALA E 410 -20.91 -16.23 -39.20
C ALA E 410 -19.80 -16.17 -38.16
N ALA E 411 -20.15 -16.27 -36.88
CA ALA E 411 -19.15 -16.27 -35.83
C ALA E 411 -18.26 -17.52 -35.91
N MET E 412 -18.85 -18.66 -36.26
CA MET E 412 -18.05 -19.86 -36.46
C MET E 412 -17.08 -19.69 -37.62
N LYS E 413 -17.53 -19.07 -38.71
CA LYS E 413 -16.64 -18.82 -39.84
C LYS E 413 -15.49 -17.92 -39.43
N ILE E 414 -15.78 -16.85 -38.67
CA ILE E 414 -14.74 -15.95 -38.19
C ILE E 414 -13.77 -16.70 -37.28
N LEU E 415 -14.30 -17.56 -36.41
CA LEU E 415 -13.44 -18.30 -35.48
C LEU E 415 -12.55 -19.27 -36.24
N GLN E 416 -13.07 -19.92 -37.27
CA GLN E 416 -12.24 -20.78 -38.11
C GLN E 416 -11.12 -19.99 -38.76
N ASP E 417 -11.43 -18.81 -39.30
CA ASP E 417 -10.39 -18.02 -39.94
C ASP E 417 -9.40 -17.44 -38.92
N ALA E 418 -9.81 -17.30 -37.67
CA ALA E 418 -8.92 -16.76 -36.65
C ALA E 418 -8.03 -17.84 -36.04
N LEU E 419 -8.51 -19.09 -36.01
CA LEU E 419 -7.69 -20.17 -35.47
C LEU E 419 -6.49 -20.44 -36.36
N SER E 420 -6.76 -20.53 -37.64
CA SER E 420 -5.72 -20.74 -38.66
C SER E 420 -5.13 -19.38 -38.97
N ASP E 421 -3.83 -19.21 -38.77
CA ASP E 421 -3.14 -17.92 -39.06
C ASP E 421 -3.55 -17.45 -40.46
N SER F 2 37.53 -9.83 31.45
CA SER F 2 37.33 -8.49 30.92
C SER F 2 35.89 -8.28 30.45
N ASN F 3 35.23 -7.25 30.98
CA ASN F 3 33.84 -6.99 30.61
C ASN F 3 33.71 -6.37 29.21
N ASN F 4 34.73 -5.64 28.75
CA ASN F 4 34.67 -5.02 27.43
C ASN F 4 34.88 -6.05 26.31
N GLU F 5 35.87 -6.91 26.49
CA GLU F 5 36.16 -7.96 25.48
C GLU F 5 34.96 -8.89 25.36
N PHE F 6 34.34 -9.25 26.48
CA PHE F 6 33.16 -10.09 26.39
C PHE F 6 31.92 -9.31 25.98
N HIS F 7 31.86 -8.01 26.23
CA HIS F 7 30.79 -7.20 25.65
C HIS F 7 30.81 -7.29 24.13
N GLN F 8 32.00 -7.09 23.53
CA GLN F 8 32.10 -7.20 22.08
C GLN F 8 31.83 -8.62 21.59
N ARG F 9 32.34 -9.62 22.31
CA ARG F 9 32.08 -11.01 21.90
C ARG F 9 30.59 -11.33 21.96
N ARG F 10 29.88 -10.80 22.96
CA ARG F 10 28.45 -11.02 23.07
C ARG F 10 27.71 -10.38 21.90
N LEU F 11 28.07 -9.14 21.57
CA LEU F 11 27.44 -8.49 20.43
C LEU F 11 27.79 -9.21 19.12
N SER F 12 28.93 -9.90 19.07
CA SER F 12 29.33 -10.59 17.85
C SER F 12 28.63 -11.93 17.68
N ALA F 13 28.41 -12.66 18.77
CA ALA F 13 27.92 -14.03 18.66
C ALA F 13 26.40 -14.13 18.69
N THR F 14 25.72 -13.15 19.26
CA THR F 14 24.29 -13.21 19.52
C THR F 14 23.55 -12.10 18.78
N PRO F 15 22.26 -12.29 18.49
CA PRO F 15 21.52 -11.25 17.76
C PRO F 15 21.26 -10.02 18.61
N ARG F 16 21.19 -8.87 17.94
CA ARG F 16 20.89 -7.62 18.62
C ARG F 16 19.53 -7.65 19.29
N GLY F 17 18.61 -8.50 18.81
CA GLY F 17 17.27 -8.53 19.36
C GLY F 17 17.21 -8.98 20.81
N VAL F 18 18.14 -9.83 21.22
CA VAL F 18 18.25 -10.22 22.62
C VAL F 18 18.93 -9.09 23.36
N GLY F 19 18.13 -8.13 23.84
CA GLY F 19 18.70 -6.99 24.53
C GLY F 19 19.24 -7.36 25.89
N VAL F 20 20.27 -6.64 26.32
CA VAL F 20 20.91 -6.89 27.60
C VAL F 20 21.13 -5.54 28.29
N MET F 21 20.69 -5.46 29.55
CA MET F 21 20.74 -4.20 30.29
C MET F 21 22.16 -3.88 30.77
N CYS F 22 22.83 -4.84 31.38
CA CYS F 22 24.13 -4.61 32.00
C CYS F 22 25.27 -4.98 31.07
N ASN F 23 26.37 -4.24 31.18
CA ASN F 23 27.56 -4.50 30.37
C ASN F 23 28.59 -5.36 31.08
N PHE F 24 28.37 -5.71 32.34
CA PHE F 24 29.22 -6.63 33.08
C PHE F 24 28.61 -8.04 33.05
N PHE F 25 29.45 -9.02 33.34
CA PHE F 25 29.08 -10.43 33.23
C PHE F 25 29.13 -11.08 34.60
N ALA F 26 28.08 -11.85 34.92
CA ALA F 26 27.96 -12.46 36.23
C ALA F 26 28.97 -13.58 36.41
N GLN F 27 29.55 -13.66 37.61
CA GLN F 27 30.46 -14.72 38.00
C GLN F 27 29.87 -15.61 39.10
N SER F 28 29.31 -15.00 40.15
CA SER F 28 28.69 -15.77 41.22
C SER F 28 27.54 -14.95 41.81
N ALA F 29 26.71 -15.63 42.60
CA ALA F 29 25.56 -14.98 43.20
C ALA F 29 25.06 -15.80 44.38
N GLU F 30 24.65 -15.10 45.43
CA GLU F 30 24.05 -15.75 46.59
C GLU F 30 23.12 -14.79 47.30
N ASN F 31 21.90 -15.24 47.57
CA ASN F 31 20.85 -14.42 48.18
C ASN F 31 20.60 -13.16 47.37
N ALA F 32 21.12 -12.03 47.83
CA ALA F 32 20.94 -10.75 47.14
C ALA F 32 22.27 -10.10 46.77
N THR F 33 23.35 -10.87 46.74
CA THR F 33 24.68 -10.37 46.43
C THR F 33 25.17 -11.02 45.14
N LEU F 34 25.52 -10.20 44.15
CA LEU F 34 25.94 -10.67 42.84
C LEU F 34 27.33 -10.15 42.52
N LYS F 35 28.21 -11.09 42.18
CA LYS F 35 29.61 -10.74 41.84
C LYS F 35 29.83 -10.94 40.35
N ASP F 36 30.48 -9.99 39.71
CA ASP F 36 30.82 -10.11 38.30
C ASP F 36 32.20 -10.76 38.14
N VAL F 37 32.64 -10.90 36.89
CA VAL F 37 33.91 -11.56 36.60
C VAL F 37 35.12 -10.73 37.00
N GLU F 38 34.92 -9.45 37.36
CA GLU F 38 36.02 -8.60 37.77
C GLU F 38 36.06 -8.35 39.27
N GLY F 39 35.22 -9.04 40.03
CA GLY F 39 35.20 -8.92 41.48
C GLY F 39 34.25 -7.90 42.04
N ASN F 40 33.60 -7.11 41.20
CA ASN F 40 32.66 -6.10 41.69
C ASN F 40 31.43 -6.77 42.28
N GLU F 41 30.96 -6.22 43.39
CA GLU F 41 29.75 -6.71 44.04
C GLU F 41 28.61 -5.75 43.81
N TYR F 42 27.40 -6.31 43.69
CA TYR F 42 26.18 -5.56 43.46
C TYR F 42 25.10 -6.10 44.37
N ILE F 43 24.29 -5.20 44.92
CA ILE F 43 23.06 -5.57 45.61
C ILE F 43 22.00 -5.80 44.54
N ASP F 44 21.51 -7.03 44.43
CA ASP F 44 20.58 -7.40 43.36
C ASP F 44 19.17 -7.02 43.79
N PHE F 45 18.66 -5.90 43.27
CA PHE F 45 17.27 -5.52 43.43
C PHE F 45 16.42 -5.90 42.22
N ALA F 46 16.91 -6.83 41.41
CA ALA F 46 16.17 -7.38 40.28
C ALA F 46 15.68 -8.80 40.52
N ALA F 47 16.48 -9.61 41.21
CA ALA F 47 16.16 -11.02 41.48
C ALA F 47 15.86 -11.77 40.18
N GLY F 48 16.61 -11.44 39.13
CA GLY F 48 16.34 -12.04 37.82
C GLY F 48 14.95 -11.75 37.32
N ILE F 49 14.49 -10.52 37.47
CA ILE F 49 13.12 -10.10 37.16
C ILE F 49 12.13 -10.89 38.00
N ALA F 50 12.16 -10.65 39.32
CA ALA F 50 11.20 -11.21 40.28
C ALA F 50 11.18 -12.74 40.27
N VAL F 51 12.30 -13.36 39.91
CA VAL F 51 12.41 -14.82 39.87
C VAL F 51 13.03 -15.34 41.17
N LEU F 52 13.81 -14.54 41.87
CA LEU F 52 14.47 -15.03 43.06
C LEU F 52 13.89 -14.45 44.34
N ASN F 53 12.58 -14.63 44.55
CA ASN F 53 11.96 -14.23 45.81
C ASN F 53 12.64 -14.90 46.99
N THR F 54 13.04 -16.16 46.83
CA THR F 54 13.76 -16.88 47.86
C THR F 54 15.27 -16.66 47.80
N GLY F 55 15.76 -15.85 46.87
CA GLY F 55 17.15 -15.46 46.84
C GLY F 55 18.00 -16.35 45.94
N HIS F 56 19.12 -15.77 45.49
CA HIS F 56 20.10 -16.51 44.70
C HIS F 56 20.62 -17.71 45.48
N ARG F 57 20.38 -18.91 44.95
CA ARG F 57 20.95 -20.15 45.46
C ARG F 57 20.68 -20.33 46.96
N HIS F 58 19.39 -20.33 47.30
CA HIS F 58 19.03 -20.60 48.68
C HIS F 58 19.49 -21.99 49.06
N PRO F 59 20.08 -22.17 50.26
CA PRO F 59 20.65 -23.48 50.60
C PRO F 59 19.68 -24.63 50.49
N ASP F 60 18.42 -24.45 50.89
CA ASP F 60 17.43 -25.51 50.76
C ASP F 60 17.19 -25.86 49.30
N LEU F 61 17.13 -24.84 48.43
CA LEU F 61 16.91 -25.09 47.01
C LEU F 61 18.10 -25.82 46.39
N VAL F 62 19.32 -25.41 46.74
CA VAL F 62 20.51 -26.11 46.25
C VAL F 62 20.49 -27.56 46.73
N ALA F 63 20.06 -27.80 47.98
CA ALA F 63 20.03 -29.16 48.52
C ALA F 63 19.02 -30.03 47.77
N ALA F 64 17.81 -29.50 47.55
CA ALA F 64 16.79 -30.25 46.81
C ALA F 64 17.26 -30.53 45.39
N VAL F 65 17.91 -29.56 44.75
CA VAL F 65 18.36 -29.73 43.37
C VAL F 65 19.46 -30.79 43.30
N GLU F 66 20.39 -30.79 44.26
CA GLU F 66 21.45 -31.79 44.22
C GLU F 66 20.91 -33.18 44.49
N GLN F 67 19.99 -33.30 45.46
CA GLN F 67 19.33 -34.59 45.70
C GLN F 67 18.69 -35.10 44.42
N GLN F 68 17.93 -34.26 43.72
CA GLN F 68 17.29 -34.71 42.49
C GLN F 68 18.33 -35.02 41.41
N LEU F 69 19.41 -34.24 41.37
CA LEU F 69 20.47 -34.46 40.39
C LEU F 69 21.14 -35.82 40.58
N GLN F 70 21.11 -36.37 41.79
CA GLN F 70 21.61 -37.72 41.99
C GLN F 70 20.60 -38.80 41.58
N GLN F 71 19.42 -38.42 41.09
CA GLN F 71 18.40 -39.39 40.72
C GLN F 71 18.14 -39.37 39.20
N PHE F 72 17.60 -38.28 38.67
CA PHE F 72 17.41 -38.08 37.24
C PHE F 72 17.05 -36.62 37.00
N THR F 73 17.46 -36.11 35.83
CA THR F 73 17.17 -34.71 35.49
C THR F 73 16.00 -34.55 34.54
N HIS F 74 15.67 -35.60 33.77
CA HIS F 74 14.62 -35.54 32.77
C HIS F 74 14.25 -36.94 32.34
N THR F 75 12.94 -37.24 32.33
CA THR F 75 12.42 -38.47 31.77
C THR F 75 11.32 -38.23 30.75
N ALA F 76 10.99 -36.96 30.47
CA ALA F 76 9.77 -36.59 29.76
C ALA F 76 8.56 -37.09 30.54
N TYR F 77 7.96 -36.20 31.35
CA TYR F 77 6.87 -36.58 32.23
C TYR F 77 5.73 -37.26 31.48
N GLN F 78 5.47 -36.85 30.25
CA GLN F 78 4.42 -37.46 29.43
C GLN F 78 4.75 -38.89 29.02
N ILE F 79 5.97 -39.35 29.24
CA ILE F 79 6.35 -40.73 28.95
C ILE F 79 6.34 -41.53 30.25
N VAL F 80 7.21 -41.16 31.18
CA VAL F 80 7.28 -41.78 32.50
C VAL F 80 7.09 -40.68 33.55
N PRO F 81 6.06 -40.76 34.38
CA PRO F 81 5.82 -39.71 35.39
C PRO F 81 6.68 -39.96 36.64
N TYR F 82 6.52 -39.06 37.62
CA TYR F 82 7.28 -39.14 38.86
C TYR F 82 6.48 -38.51 40.00
N GLU F 83 6.87 -38.86 41.23
CA GLU F 83 6.12 -38.43 42.41
C GLU F 83 6.13 -36.92 42.59
N SER F 84 7.30 -36.29 42.42
CA SER F 84 7.46 -34.90 42.80
C SER F 84 6.47 -34.01 42.05
N TYR F 85 6.20 -34.32 40.79
CA TYR F 85 5.19 -33.62 40.02
C TYR F 85 3.84 -33.65 40.74
N VAL F 86 3.40 -34.86 41.11
CA VAL F 86 2.09 -35.03 41.72
C VAL F 86 2.03 -34.34 43.08
N THR F 87 3.07 -34.48 43.90
CA THR F 87 3.05 -33.88 45.22
C THR F 87 3.05 -32.35 45.13
N LEU F 88 3.83 -31.79 44.20
CA LEU F 88 3.81 -30.35 44.01
C LEU F 88 2.44 -29.89 43.53
N ALA F 89 1.83 -30.64 42.61
CA ALA F 89 0.50 -30.28 42.14
C ALA F 89 -0.51 -30.31 43.29
N GLU F 90 -0.36 -31.28 44.20
CA GLU F 90 -1.28 -31.38 45.33
C GLU F 90 -1.12 -30.20 46.28
N LYS F 91 0.13 -29.81 46.55
CA LYS F 91 0.35 -28.64 47.40
C LYS F 91 -0.23 -27.38 46.76
N ILE F 92 -0.01 -27.20 45.46
CA ILE F 92 -0.56 -26.03 44.78
C ILE F 92 -2.09 -26.04 44.86
N ASN F 93 -2.70 -27.19 44.56
CA ASN F 93 -4.16 -27.32 44.66
C ASN F 93 -4.63 -26.93 46.05
N ALA F 94 -3.91 -27.37 47.09
CA ALA F 94 -4.30 -27.04 48.45
C ALA F 94 -4.14 -25.56 48.76
N LEU F 95 -3.26 -24.85 48.03
CA LEU F 95 -3.04 -23.45 48.36
C LEU F 95 -3.59 -22.45 47.34
N ALA F 96 -3.82 -22.86 46.10
CA ALA F 96 -4.15 -21.89 45.06
C ALA F 96 -5.56 -21.35 45.25
N PRO F 97 -5.76 -20.04 45.11
CA PRO F 97 -7.10 -19.44 45.27
C PRO F 97 -7.92 -19.44 43.98
N VAL F 98 -8.24 -20.64 43.50
CA VAL F 98 -9.09 -20.78 42.32
C VAL F 98 -10.46 -21.27 42.78
N SER F 99 -11.50 -20.83 42.07
CA SER F 99 -12.86 -21.16 42.45
C SER F 99 -13.09 -22.66 42.30
N GLY F 100 -13.39 -23.32 43.41
CA GLY F 100 -13.62 -24.75 43.41
C GLY F 100 -12.36 -25.55 43.64
N GLN F 101 -12.53 -26.87 43.54
CA GLN F 101 -11.40 -27.78 43.70
C GLN F 101 -10.46 -27.65 42.52
N ALA F 102 -9.16 -27.69 42.79
CA ALA F 102 -8.14 -27.35 41.81
C ALA F 102 -7.46 -28.58 41.22
N LYS F 103 -6.99 -28.41 39.99
CA LYS F 103 -6.00 -29.27 39.38
C LYS F 103 -4.88 -28.39 38.82
N THR F 104 -3.67 -28.95 38.79
CA THR F 104 -2.48 -28.22 38.37
C THR F 104 -1.70 -29.04 37.36
N ALA F 105 -1.28 -28.38 36.28
CA ALA F 105 -0.31 -28.93 35.35
C ALA F 105 0.92 -28.04 35.34
N PHE F 106 2.07 -28.61 34.99
CA PHE F 106 3.32 -27.87 34.98
C PHE F 106 3.90 -27.83 33.57
N PHE F 107 4.50 -26.70 33.25
CA PHE F 107 5.19 -26.50 31.98
C PHE F 107 6.52 -25.87 32.33
N THR F 108 7.15 -25.19 31.37
CA THR F 108 8.52 -24.72 31.56
C THR F 108 8.64 -23.22 31.66
N THR F 109 8.05 -22.46 30.75
CA THR F 109 8.12 -21.00 30.77
C THR F 109 6.75 -20.42 31.11
N GLY F 110 6.77 -19.21 31.70
CA GLY F 110 5.51 -18.55 32.00
C GLY F 110 4.68 -18.27 30.76
N ALA F 111 5.35 -17.99 29.64
CA ALA F 111 4.63 -17.84 28.38
C ALA F 111 3.89 -19.11 28.02
N GLU F 112 4.51 -20.27 28.25
CA GLU F 112 3.83 -21.54 28.04
C GLU F 112 2.65 -21.70 28.98
N ALA F 113 2.80 -21.25 30.23
CA ALA F 113 1.70 -21.31 31.19
C ALA F 113 0.50 -20.51 30.69
N VAL F 114 0.75 -19.29 30.20
CA VAL F 114 -0.36 -18.50 29.67
C VAL F 114 -0.94 -19.15 28.42
N GLU F 115 -0.08 -19.70 27.56
CA GLU F 115 -0.55 -20.36 26.34
C GLU F 115 -1.50 -21.50 26.69
N ASN F 116 -1.12 -22.31 27.67
CA ASN F 116 -1.97 -23.43 28.05
C ASN F 116 -3.22 -22.98 28.79
N ALA F 117 -3.15 -21.88 29.56
CA ALA F 117 -4.37 -21.34 30.15
C ALA F 117 -5.36 -20.92 29.08
N VAL F 118 -4.87 -20.29 28.01
CA VAL F 118 -5.75 -19.90 26.91
C VAL F 118 -6.27 -21.14 26.18
N LYS F 119 -5.41 -22.14 25.98
CA LYS F 119 -5.84 -23.39 25.35
C LYS F 119 -6.95 -24.05 26.15
N ILE F 120 -6.80 -24.06 27.48
CA ILE F 120 -7.80 -24.68 28.35
C ILE F 120 -9.11 -23.92 28.26
N ALA F 121 -9.04 -22.58 28.30
CA ALA F 121 -10.27 -21.78 28.20
C ALA F 121 -10.96 -22.02 26.87
N ARG F 122 -10.19 -22.08 25.78
CA ARG F 122 -10.79 -22.28 24.46
C ARG F 122 -11.42 -23.66 24.34
N ALA F 123 -10.77 -24.68 24.89
CA ALA F 123 -11.34 -26.03 24.84
C ALA F 123 -12.59 -26.13 25.70
N HIS F 124 -12.59 -25.44 26.85
CA HIS F 124 -13.74 -25.51 27.76
C HIS F 124 -14.95 -24.79 27.18
N THR F 125 -14.74 -23.62 26.59
CA THR F 125 -15.85 -22.79 26.15
C THR F 125 -16.23 -23.02 24.70
N GLY F 126 -15.29 -23.48 23.87
CA GLY F 126 -15.51 -23.54 22.44
C GLY F 126 -15.51 -22.18 21.76
N ARG F 127 -14.90 -21.18 22.37
CA ARG F 127 -14.92 -19.81 21.88
C ARG F 127 -13.51 -19.34 21.50
N PRO F 128 -13.41 -18.35 20.61
CA PRO F 128 -12.09 -17.88 20.18
C PRO F 128 -11.55 -16.69 20.98
N GLY F 129 -12.45 -15.87 21.53
CA GLY F 129 -12.05 -14.54 21.96
C GLY F 129 -11.26 -14.53 23.26
N VAL F 130 -10.35 -13.55 23.37
CA VAL F 130 -9.62 -13.30 24.60
C VAL F 130 -9.50 -11.80 24.80
N ILE F 131 -9.83 -11.34 25.99
CA ILE F 131 -9.73 -9.94 26.39
C ILE F 131 -8.61 -9.82 27.41
N ALA F 132 -7.69 -8.89 27.16
CA ALA F 132 -6.59 -8.57 28.07
C ALA F 132 -6.60 -7.06 28.34
N PHE F 133 -5.61 -6.61 29.11
CA PHE F 133 -5.58 -5.24 29.56
C PHE F 133 -4.36 -4.51 28.98
N SER F 134 -4.53 -3.21 28.77
CA SER F 134 -3.43 -2.37 28.31
C SER F 134 -2.32 -2.37 29.36
N GLY F 135 -1.08 -2.35 28.89
CA GLY F 135 0.06 -2.41 29.77
C GLY F 135 0.35 -3.78 30.36
N GLY F 136 -0.48 -4.78 30.06
CA GLY F 136 -0.20 -6.11 30.54
C GLY F 136 0.86 -6.81 29.71
N PHE F 137 1.65 -7.65 30.37
CA PHE F 137 2.66 -8.47 29.73
C PHE F 137 2.37 -9.93 30.05
N HIS F 138 2.46 -10.79 29.04
CA HIS F 138 2.09 -12.19 29.22
C HIS F 138 3.01 -13.17 28.52
N GLY F 139 4.04 -12.73 27.82
CA GLY F 139 4.99 -13.62 27.18
C GLY F 139 5.39 -13.08 25.82
N ARG F 140 6.44 -13.69 25.29
CA ARG F 140 7.08 -13.28 24.02
C ARG F 140 6.76 -14.23 22.89
N THR F 141 5.90 -15.22 23.11
CA THR F 141 5.40 -16.06 22.03
C THR F 141 4.30 -15.33 21.26
N TYR F 142 3.85 -15.94 20.17
CA TYR F 142 2.91 -15.26 19.29
C TYR F 142 1.60 -14.93 20.00
N MET F 143 0.96 -15.93 20.60
CA MET F 143 -0.31 -15.68 21.28
C MET F 143 -0.11 -14.77 22.49
N THR F 144 0.95 -15.00 23.27
CA THR F 144 1.17 -14.16 24.44
C THR F 144 1.68 -12.77 24.06
N MET F 145 2.29 -12.62 22.88
CA MET F 145 2.51 -11.28 22.36
C MET F 145 1.17 -10.60 22.11
N ALA F 146 0.26 -11.28 21.41
CA ALA F 146 -1.04 -10.67 21.12
C ALA F 146 -1.78 -10.31 22.41
N LEU F 147 -1.65 -11.14 23.45
CA LEU F 147 -2.28 -10.84 24.73
C LEU F 147 -1.58 -9.68 25.43
N THR F 148 -0.28 -9.53 25.23
CA THR F 148 0.48 -8.44 25.85
C THR F 148 -0.06 -7.09 25.39
N GLY F 149 -0.14 -6.15 26.32
CA GLY F 149 -0.69 -4.84 26.00
C GLY F 149 0.33 -3.73 25.89
N LYS F 150 1.53 -4.04 25.42
CA LYS F 150 2.52 -3.03 25.10
C LYS F 150 3.18 -3.38 23.78
N VAL F 151 3.02 -2.52 22.78
CA VAL F 151 3.53 -2.81 21.44
C VAL F 151 5.04 -2.68 21.40
N ALA F 152 5.57 -1.59 21.95
CA ALA F 152 7.01 -1.37 21.93
C ALA F 152 7.62 -1.82 23.24
N PRO F 153 8.63 -2.72 23.23
CA PRO F 153 9.26 -3.29 22.04
C PRO F 153 8.82 -4.71 21.73
N TYR F 154 7.80 -5.19 22.44
CA TYR F 154 7.54 -6.63 22.46
C TYR F 154 6.86 -7.12 21.18
N LYS F 155 6.16 -6.25 20.46
CA LYS F 155 5.37 -6.66 19.30
C LYS F 155 5.93 -6.18 17.96
N ILE F 156 6.91 -5.28 17.96
CA ILE F 156 7.30 -4.59 16.73
C ILE F 156 7.88 -5.57 15.73
N GLY F 157 7.31 -5.58 14.53
CA GLY F 157 7.78 -6.40 13.43
C GLY F 157 7.27 -7.82 13.41
N PHE F 158 6.45 -8.22 14.38
CA PHE F 158 6.03 -9.61 14.53
C PHE F 158 4.57 -9.84 14.10
N GLY F 159 3.88 -8.82 13.62
CA GLY F 159 2.52 -8.98 13.15
C GLY F 159 2.45 -9.74 11.84
N PRO F 160 1.22 -9.92 11.33
CA PRO F 160 -0.05 -9.52 11.94
C PRO F 160 -0.49 -10.48 13.05
N PHE F 161 -1.37 -10.00 13.93
CA PHE F 161 -1.77 -10.74 15.11
C PHE F 161 -3.14 -11.37 14.93
N PRO F 162 -3.46 -12.42 15.68
CA PRO F 162 -4.73 -13.12 15.47
C PRO F 162 -5.92 -12.26 15.85
N GLY F 163 -7.04 -12.54 15.20
CA GLY F 163 -8.29 -11.90 15.56
C GLY F 163 -8.83 -12.39 16.89
N SER F 164 -9.89 -11.73 17.34
CA SER F 164 -10.61 -12.06 18.58
C SER F 164 -9.78 -11.81 19.83
N VAL F 165 -8.73 -11.00 19.74
CA VAL F 165 -7.89 -10.66 20.89
C VAL F 165 -7.92 -9.15 21.05
N TYR F 166 -8.43 -8.68 22.18
CA TYR F 166 -8.65 -7.25 22.38
C TYR F 166 -8.08 -6.80 23.71
N HIS F 167 -7.93 -5.49 23.86
CA HIS F 167 -7.38 -4.90 25.07
C HIS F 167 -8.31 -3.81 25.60
N VAL F 168 -8.34 -3.70 26.93
CA VAL F 168 -9.12 -2.67 27.61
C VAL F 168 -8.20 -1.96 28.61
N PRO F 169 -8.53 -0.72 28.97
CA PRO F 169 -7.63 0.02 29.87
C PRO F 169 -7.59 -0.58 31.26
N TYR F 170 -6.43 -0.49 31.86
CA TYR F 170 -6.23 -0.93 33.23
C TYR F 170 -6.37 0.26 34.17
N PRO F 171 -7.11 0.13 35.27
CA PRO F 171 -7.31 1.27 36.16
C PRO F 171 -5.98 1.80 36.70
N SER F 172 -5.79 3.11 36.56
CA SER F 172 -4.58 3.79 37.00
C SER F 172 -4.96 5.16 37.55
N ASP F 173 -4.66 5.38 38.83
CA ASP F 173 -5.01 6.66 39.46
C ASP F 173 -4.28 7.81 38.78
N LEU F 174 -3.02 7.61 38.41
CA LEU F 174 -2.22 8.71 37.86
C LEU F 174 -2.66 9.10 36.44
N HIS F 175 -3.16 8.14 35.66
CA HIS F 175 -3.54 8.40 34.25
C HIS F 175 -5.03 8.62 34.07
N GLY F 176 -5.76 8.79 35.15
CA GLY F 176 -7.18 9.06 35.05
C GLY F 176 -8.02 7.92 34.53
N ILE F 177 -7.58 6.68 34.72
CA ILE F 177 -8.31 5.51 34.25
C ILE F 177 -8.93 4.83 35.46
N SER F 178 -10.26 4.73 35.46
CA SER F 178 -11.01 4.15 36.56
C SER F 178 -11.45 2.73 36.23
N THR F 179 -11.96 2.04 37.26
CA THR F 179 -12.60 0.74 37.04
C THR F 179 -13.73 0.87 36.02
N GLN F 180 -14.54 1.93 36.14
CA GLN F 180 -15.68 2.08 35.26
C GLN F 180 -15.25 2.36 33.82
N ASP F 181 -14.09 3.01 33.64
CA ASP F 181 -13.53 3.12 32.29
C ASP F 181 -13.28 1.75 31.68
N SER F 182 -12.69 0.85 32.47
CA SER F 182 -12.44 -0.51 32.00
C SER F 182 -13.74 -1.23 31.66
N LEU F 183 -14.74 -1.12 32.54
CA LEU F 183 -16.00 -1.80 32.30
C LEU F 183 -16.71 -1.23 31.07
N ASP F 184 -16.61 0.07 30.86
CA ASP F 184 -17.18 0.68 29.66
C ASP F 184 -16.48 0.19 28.40
N ALA F 185 -15.15 0.01 28.46
CA ALA F 185 -14.44 -0.50 27.28
C ALA F 185 -14.78 -1.97 27.02
N ILE F 186 -14.98 -2.75 28.08
CA ILE F 186 -15.42 -4.14 27.92
C ILE F 186 -16.80 -4.18 27.27
N GLU F 187 -17.71 -3.32 27.73
CA GLU F 187 -19.04 -3.25 27.13
C GLU F 187 -18.97 -2.80 25.67
N ARG F 188 -18.05 -1.85 25.36
CA ARG F 188 -17.87 -1.44 23.97
C ARG F 188 -17.35 -2.59 23.12
N LEU F 189 -16.50 -3.45 23.68
CA LEU F 189 -16.10 -4.66 22.97
C LEU F 189 -17.30 -5.55 22.68
N PHE F 190 -18.13 -5.80 23.71
CA PHE F 190 -19.29 -6.66 23.54
C PHE F 190 -20.28 -6.09 22.52
N LYS F 191 -20.33 -4.77 22.40
CA LYS F 191 -21.34 -4.12 21.51
C LYS F 191 -20.76 -3.74 20.14
N SER F 192 -19.43 -3.70 20.00
CA SER F 192 -18.84 -3.33 18.71
C SER F 192 -17.97 -4.38 18.02
N ASP F 193 -17.28 -5.21 18.80
CA ASP F 193 -16.23 -6.07 18.26
C ASP F 193 -16.56 -7.55 18.28
N ILE F 194 -17.01 -8.08 19.41
CA ILE F 194 -17.19 -9.53 19.55
C ILE F 194 -18.32 -9.78 20.55
N GLU F 195 -19.10 -10.83 20.28
CA GLU F 195 -20.15 -11.23 21.21
C GLU F 195 -19.52 -11.67 22.53
N ALA F 196 -20.19 -11.34 23.64
CA ALA F 196 -19.73 -11.80 24.94
C ALA F 196 -19.68 -13.33 24.99
N LYS F 197 -20.63 -13.99 24.35
CA LYS F 197 -20.70 -15.46 24.33
C LYS F 197 -19.66 -16.04 23.35
N GLN F 198 -18.82 -15.21 22.77
CA GLN F 198 -17.73 -15.68 21.93
C GLN F 198 -16.36 -15.42 22.54
N VAL F 199 -16.30 -14.87 23.75
CA VAL F 199 -15.05 -14.62 24.45
C VAL F 199 -14.78 -15.79 25.37
N ALA F 200 -13.62 -16.43 25.18
CA ALA F 200 -13.28 -17.60 25.99
C ALA F 200 -12.70 -17.21 27.35
N ALA F 201 -11.96 -16.11 27.43
CA ALA F 201 -11.30 -15.79 28.69
C ALA F 201 -11.07 -14.29 28.80
N ILE F 202 -11.01 -13.83 30.04
CA ILE F 202 -10.50 -12.50 30.38
C ILE F 202 -9.29 -12.72 31.27
N ILE F 203 -8.12 -12.30 30.79
CA ILE F 203 -6.86 -12.52 31.48
C ILE F 203 -6.35 -11.18 31.98
N PHE F 204 -5.86 -11.16 33.22
CA PHE F 204 -5.39 -9.92 33.82
C PHE F 204 -4.34 -10.23 34.88
N GLU F 205 -3.53 -9.22 35.18
CA GLU F 205 -2.61 -9.34 36.32
C GLU F 205 -3.19 -8.60 37.51
N PRO F 206 -3.27 -9.23 38.68
CA PRO F 206 -3.70 -8.48 39.88
C PRO F 206 -2.81 -7.29 40.17
N VAL F 207 -1.51 -7.45 39.97
CA VAL F 207 -0.54 -6.36 40.02
C VAL F 207 0.28 -6.47 38.74
N GLN F 208 0.12 -5.50 37.84
CA GLN F 208 0.80 -5.56 36.56
C GLN F 208 2.32 -5.45 36.74
N GLY F 209 3.05 -6.36 36.10
CA GLY F 209 4.49 -6.39 36.24
C GLY F 209 5.20 -5.35 35.40
N GLU F 210 5.30 -5.58 34.09
CA GLU F 210 5.96 -4.63 33.21
C GLU F 210 5.16 -3.35 33.02
N GLY F 211 3.92 -3.30 33.50
CA GLY F 211 3.08 -2.13 33.32
C GLY F 211 3.31 -1.01 34.31
N GLY F 212 3.95 -1.30 35.44
CA GLY F 212 4.29 -0.26 36.40
C GLY F 212 3.82 -0.53 37.81
N PHE F 213 3.51 -1.79 38.10
CA PHE F 213 3.02 -2.24 39.41
C PHE F 213 1.70 -1.55 39.77
N ASN F 214 0.78 -1.49 38.82
CA ASN F 214 -0.56 -1.01 39.12
C ASN F 214 -1.37 -2.15 39.74
N VAL F 215 -2.03 -1.85 40.86
CA VAL F 215 -2.83 -2.84 41.57
C VAL F 215 -4.26 -2.77 41.05
N ALA F 216 -4.81 -3.94 40.73
CA ALA F 216 -6.20 -4.03 40.32
C ALA F 216 -7.09 -3.71 41.53
N PRO F 217 -7.95 -2.70 41.46
CA PRO F 217 -8.86 -2.42 42.57
C PRO F 217 -9.83 -3.57 42.79
N LYS F 218 -10.35 -3.65 44.02
CA LYS F 218 -11.30 -4.71 44.38
C LYS F 218 -12.51 -4.69 43.44
N GLU F 219 -13.01 -3.50 43.11
CA GLU F 219 -14.20 -3.39 42.26
C GLU F 219 -13.94 -3.98 40.88
N LEU F 220 -12.73 -3.79 40.34
CA LEU F 220 -12.40 -4.33 39.02
C LEU F 220 -12.36 -5.86 39.05
N VAL F 221 -11.71 -6.45 40.06
CA VAL F 221 -11.68 -7.91 40.16
C VAL F 221 -13.09 -8.45 40.32
N ALA F 222 -13.90 -7.79 41.14
CA ALA F 222 -15.27 -8.24 41.35
C ALA F 222 -16.08 -8.14 40.06
N ALA F 223 -15.88 -7.07 39.30
CA ALA F 223 -16.62 -6.93 38.05
C ALA F 223 -16.19 -7.95 37.02
N ILE F 224 -14.90 -8.28 36.98
CA ILE F 224 -14.42 -9.33 36.08
C ILE F 224 -15.05 -10.66 36.45
N ARG F 225 -15.06 -10.98 37.76
CA ARG F 225 -15.71 -12.20 38.22
C ARG F 225 -17.18 -12.21 37.84
N ARG F 226 -17.87 -11.08 38.00
CA ARG F 226 -19.29 -11.02 37.70
C ARG F 226 -19.55 -11.23 36.22
N LEU F 227 -18.79 -10.54 35.36
CA LEU F 227 -18.98 -10.67 33.92
C LEU F 227 -18.64 -12.08 33.44
N CYS F 228 -17.57 -12.67 33.99
CA CYS F 228 -17.20 -14.03 33.63
C CYS F 228 -18.27 -15.02 34.06
N ASP F 229 -18.85 -14.85 35.24
CA ASP F 229 -19.94 -15.71 35.65
C ASP F 229 -21.14 -15.53 34.74
N GLU F 230 -21.46 -14.28 34.40
CA GLU F 230 -22.66 -14.00 33.64
C GLU F 230 -22.58 -14.55 32.22
N HIS F 231 -21.40 -14.46 31.59
CA HIS F 231 -21.28 -14.79 30.18
C HIS F 231 -20.57 -16.12 29.92
N GLY F 232 -20.19 -16.85 30.96
CA GLY F 232 -19.49 -18.10 30.75
C GLY F 232 -18.03 -17.95 30.38
N ILE F 233 -17.45 -16.80 30.67
CA ILE F 233 -16.06 -16.50 30.32
C ILE F 233 -15.13 -17.03 31.40
N VAL F 234 -13.99 -17.57 30.99
CA VAL F 234 -13.01 -18.09 31.94
C VAL F 234 -12.15 -16.93 32.44
N MET F 235 -12.07 -16.79 33.77
CA MET F 235 -11.30 -15.72 34.40
C MET F 235 -9.89 -16.22 34.69
N ILE F 236 -8.90 -15.56 34.10
CA ILE F 236 -7.50 -15.97 34.21
C ILE F 236 -6.72 -14.88 34.93
N ALA F 237 -6.11 -15.26 36.05
CA ALA F 237 -5.20 -14.39 36.78
C ALA F 237 -3.77 -14.81 36.46
N ASP F 238 -2.99 -13.87 35.91
CA ASP F 238 -1.60 -14.13 35.56
C ASP F 238 -0.73 -13.65 36.72
N GLU F 239 -0.30 -14.60 37.55
CA GLU F 239 0.54 -14.31 38.71
C GLU F 239 1.95 -14.84 38.53
N VAL F 240 2.44 -14.87 37.28
CA VAL F 240 3.81 -15.27 37.02
C VAL F 240 4.79 -14.38 37.79
N GLN F 241 4.47 -13.09 37.89
CA GLN F 241 5.34 -12.14 38.59
C GLN F 241 4.86 -11.83 39.99
N SER F 242 3.55 -11.75 40.22
CA SER F 242 3.01 -11.40 41.52
C SER F 242 2.97 -12.57 42.49
N GLY F 243 3.13 -13.80 42.03
CA GLY F 243 2.94 -14.95 42.89
C GLY F 243 4.08 -15.18 43.88
N PHE F 244 3.82 -16.10 44.81
CA PHE F 244 4.81 -16.64 45.74
C PHE F 244 5.39 -15.56 46.65
N ALA F 245 4.49 -15.02 47.48
CA ALA F 245 4.75 -14.13 48.61
C ALA F 245 5.22 -12.75 48.19
N ARG F 246 5.23 -12.43 46.90
CA ARG F 246 5.72 -11.13 46.45
C ARG F 246 4.85 -9.99 46.98
N THR F 247 3.54 -10.19 47.04
CA THR F 247 2.60 -9.13 47.35
C THR F 247 2.18 -9.09 48.81
N GLY F 248 2.83 -9.85 49.69
CA GLY F 248 2.50 -9.89 51.09
C GLY F 248 1.64 -11.07 51.50
N LYS F 249 0.93 -11.68 50.55
CA LYS F 249 0.32 -12.98 50.72
C LYS F 249 0.90 -13.92 49.67
N LEU F 250 0.61 -15.21 49.78
CA LEU F 250 1.21 -16.19 48.90
C LEU F 250 0.97 -15.83 47.43
N PHE F 251 -0.28 -15.52 47.08
CA PHE F 251 -0.63 -15.03 45.77
C PHE F 251 -1.35 -13.69 45.91
N ALA F 252 -1.23 -12.85 44.88
CA ALA F 252 -1.91 -11.55 44.91
C ALA F 252 -3.41 -11.72 45.06
N MET F 253 -3.98 -12.76 44.44
CA MET F 253 -5.42 -13.01 44.50
C MET F 253 -5.91 -13.25 45.93
N ASP F 254 -5.00 -13.59 46.85
CA ASP F 254 -5.40 -13.75 48.25
C ASP F 254 -5.81 -12.44 48.90
N HIS F 255 -5.51 -11.30 48.27
CA HIS F 255 -6.00 -10.02 48.78
C HIS F 255 -7.43 -9.73 48.39
N TYR F 256 -8.04 -10.57 47.56
CA TYR F 256 -9.36 -10.31 47.00
C TYR F 256 -10.33 -11.41 47.41
N ALA F 257 -11.62 -11.07 47.40
CA ALA F 257 -12.65 -12.02 47.78
C ALA F 257 -13.06 -12.92 46.63
N ASP F 258 -12.86 -12.48 45.39
CA ASP F 258 -13.24 -13.25 44.22
C ASP F 258 -12.09 -14.16 43.78
N LYS F 259 -12.45 -15.35 43.30
CA LYS F 259 -11.45 -16.32 42.87
C LYS F 259 -11.45 -16.44 41.36
N PRO F 260 -10.28 -16.38 40.72
CA PRO F 260 -10.22 -16.63 39.28
C PRO F 260 -10.41 -18.10 38.99
N ASP F 261 -10.83 -18.39 37.76
CA ASP F 261 -11.00 -19.78 37.35
C ASP F 261 -9.66 -20.44 37.08
N LEU F 262 -8.71 -19.72 36.47
CA LEU F 262 -7.38 -20.24 36.21
C LEU F 262 -6.35 -19.23 36.71
N MET F 263 -5.18 -19.74 37.09
CA MET F 263 -4.08 -18.92 37.56
C MET F 263 -2.77 -19.47 37.02
N THR F 264 -1.99 -18.60 36.39
CA THR F 264 -0.71 -18.99 35.82
C THR F 264 0.44 -18.58 36.74
N MET F 265 1.45 -19.44 36.82
CA MET F 265 2.56 -19.27 37.76
C MET F 265 3.87 -19.57 37.04
N ALA F 266 4.91 -18.87 37.47
CA ALA F 266 6.27 -19.12 37.00
C ALA F 266 7.24 -18.31 37.84
N SER F 268 9.26 -17.06 40.31
CA SER F 268 9.63 -17.40 41.68
C SER F 268 9.09 -18.76 42.10
N LEU F 269 8.23 -19.35 41.25
CA LEU F 269 7.70 -20.67 41.51
C LEU F 269 8.81 -21.68 41.82
N ALA F 270 9.91 -21.62 41.08
CA ALA F 270 11.03 -22.52 41.30
C ALA F 270 12.28 -21.80 41.80
N GLY F 271 12.18 -20.51 42.11
CA GLY F 271 13.27 -19.81 42.77
C GLY F 271 14.58 -19.80 42.02
N GLY F 272 14.54 -19.64 40.70
CA GLY F 272 15.74 -19.61 39.89
C GLY F 272 15.95 -20.82 39.00
N MET F 273 14.96 -21.70 38.90
CA MET F 273 14.99 -22.84 38.00
C MET F 273 13.82 -22.74 37.03
N PRO F 274 13.96 -23.28 35.83
CA PRO F 274 12.91 -23.10 34.82
C PRO F 274 11.71 -24.00 35.02
N LEU F 275 10.63 -23.42 35.55
CA LEU F 275 9.37 -24.13 35.75
C LEU F 275 8.24 -23.12 35.66
N SER F 276 7.10 -23.59 35.16
CA SER F 276 5.87 -22.81 35.18
C SER F 276 4.72 -23.76 35.42
N GLY F 277 3.51 -23.20 35.53
CA GLY F 277 2.36 -24.04 35.79
C GLY F 277 1.06 -23.29 35.63
N VAL F 278 0.00 -24.07 35.45
CA VAL F 278 -1.37 -23.58 35.46
C VAL F 278 -2.12 -24.34 36.54
N VAL F 279 -2.82 -23.60 37.41
CA VAL F 279 -3.68 -24.21 38.41
C VAL F 279 -5.07 -23.62 38.27
N GLY F 280 -6.09 -24.47 38.28
CA GLY F 280 -7.42 -23.94 38.08
C GLY F 280 -8.49 -24.93 38.44
N ASN F 281 -9.73 -24.50 38.27
CA ASN F 281 -10.88 -25.34 38.54
C ASN F 281 -10.77 -26.67 37.79
N ALA F 282 -10.93 -27.77 38.53
CA ALA F 282 -10.66 -29.09 37.95
C ALA F 282 -11.50 -29.36 36.72
N ASN F 283 -12.78 -29.00 36.76
CA ASN F 283 -13.66 -29.26 35.62
C ASN F 283 -13.18 -28.50 34.38
N ILE F 284 -12.72 -27.28 34.56
CA ILE F 284 -12.24 -26.49 33.43
C ILE F 284 -10.89 -26.99 32.96
N MET F 285 -10.00 -27.32 33.90
CA MET F 285 -8.69 -27.86 33.54
C MET F 285 -8.83 -29.15 32.73
N ASP F 286 -9.86 -29.96 33.03
CA ASP F 286 -10.06 -31.23 32.35
C ASP F 286 -10.71 -31.07 30.97
N ALA F 287 -10.81 -29.85 30.44
CA ALA F 287 -11.45 -29.69 29.13
C ALA F 287 -10.65 -30.34 28.00
N PRO F 288 -9.34 -30.11 27.86
CA PRO F 288 -8.62 -30.77 26.76
C PRO F 288 -8.53 -32.27 26.97
N ALA F 289 -8.76 -33.01 25.89
CA ALA F 289 -8.64 -34.46 25.92
C ALA F 289 -7.19 -34.87 26.13
N PRO F 290 -6.95 -36.09 26.61
CA PRO F 290 -5.57 -36.57 26.77
C PRO F 290 -4.77 -36.44 25.48
N GLY F 291 -3.54 -35.94 25.62
CA GLY F 291 -2.70 -35.67 24.49
C GLY F 291 -2.80 -34.27 23.95
N GLY F 292 -3.62 -33.41 24.56
CA GLY F 292 -3.81 -32.05 24.08
C GLY F 292 -2.85 -31.07 24.72
N LEU F 293 -2.37 -31.38 25.91
CA LEU F 293 -1.45 -30.52 26.64
C LEU F 293 -0.13 -31.25 26.87
N GLY F 294 0.95 -30.48 26.99
CA GLY F 294 2.23 -31.09 27.27
C GLY F 294 3.38 -30.15 26.91
N GLY F 295 4.53 -30.76 26.70
CA GLY F 295 5.79 -30.05 26.47
C GLY F 295 6.94 -30.93 26.89
N THR F 296 8.00 -30.98 26.09
CA THR F 296 9.10 -31.91 26.36
C THR F 296 9.70 -31.67 27.74
N TYR F 297 10.15 -30.45 28.01
CA TYR F 297 10.79 -30.12 29.28
C TYR F 297 9.81 -29.94 30.42
N ALA F 298 8.50 -29.95 30.16
CA ALA F 298 7.51 -29.56 31.14
C ALA F 298 7.65 -30.35 32.44
N GLY F 299 7.55 -29.64 33.56
CA GLY F 299 7.66 -30.26 34.87
C GLY F 299 9.03 -30.84 35.12
N ASN F 300 10.07 -30.05 34.85
CA ASN F 300 11.43 -30.54 34.99
C ASN F 300 11.70 -31.00 36.42
N PRO F 301 12.19 -32.23 36.63
CA PRO F 301 12.40 -32.74 38.00
C PRO F 301 13.24 -31.84 38.89
N LEU F 302 14.34 -31.29 38.37
CA LEU F 302 15.15 -30.38 39.17
C LEU F 302 14.35 -29.15 39.56
N ALA F 303 13.62 -28.58 38.61
CA ALA F 303 12.81 -27.40 38.88
C ALA F 303 11.67 -27.71 39.83
N VAL F 304 11.10 -28.93 39.75
CA VAL F 304 10.01 -29.30 40.66
C VAL F 304 10.54 -29.44 42.09
N ALA F 305 11.72 -30.05 42.24
CA ALA F 305 12.36 -30.09 43.55
C ALA F 305 12.62 -28.68 44.07
N ALA F 306 13.08 -27.79 43.19
CA ALA F 306 13.29 -26.40 43.59
C ALA F 306 11.99 -25.76 44.05
N ALA F 307 10.87 -26.09 43.40
CA ALA F 307 9.59 -25.50 43.77
C ALA F 307 9.12 -26.00 45.14
N HIS F 308 9.26 -27.30 45.40
CA HIS F 308 9.01 -27.82 46.75
C HIS F 308 9.82 -27.06 47.78
N ALA F 309 11.12 -26.87 47.50
CA ALA F 309 11.98 -26.14 48.43
C ALA F 309 11.51 -24.70 48.60
N VAL F 310 11.07 -24.07 47.51
CA VAL F 310 10.66 -22.67 47.58
C VAL F 310 9.42 -22.51 48.45
N LEU F 311 8.46 -23.42 48.30
CA LEU F 311 7.30 -23.41 49.19
C LEU F 311 7.72 -23.56 50.64
N ASN F 312 8.59 -24.54 50.94
CA ASN F 312 9.05 -24.72 52.30
C ASN F 312 9.78 -23.47 52.83
N ILE F 313 10.55 -22.80 51.97
CA ILE F 313 11.28 -21.62 52.39
C ILE F 313 10.32 -20.48 52.70
N ILE F 314 9.33 -20.28 51.83
CA ILE F 314 8.35 -19.22 52.06
C ILE F 314 7.62 -19.45 53.37
N ASP F 315 7.35 -20.71 53.70
CA ASP F 315 6.67 -21.02 54.96
C ASP F 315 7.59 -20.79 56.16
N LYS F 316 8.74 -21.48 56.18
CA LYS F 316 9.57 -21.52 57.38
C LYS F 316 10.23 -20.19 57.68
N GLU F 317 10.44 -19.35 56.67
CA GLU F 317 11.09 -18.06 56.84
C GLU F 317 10.10 -16.91 56.84
N SER F 318 8.80 -17.21 56.77
CA SER F 318 7.73 -16.21 56.84
C SER F 318 7.94 -15.10 55.80
N LEU F 319 8.05 -15.51 54.54
CA LEU F 319 8.42 -14.56 53.50
C LEU F 319 7.29 -13.62 53.13
N CYS F 320 6.03 -13.98 53.41
CA CYS F 320 4.93 -13.05 53.14
C CYS F 320 4.98 -11.84 54.07
N GLU F 321 5.11 -12.13 55.36
CA GLU F 321 5.22 -11.07 56.38
C GLU F 321 6.45 -10.23 56.08
N ARG F 322 7.57 -10.86 55.74
CA ARG F 322 8.79 -10.14 55.44
C ARG F 322 8.63 -9.27 54.20
N ALA F 323 7.87 -9.74 53.22
CA ALA F 323 7.58 -8.91 52.05
C ALA F 323 6.83 -7.66 52.46
N ASN F 324 5.83 -7.82 53.33
CA ASN F 324 5.09 -6.66 53.82
C ASN F 324 6.01 -5.68 54.56
N GLN F 325 6.86 -6.20 55.45
CA GLN F 325 7.75 -5.35 56.22
C GLN F 325 8.71 -4.57 55.32
N LEU F 326 9.35 -5.27 54.39
CA LEU F 326 10.32 -4.62 53.51
C LEU F 326 9.65 -3.63 52.58
N GLY F 327 8.43 -3.94 52.11
CA GLY F 327 7.71 -2.99 51.30
C GLY F 327 7.37 -1.73 52.06
N GLN F 328 6.98 -1.88 53.33
CA GLN F 328 6.66 -0.69 54.15
C GLN F 328 7.94 0.14 54.38
N ARG F 329 9.07 -0.51 54.61
CA ARG F 329 10.33 0.23 54.85
C ARG F 329 10.75 1.00 53.60
N LEU F 330 10.59 0.40 52.43
CA LEU F 330 10.96 1.07 51.17
C LEU F 330 9.97 2.20 50.88
N LYS F 331 8.69 1.97 51.12
CA LYS F 331 7.74 3.07 50.92
C LYS F 331 8.07 4.24 51.83
N ASN F 332 8.38 3.97 53.10
CA ASN F 332 8.81 5.04 54.00
C ASN F 332 9.99 5.80 53.41
N THR F 333 10.96 5.07 52.87
CA THR F 333 12.13 5.73 52.28
C THR F 333 11.73 6.59 51.08
N LEU F 334 10.81 6.10 50.26
CA LEU F 334 10.45 6.82 49.04
C LEU F 334 9.56 8.03 49.34
N ILE F 335 8.64 7.89 50.29
CA ILE F 335 7.75 9.01 50.63
C ILE F 335 8.56 10.14 51.27
N ASP F 336 9.47 9.79 52.18
CA ASP F 336 10.29 10.81 52.83
C ASP F 336 11.16 11.54 51.82
N ALA F 337 11.51 10.88 50.72
CA ALA F 337 12.29 11.48 49.64
C ALA F 337 11.42 12.28 48.68
N LYS F 338 10.11 12.10 48.71
CA LYS F 338 9.21 12.91 47.89
C LYS F 338 9.33 14.39 48.23
N GLU F 339 9.79 14.74 49.44
CA GLU F 339 9.88 16.12 49.86
C GLU F 339 11.04 16.85 49.17
N SER F 340 12.16 16.16 48.96
CA SER F 340 13.30 16.76 48.27
C SER F 340 13.38 16.35 46.80
N VAL F 341 12.67 15.31 46.39
CA VAL F 341 12.64 14.88 44.99
C VAL F 341 11.27 15.20 44.39
N PRO F 342 11.10 16.35 43.73
CA PRO F 342 9.80 16.65 43.13
C PRO F 342 9.46 15.75 41.97
N ALA F 343 10.46 15.11 41.36
CA ALA F 343 10.23 14.19 40.26
C ALA F 343 9.40 12.98 40.66
N ILE F 344 9.43 12.60 41.94
CA ILE F 344 8.59 11.49 42.40
C ILE F 344 7.13 11.89 42.22
N ALA F 345 6.49 11.28 41.24
CA ALA F 345 5.06 11.51 40.99
C ALA F 345 4.17 10.46 41.63
N ALA F 346 4.65 9.22 41.79
CA ALA F 346 3.81 8.23 42.46
C ALA F 346 4.67 7.14 43.09
N VAL F 347 4.16 6.55 44.16
CA VAL F 347 4.77 5.40 44.81
C VAL F 347 3.65 4.37 45.02
N ARG F 348 3.65 3.31 44.23
CA ARG F 348 2.55 2.36 44.26
C ARG F 348 3.08 0.93 44.44
N GLY F 349 2.16 -0.01 44.59
CA GLY F 349 2.50 -1.40 44.66
C GLY F 349 1.74 -2.11 45.77
N LEU F 350 2.17 -3.34 46.03
CA LEU F 350 1.53 -4.22 46.99
C LEU F 350 2.59 -5.14 47.60
N GLY F 351 2.68 -5.16 48.93
CA GLY F 351 3.68 -5.99 49.59
C GLY F 351 5.08 -5.53 49.23
N SER F 352 5.91 -6.47 48.78
CA SER F 352 7.25 -6.16 48.29
C SER F 352 7.29 -6.03 46.78
N MET F 353 6.14 -5.78 46.16
CA MET F 353 6.02 -5.49 44.74
C MET F 353 5.74 -3.99 44.63
N ILE F 354 6.79 -3.19 44.72
CA ILE F 354 6.68 -1.74 44.86
C ILE F 354 7.43 -1.06 43.72
N ALA F 355 6.85 0.03 43.23
CA ALA F 355 7.42 0.81 42.14
C ALA F 355 7.25 2.30 42.42
N VAL F 356 8.14 3.09 41.85
CA VAL F 356 8.11 4.54 41.96
C VAL F 356 8.14 5.13 40.56
N GLU F 357 7.15 5.98 40.25
CA GLU F 357 7.00 6.59 38.95
C GLU F 357 7.41 8.06 39.01
N PHE F 358 8.32 8.44 38.12
CA PHE F 358 8.90 9.78 38.05
C PHE F 358 8.29 10.55 36.89
N ASN F 359 7.83 11.77 37.18
CA ASN F 359 7.49 12.76 36.16
C ASN F 359 8.49 13.90 36.20
N ASP F 360 8.59 14.62 35.10
CA ASP F 360 9.46 15.80 35.04
C ASP F 360 8.88 16.90 35.94
N PRO F 361 9.64 17.41 36.91
CA PRO F 361 9.07 18.40 37.84
C PRO F 361 8.90 19.78 37.24
N GLN F 362 9.41 20.00 36.04
CA GLN F 362 9.31 21.30 35.39
C GLN F 362 8.25 21.36 34.30
N THR F 363 7.63 20.22 33.94
CA THR F 363 6.54 20.21 32.97
C THR F 363 5.39 19.29 33.34
N GLY F 364 5.60 18.24 34.12
CA GLY F 364 4.54 17.30 34.41
C GLY F 364 4.44 16.12 33.45
N GLU F 365 5.37 15.99 32.52
CA GLU F 365 5.44 14.97 31.48
C GLU F 365 6.18 13.74 32.01
N PRO F 366 5.74 12.52 31.63
CA PRO F 366 6.48 11.31 32.02
C PRO F 366 7.91 11.37 31.54
N SER F 367 8.84 11.16 32.47
CA SER F 367 10.27 11.31 32.21
C SER F 367 10.97 9.97 32.40
N ALA F 368 11.29 9.30 31.28
CA ALA F 368 12.15 8.13 31.33
C ALA F 368 13.61 8.51 31.58
N ALA F 369 13.99 9.74 31.24
CA ALA F 369 15.38 10.16 31.40
C ALA F 369 15.75 10.31 32.87
N ILE F 370 14.85 10.90 33.67
CA ILE F 370 15.12 11.02 35.10
C ILE F 370 15.21 9.64 35.75
N ALA F 371 14.30 8.74 35.36
CA ALA F 371 14.34 7.37 35.88
C ALA F 371 15.66 6.69 35.52
N GLN F 372 16.14 6.87 34.29
CA GLN F 372 17.39 6.23 33.89
C GLN F 372 18.59 6.87 34.58
N LYS F 373 18.55 8.19 34.81
CA LYS F 373 19.62 8.83 35.56
C LYS F 373 19.70 8.27 36.98
N ILE F 374 18.55 8.11 37.63
CA ILE F 374 18.55 7.51 38.97
C ILE F 374 19.04 6.06 38.91
N GLN F 375 18.65 5.33 37.86
CA GLN F 375 19.07 3.94 37.72
C GLN F 375 20.59 3.84 37.62
N GLN F 376 21.20 4.63 36.73
CA GLN F 376 22.65 4.58 36.58
C GLN F 376 23.37 5.14 37.80
N ARG F 377 22.81 6.18 38.42
CA ARG F 377 23.38 6.72 39.65
C ARG F 377 23.45 5.66 40.73
N ALA F 378 22.39 4.86 40.88
CA ALA F 378 22.40 3.79 41.87
C ALA F 378 23.29 2.64 41.44
N LEU F 379 23.38 2.37 40.13
CA LEU F 379 24.24 1.29 39.66
C LEU F 379 25.71 1.59 39.93
N ALA F 380 26.09 2.87 39.79
CA ALA F 380 27.47 3.26 40.05
C ALA F 380 27.86 3.01 41.50
N GLN F 381 26.85 2.97 42.37
CA GLN F 381 27.04 2.73 43.82
C GLN F 381 26.85 1.26 44.15
N GLY F 382 26.66 0.41 43.17
CA GLY F 382 26.51 -1.01 43.40
C GLY F 382 25.12 -1.50 43.72
N LEU F 383 24.09 -0.78 43.28
CA LEU F 383 22.70 -1.19 43.47
C LEU F 383 22.05 -1.34 42.10
N LEU F 384 21.49 -2.51 41.83
CA LEU F 384 20.96 -2.87 40.52
C LEU F 384 19.45 -2.76 40.53
N LEU F 385 18.91 -1.75 39.84
CA LEU F 385 17.48 -1.51 39.74
C LEU F 385 16.98 -1.83 38.33
N LEU F 386 15.67 -2.05 38.23
CA LEU F 386 15.00 -2.31 36.97
C LEU F 386 14.02 -1.20 36.65
N THR F 387 13.84 -0.95 35.35
CA THR F 387 12.85 0.00 34.86
C THR F 387 11.64 -0.75 34.30
N CYS F 388 10.56 0.00 34.14
CA CYS F 388 9.33 -0.51 33.54
C CYS F 388 8.39 0.68 33.34
N GLY F 389 7.16 0.37 32.94
CA GLY F 389 6.15 1.36 32.66
C GLY F 389 5.89 1.49 31.17
N ALA F 390 4.76 2.12 30.85
CA ALA F 390 4.44 2.36 29.44
C ALA F 390 5.45 3.28 28.79
N TYR F 391 5.97 4.26 29.54
CA TYR F 391 6.92 5.22 29.00
C TYR F 391 8.33 4.99 29.54
N GLY F 392 8.58 3.87 30.23
CA GLY F 392 9.90 3.59 30.76
C GLY F 392 10.34 4.54 31.85
N ASN F 393 9.41 5.09 32.61
CA ASN F 393 9.70 6.08 33.65
C ASN F 393 9.47 5.54 35.05
N VAL F 394 9.32 4.23 35.21
CA VAL F 394 9.01 3.63 36.50
C VAL F 394 10.19 2.78 36.95
N ILE F 395 10.56 2.91 38.22
CA ILE F 395 11.58 2.07 38.85
C ILE F 395 10.87 0.99 39.65
N ARG F 396 11.19 -0.27 39.36
CA ARG F 396 10.68 -1.42 40.11
C ARG F 396 11.69 -1.81 41.18
N PHE F 397 11.20 -2.26 42.34
CA PHE F 397 12.07 -2.77 43.39
C PHE F 397 11.75 -4.25 43.61
N LEU F 398 12.59 -5.11 43.02
CA LEU F 398 12.38 -6.55 43.07
C LEU F 398 13.54 -7.25 43.78
N TYR F 399 13.90 -6.74 44.96
CA TYR F 399 14.88 -7.41 45.80
C TYR F 399 14.37 -8.80 46.19
N PRO F 400 15.28 -9.75 46.43
CA PRO F 400 14.84 -11.03 47.01
C PRO F 400 14.22 -10.80 48.38
N LEU F 401 13.18 -11.60 48.68
CA LEU F 401 12.52 -11.47 49.97
C LEU F 401 13.42 -11.92 51.12
N THR F 402 14.46 -12.70 50.83
CA THR F 402 15.37 -13.20 51.85
C THR F 402 16.54 -12.26 52.11
N ILE F 403 16.50 -11.05 51.56
CA ILE F 403 17.64 -10.13 51.70
C ILE F 403 17.84 -9.79 53.17
N PRO F 404 19.07 -9.73 53.67
CA PRO F 404 19.28 -9.37 55.07
C PRO F 404 18.97 -7.89 55.31
N ASP F 405 18.67 -7.58 56.58
CA ASP F 405 18.26 -6.22 56.92
C ASP F 405 19.37 -5.21 56.68
N ALA F 406 20.61 -5.56 57.04
CA ALA F 406 21.72 -4.62 56.87
C ALA F 406 21.93 -4.29 55.39
N GLN F 407 21.82 -5.29 54.52
CA GLN F 407 21.97 -5.04 53.10
C GLN F 407 20.82 -4.20 52.57
N PHE F 408 19.61 -4.45 53.06
CA PHE F 408 18.45 -3.64 52.66
C PHE F 408 18.63 -2.19 53.08
N ASP F 409 19.21 -1.96 54.26
CA ASP F 409 19.40 -0.59 54.73
C ASP F 409 20.51 0.10 53.93
N ALA F 410 21.58 -0.62 53.63
CA ALA F 410 22.59 -0.07 52.71
C ALA F 410 21.96 0.30 51.38
N ALA F 411 21.07 -0.55 50.88
CA ALA F 411 20.38 -0.26 49.62
C ALA F 411 19.48 0.97 49.76
N MET F 412 18.83 1.14 50.91
CA MET F 412 17.99 2.31 51.11
C MET F 412 18.82 3.58 51.12
N LYS F 413 20.02 3.50 51.71
CA LYS F 413 20.99 4.61 51.77
C LYS F 413 21.37 4.97 50.34
N ILE F 414 21.67 3.97 49.54
CA ILE F 414 22.09 4.16 48.15
C ILE F 414 20.96 4.75 47.33
N LEU F 415 19.73 4.29 47.57
CA LEU F 415 18.57 4.80 46.85
C LEU F 415 18.31 6.26 47.19
N GLN F 416 18.40 6.62 48.47
CA GLN F 416 18.25 8.01 48.86
C GLN F 416 19.28 8.90 48.20
N ASP F 417 20.53 8.45 48.16
CA ASP F 417 21.57 9.25 47.51
C ASP F 417 21.38 9.33 46.00
N ALA F 418 20.80 8.28 45.39
CA ALA F 418 20.59 8.28 43.96
C ALA F 418 19.36 9.06 43.54
N LEU F 419 18.41 9.27 44.45
CA LEU F 419 17.22 10.05 44.10
C LEU F 419 17.56 11.52 43.94
N SER F 420 18.47 11.99 44.77
CA SER F 420 18.86 13.41 44.73
C SER F 420 20.02 13.60 43.76
N ASP F 421 20.27 14.84 43.37
CA ASP F 421 21.42 15.13 42.48
C ASP F 421 22.63 15.45 43.36
#